data_6U9G
#
_entry.id   6U9G
#
_cell.length_a   1.00
_cell.length_b   1.00
_cell.length_c   1.00
_cell.angle_alpha   90.00
_cell.angle_beta   90.00
_cell.angle_gamma   90.00
#
_symmetry.space_group_name_H-M   'P 1'
#
loop_
_entity.id
_entity.type
_entity.pdbx_description
1 polymer PdpA
2 polymer VgrG
#
loop_
_entity_poly.entity_id
_entity_poly.type
_entity_poly.pdbx_seq_one_letter_code
_entity_poly.pdbx_strand_id
1 'polypeptide(L)'
;MIAVKDITDLNIQDIISQLTSEVINGDTTPSSAKFACEINSYIINYNLSNINLINTQLKNTKILYRKGLISKLDYEKYKR
YCIISRFKNNIDEFILYFSTNYKDSQSLKIAIKELQNSCSSSLILELPHDYIRKIDVLLTSIDSAIQRSSDLNKTIIKQL
NKLRSSLSRYIGYNNVLQKQEITINIKPINKNFELEDISFVSTRNKQYFKHNSLTLKNPHIEKLEVCENIYGINGWLTFD
LAYINNHKDFNFLLSPNQPILLDIQINDSFNFYKKESKKDHHKRTTRFIAIGFNSNSIDIHENFEYSIYSYTKNVSSGVK
KFKIQFHDPLKALWTKHKPSYIALNKSLDDIFKDNFFFDSLFSLDTNKSNNLKIRIPQAFISTVNRNFYDFFIQQLEQNK
CYLKYFCDKKSGKVSYHVVDQVDNDLQRNIVNSDEDLKDKLSPYDISCFKKQILISNKSNFYVKEKNICPDVTLNTQRKE
DRKISDTLVKPFSSILKDNLQSVEYIQSNNDDKQEIITTGFEILLTSRNTLPFLDTEITLSKLDNDQNYLLGATDIKSLY
ISQRKLLFKRSKYCSKQLYENLHNFHYKSDSESDVYEKIAFTKYPSLTHDNSITYKIKDYSNLTPEYPKYKSFSNFYING
RITIGENVNNDSKKAYKFFKNHKPEESSIAEFQENGEKGTSAILNSKADILYAIEIAKEMLSDKSSDKPIIYLPLKVNIN
SANNQFIPLRNDDIILIEIQSFTKGEIIELISNSAISTKKAQQQLLQRQLLGSKENCEMAYTQTSDSETFSLTQVNEDCE
NSFLINDKKGIFLRYKSKGN
;
A,C,E
2 'polypeptide(L)'
;MDYKDDDDKDYKDDDDKDYKDDDDKGSKADHIFNLEEQGLLIDIKDDSKGCTTKLESSGKITHNATESIESSADKQIIEN
VKDSKISITEKEILLATKKSSIMLSEDKIVIKIGNSLIILDDSNISLESATINIKSSANINIQASQNIDIKSLNNSIKAD
VNLNAEGLDVNIKGSVTASIKGSAATMVG
;
B,D,F
#
# COMPACT_ATOMS: atom_id res chain seq x y z
N TYR A 78 -52.34 -58.58 -14.72
CA TYR A 78 -51.37 -59.53 -15.25
C TYR A 78 -51.00 -59.17 -16.69
N LYS A 79 -51.58 -59.90 -17.63
CA LYS A 79 -51.40 -59.61 -19.05
C LYS A 79 -52.42 -58.64 -19.60
N ARG A 80 -53.40 -58.24 -18.78
CA ARG A 80 -54.43 -57.28 -19.22
C ARG A 80 -53.92 -55.85 -19.22
N TYR A 81 -52.76 -55.58 -18.62
CA TYR A 81 -52.20 -54.24 -18.65
C TYR A 81 -51.70 -53.89 -20.05
N CYS A 82 -51.28 -54.89 -20.82
CA CYS A 82 -50.90 -54.64 -22.21
C CYS A 82 -52.11 -54.66 -23.13
N ILE A 83 -53.17 -55.39 -22.75
CA ILE A 83 -54.37 -55.44 -23.57
C ILE A 83 -55.17 -54.15 -23.47
N ILE A 84 -55.36 -53.65 -22.25
CA ILE A 84 -56.11 -52.41 -22.06
C ILE A 84 -55.36 -51.21 -22.61
N SER A 85 -54.02 -51.24 -22.60
CA SER A 85 -53.25 -50.23 -23.29
C SER A 85 -53.42 -50.35 -24.80
N ARG A 86 -53.53 -51.58 -25.31
CA ARG A 86 -53.84 -51.77 -26.72
C ARG A 86 -55.32 -51.52 -26.99
N PHE A 87 -56.17 -51.62 -25.96
CA PHE A 87 -57.57 -51.26 -26.13
C PHE A 87 -57.75 -49.75 -26.12
N LYS A 88 -56.95 -49.04 -25.33
CA LYS A 88 -56.98 -47.59 -25.37
C LYS A 88 -56.29 -47.06 -26.62
N ASN A 89 -55.39 -47.85 -27.21
CA ASN A 89 -54.73 -47.42 -28.44
C ASN A 89 -55.70 -47.46 -29.62
N ASN A 90 -56.60 -48.44 -29.65
CA ASN A 90 -57.59 -48.51 -30.72
C ASN A 90 -58.76 -47.56 -30.47
N ILE A 91 -59.01 -47.20 -29.21
CA ILE A 91 -60.11 -46.30 -28.87
C ILE A 91 -59.73 -44.84 -28.99
N ASP A 92 -58.45 -44.50 -28.83
CA ASP A 92 -58.00 -43.12 -29.04
C ASP A 92 -57.95 -42.75 -30.51
N GLU A 93 -57.97 -43.73 -31.42
CA GLU A 93 -58.05 -43.48 -32.85
C GLU A 93 -59.46 -43.14 -33.32
N PHE A 94 -60.45 -43.15 -32.42
CA PHE A 94 -61.83 -42.88 -32.82
C PHE A 94 -62.06 -41.40 -33.12
N ILE A 95 -61.17 -40.52 -32.70
CA ILE A 95 -61.30 -39.10 -33.01
C ILE A 95 -60.04 -38.58 -33.67
N SER A 105 -63.74 -32.46 -21.43
CA SER A 105 -64.78 -33.18 -22.14
C SER A 105 -64.43 -34.66 -22.24
N GLN A 106 -64.74 -35.27 -23.40
CA GLN A 106 -64.38 -36.67 -23.62
C GLN A 106 -62.89 -36.85 -23.77
N SER A 107 -62.20 -35.85 -24.33
CA SER A 107 -60.74 -35.91 -24.45
C SER A 107 -60.05 -35.72 -23.10
N LEU A 108 -60.73 -35.10 -22.13
CA LEU A 108 -60.15 -34.96 -20.80
C LEU A 108 -60.08 -36.31 -20.09
N LYS A 109 -61.07 -37.18 -20.31
CA LYS A 109 -60.96 -38.54 -19.83
C LYS A 109 -59.94 -39.33 -20.64
N ILE A 110 -59.72 -38.95 -21.90
CA ILE A 110 -58.67 -39.57 -22.69
C ILE A 110 -57.29 -39.10 -22.22
N ALA A 111 -57.22 -37.93 -21.60
CA ALA A 111 -55.95 -37.44 -21.05
C ALA A 111 -55.53 -38.26 -19.84
N ILE A 112 -56.49 -38.85 -19.13
CA ILE A 112 -56.15 -39.76 -18.03
C ILE A 112 -55.56 -41.06 -18.55
N LYS A 113 -56.01 -41.51 -19.73
CA LYS A 113 -55.45 -42.71 -20.32
C LYS A 113 -54.08 -42.46 -20.92
N GLU A 114 -53.83 -41.24 -21.40
CA GLU A 114 -52.58 -40.93 -22.05
C GLU A 114 -51.48 -40.50 -21.07
N LEU A 115 -51.83 -40.30 -19.81
CA LEU A 115 -50.86 -39.80 -18.84
C LEU A 115 -50.69 -40.78 -17.68
N GLN A 116 -49.98 -40.33 -16.63
CA GLN A 116 -49.65 -41.10 -15.42
C GLN A 116 -48.87 -42.36 -15.76
N ASN A 117 -47.67 -42.18 -16.30
CA ASN A 117 -46.81 -43.29 -16.65
C ASN A 117 -45.92 -43.65 -15.46
N SER A 118 -46.11 -44.86 -14.95
CA SER A 118 -45.28 -45.34 -13.84
C SER A 118 -44.36 -46.44 -14.34
N CYS A 119 -44.95 -47.47 -14.95
CA CYS A 119 -44.17 -48.54 -15.58
C CYS A 119 -44.67 -48.94 -16.96
N SER A 120 -45.86 -48.49 -17.39
CA SER A 120 -46.38 -48.88 -18.69
C SER A 120 -45.64 -48.22 -19.84
N SER A 121 -45.07 -47.03 -19.63
CA SER A 121 -44.22 -46.40 -20.64
C SER A 121 -42.75 -46.68 -20.40
N SER A 122 -42.44 -47.74 -19.67
CA SER A 122 -41.07 -48.24 -19.51
C SER A 122 -40.93 -49.69 -19.92
N LEU A 123 -41.91 -50.54 -19.60
CA LEU A 123 -41.88 -51.93 -20.04
C LEU A 123 -42.37 -52.09 -21.47
N ILE A 124 -43.09 -51.11 -22.00
CA ILE A 124 -43.61 -51.16 -23.35
C ILE A 124 -43.81 -49.77 -23.93
N HIS A 129 -44.25 -52.20 -27.48
CA HIS A 129 -42.86 -52.47 -27.82
C HIS A 129 -42.32 -51.39 -28.75
N ASP A 130 -41.55 -51.81 -29.76
CA ASP A 130 -40.90 -50.87 -30.67
C ASP A 130 -41.87 -50.20 -31.63
N TYR A 131 -43.07 -50.76 -31.81
CA TYR A 131 -44.11 -50.10 -32.60
C TYR A 131 -45.06 -49.28 -31.74
N ILE A 132 -45.00 -49.43 -30.42
CA ILE A 132 -45.88 -48.64 -29.54
C ILE A 132 -45.42 -47.20 -29.45
N ARG A 133 -44.14 -46.93 -29.73
CA ARG A 133 -43.63 -45.56 -29.72
C ARG A 133 -44.22 -44.75 -30.86
N LYS A 134 -44.22 -45.31 -32.08
CA LYS A 134 -44.85 -44.63 -33.20
C LYS A 134 -46.37 -44.70 -33.12
N ILE A 135 -46.91 -45.66 -32.35
CA ILE A 135 -48.34 -45.68 -32.11
C ILE A 135 -48.77 -44.52 -31.23
N ASP A 136 -47.87 -44.06 -30.35
CA ASP A 136 -48.16 -42.85 -29.58
C ASP A 136 -48.05 -41.61 -30.46
N VAL A 137 -47.19 -41.64 -31.49
CA VAL A 137 -47.07 -40.52 -32.40
C VAL A 137 -48.29 -40.41 -33.30
N LEU A 138 -48.96 -41.54 -33.55
CA LEU A 138 -50.17 -41.52 -34.36
C LEU A 138 -51.34 -40.91 -33.60
N LEU A 139 -51.29 -40.94 -32.27
CA LEU A 139 -52.40 -40.41 -31.48
C LEU A 139 -52.34 -38.89 -31.40
N THR A 140 -51.15 -38.33 -31.19
CA THR A 140 -51.02 -36.88 -31.03
C THR A 140 -51.20 -36.16 -32.37
N SER A 141 -50.76 -36.78 -33.47
CA SER A 141 -51.03 -36.22 -34.79
C SER A 141 -52.52 -36.28 -35.12
N ILE A 142 -53.21 -37.32 -34.66
CA ILE A 142 -54.67 -37.33 -34.76
C ILE A 142 -55.30 -36.34 -33.80
N ASP A 143 -54.65 -36.12 -32.65
CA ASP A 143 -55.11 -35.09 -31.72
C ASP A 143 -54.80 -33.69 -32.23
N SER A 144 -53.86 -33.56 -33.17
CA SER A 144 -53.55 -32.28 -33.78
C SER A 144 -54.61 -31.83 -34.78
N ALA A 145 -55.52 -32.71 -35.17
CA ALA A 145 -56.59 -32.35 -36.09
C ALA A 145 -57.75 -31.65 -35.42
N ILE A 146 -57.71 -31.48 -34.10
CA ILE A 146 -58.78 -30.82 -33.38
C ILE A 146 -58.74 -29.31 -33.59
N GLN A 159 -53.54 -26.47 -22.66
CA GLN A 159 -54.43 -27.36 -21.93
C GLN A 159 -53.71 -28.65 -21.52
N LEU A 160 -53.42 -29.49 -22.50
CA LEU A 160 -52.80 -30.79 -22.27
C LEU A 160 -51.59 -30.98 -23.17
N ASN A 161 -50.77 -29.93 -23.29
CA ASN A 161 -49.47 -30.05 -23.94
C ASN A 161 -48.37 -30.44 -22.97
N LYS A 162 -48.63 -30.36 -21.66
CA LYS A 162 -47.65 -30.79 -20.68
C LYS A 162 -47.53 -32.31 -20.64
N LEU A 163 -48.61 -33.03 -20.91
CA LEU A 163 -48.56 -34.49 -20.93
C LEU A 163 -47.78 -35.01 -22.13
N ARG A 164 -47.65 -34.20 -23.18
CA ARG A 164 -46.71 -34.52 -24.25
C ARG A 164 -45.28 -34.43 -23.76
N SER A 165 -44.97 -33.43 -22.94
CA SER A 165 -43.61 -33.24 -22.43
C SER A 165 -43.26 -34.31 -21.40
N SER A 166 -44.25 -34.84 -20.69
CA SER A 166 -44.00 -35.95 -19.78
C SER A 166 -43.62 -37.21 -20.55
N LEU A 167 -44.35 -37.50 -21.62
CA LEU A 167 -43.97 -38.61 -22.50
C LEU A 167 -42.73 -38.28 -23.31
N SER A 168 -42.39 -37.00 -23.48
CA SER A 168 -41.17 -36.65 -24.21
C SER A 168 -39.93 -36.99 -23.40
N ARG A 169 -39.94 -36.65 -22.10
CA ARG A 169 -38.84 -37.04 -21.22
C ARG A 169 -38.80 -38.55 -21.00
N TYR A 170 -39.91 -39.26 -21.19
CA TYR A 170 -39.87 -40.70 -21.25
C TYR A 170 -39.14 -41.17 -22.50
N ILE A 171 -39.72 -40.93 -23.68
CA ILE A 171 -39.04 -41.01 -24.98
C ILE A 171 -39.79 -40.21 -26.04
N GLY A 172 -39.07 -39.36 -26.77
CA GLY A 172 -39.53 -38.76 -28.03
C GLY A 172 -40.81 -37.95 -28.02
N TYR A 173 -41.84 -38.50 -28.69
CA TYR A 173 -43.19 -37.94 -28.80
C TYR A 173 -43.24 -36.56 -29.44
N ASN A 174 -42.22 -36.19 -30.20
CA ASN A 174 -42.11 -34.86 -30.80
C ASN A 174 -42.60 -34.89 -32.24
N ASN A 175 -42.40 -33.78 -32.94
CA ASN A 175 -42.72 -33.66 -34.35
C ASN A 175 -41.88 -32.52 -34.92
N VAL A 176 -41.27 -32.72 -36.09
CA VAL A 176 -41.42 -33.91 -36.94
C VAL A 176 -40.03 -34.57 -36.96
N LEU A 177 -39.37 -34.57 -35.80
CA LEU A 177 -38.00 -35.08 -35.68
C LEU A 177 -38.01 -36.59 -35.90
N GLN A 178 -37.63 -37.00 -37.11
CA GLN A 178 -37.64 -38.42 -37.43
C GLN A 178 -36.35 -39.11 -36.98
N LYS A 179 -35.21 -38.46 -37.19
CA LYS A 179 -33.93 -39.03 -36.83
C LYS A 179 -33.09 -37.98 -36.13
N GLN A 180 -32.30 -38.42 -35.15
CA GLN A 180 -31.40 -37.53 -34.43
C GLN A 180 -30.17 -38.35 -34.01
N GLU A 181 -29.12 -38.30 -34.83
CA GLU A 181 -27.88 -38.98 -34.52
C GLU A 181 -26.81 -37.95 -34.13
N ILE A 182 -26.36 -38.03 -32.88
CA ILE A 182 -25.33 -37.15 -32.35
C ILE A 182 -24.08 -37.99 -32.08
N THR A 183 -22.92 -37.42 -32.40
CA THR A 183 -21.67 -38.16 -32.32
C THR A 183 -20.63 -37.32 -31.60
N ILE A 184 -19.65 -38.00 -31.00
CA ILE A 184 -18.49 -37.36 -30.38
C ILE A 184 -17.25 -38.15 -30.78
N ASN A 185 -16.26 -37.45 -31.34
CA ASN A 185 -15.00 -38.06 -31.73
C ASN A 185 -13.91 -37.55 -30.79
N ILE A 186 -13.27 -38.48 -30.09
CA ILE A 186 -12.30 -38.17 -29.04
C ILE A 186 -10.91 -38.53 -29.53
N LYS A 187 -10.06 -37.54 -29.74
CA LYS A 187 -8.69 -37.80 -30.12
C LYS A 187 -7.73 -37.17 -29.13
N PRO A 188 -6.64 -37.84 -28.77
CA PRO A 188 -5.73 -37.31 -27.76
C PRO A 188 -4.79 -36.28 -28.39
N ILE A 189 -4.13 -35.52 -27.51
CA ILE A 189 -3.15 -34.52 -27.92
C ILE A 189 -1.85 -34.80 -27.19
N ASN A 190 -0.77 -34.92 -27.95
CA ASN A 190 0.50 -35.43 -27.45
C ASN A 190 1.32 -34.35 -26.76
N LYS A 191 2.60 -34.65 -26.55
CA LYS A 191 3.55 -33.70 -25.97
C LYS A 191 3.73 -32.46 -26.83
N ASN A 192 3.87 -32.64 -28.14
CA ASN A 192 4.18 -31.53 -29.05
C ASN A 192 2.93 -30.92 -29.66
N PHE A 193 1.77 -31.14 -29.03
CA PHE A 193 0.49 -30.50 -29.38
C PHE A 193 0.06 -30.83 -30.80
N GLU A 194 0.08 -32.13 -31.11
CA GLU A 194 -0.37 -32.67 -32.39
C GLU A 194 -1.40 -33.74 -32.10
N LEU A 195 -1.72 -34.58 -33.08
CA LEU A 195 -2.71 -35.62 -32.88
C LEU A 195 -2.09 -37.01 -33.04
N GLU A 196 -2.43 -37.91 -32.13
CA GLU A 196 -2.01 -39.29 -32.19
C GLU A 196 -3.03 -40.10 -32.98
N ASP A 197 -2.92 -41.42 -32.97
CA ASP A 197 -3.94 -42.32 -33.50
C ASP A 197 -4.35 -43.29 -32.42
N ILE A 198 -5.65 -43.37 -32.17
CA ILE A 198 -6.18 -44.28 -31.15
C ILE A 198 -6.22 -45.70 -31.71
N HIS A 211 -12.36 -46.48 -34.24
CA HIS A 211 -11.72 -45.98 -35.45
C HIS A 211 -11.08 -44.60 -35.21
N ASN A 212 -9.80 -44.63 -34.82
CA ASN A 212 -8.94 -43.46 -34.59
C ASN A 212 -9.45 -42.53 -33.49
N SER A 213 -10.42 -42.96 -32.70
CA SER A 213 -11.17 -42.11 -31.79
C SER A 213 -11.97 -43.00 -30.86
N LEU A 214 -12.91 -42.40 -30.12
CA LEU A 214 -13.93 -43.14 -29.37
C LEU A 214 -15.28 -42.59 -29.84
N THR A 215 -15.80 -43.17 -30.92
CA THR A 215 -17.03 -42.68 -31.52
C THR A 215 -18.23 -43.01 -30.66
N LEU A 216 -19.08 -42.02 -30.44
CA LEU A 216 -20.33 -42.21 -29.71
C LEU A 216 -21.48 -42.09 -30.69
N LYS A 217 -22.58 -42.76 -30.36
CA LYS A 217 -23.56 -43.22 -31.32
C LYS A 217 -24.96 -43.18 -30.71
N ASN A 218 -25.83 -44.10 -31.17
CA ASN A 218 -27.13 -44.45 -30.58
C ASN A 218 -26.91 -44.57 -29.08
N PRO A 219 -27.45 -43.61 -28.30
CA PRO A 219 -26.71 -43.06 -27.15
C PRO A 219 -26.07 -43.97 -26.12
N HIS A 220 -24.75 -43.86 -26.05
CA HIS A 220 -24.01 -44.13 -24.83
C HIS A 220 -23.94 -42.90 -23.93
N ILE A 221 -24.48 -41.78 -24.38
CA ILE A 221 -24.31 -40.49 -23.71
C ILE A 221 -25.52 -40.22 -22.82
N GLU A 222 -25.27 -39.97 -21.54
CA GLU A 222 -26.36 -39.63 -20.64
C GLU A 222 -26.77 -38.16 -20.78
N LYS A 223 -25.82 -37.26 -20.61
CA LYS A 223 -26.15 -35.85 -20.52
C LYS A 223 -24.98 -35.02 -21.04
N LEU A 224 -25.26 -34.06 -21.92
CA LEU A 224 -24.28 -33.09 -22.34
C LEU A 224 -24.90 -31.70 -22.27
N GLU A 225 -24.22 -30.79 -21.59
CA GLU A 225 -24.60 -29.39 -21.53
C GLU A 225 -23.66 -28.63 -22.44
N VAL A 226 -24.19 -27.81 -23.33
CA VAL A 226 -23.40 -26.92 -24.17
C VAL A 226 -24.06 -25.56 -24.17
N CYS A 227 -23.37 -24.55 -23.65
CA CYS A 227 -23.74 -23.17 -23.87
C CYS A 227 -22.61 -22.50 -24.63
N GLU A 228 -22.95 -21.54 -25.48
CA GLU A 228 -21.93 -20.87 -26.29
C GLU A 228 -22.27 -19.41 -26.50
N ASN A 229 -21.28 -18.56 -26.33
CA ASN A 229 -21.40 -17.15 -26.66
C ASN A 229 -20.89 -16.95 -28.09
N ILE A 230 -20.66 -15.70 -28.49
CA ILE A 230 -19.98 -15.45 -29.75
C ILE A 230 -18.54 -15.94 -29.68
N TYR A 231 -17.86 -15.66 -28.56
CA TYR A 231 -16.44 -15.93 -28.47
C TYR A 231 -16.12 -17.39 -28.17
N GLY A 232 -16.91 -18.06 -27.33
CA GLY A 232 -16.48 -19.35 -26.84
C GLY A 232 -17.61 -20.27 -26.44
N ILE A 233 -17.22 -21.46 -25.99
CA ILE A 233 -18.13 -22.53 -25.59
C ILE A 233 -17.75 -22.99 -24.19
N ASN A 234 -18.74 -23.11 -23.31
CA ASN A 234 -18.56 -23.81 -22.05
C ASN A 234 -19.46 -25.05 -22.04
N GLY A 235 -19.44 -25.78 -20.92
CA GLY A 235 -20.36 -26.89 -20.77
C GLY A 235 -19.75 -28.21 -20.34
N TRP A 236 -20.58 -29.18 -19.99
CA TRP A 236 -20.12 -30.46 -19.45
C TRP A 236 -20.62 -31.61 -20.32
N LEU A 237 -20.31 -32.84 -19.89
CA LEU A 237 -20.58 -34.05 -20.66
C LEU A 237 -20.65 -35.23 -19.71
N THR A 238 -21.47 -36.23 -20.04
CA THR A 238 -21.57 -37.45 -19.26
C THR A 238 -21.96 -38.60 -20.17
N PHE A 239 -21.10 -39.62 -20.27
CA PHE A 239 -21.36 -40.76 -21.14
C PHE A 239 -20.98 -42.04 -20.41
N ASP A 240 -21.11 -43.18 -21.10
CA ASP A 240 -20.93 -44.49 -20.51
C ASP A 240 -20.09 -45.37 -21.42
N LEU A 241 -19.34 -46.28 -20.80
CA LEU A 241 -18.54 -47.26 -21.52
C LEU A 241 -18.52 -48.56 -20.72
N ALA A 242 -18.00 -49.60 -21.36
CA ALA A 242 -17.84 -50.92 -20.73
C ALA A 242 -16.80 -51.70 -21.52
N TYR A 243 -15.80 -52.27 -20.85
CA TYR A 243 -15.71 -52.39 -19.39
C TYR A 243 -14.25 -52.32 -18.92
N ILE A 244 -14.02 -52.73 -17.68
CA ILE A 244 -12.70 -52.70 -17.06
C ILE A 244 -12.15 -54.11 -16.97
N ASN A 245 -10.85 -54.30 -17.21
CA ASN A 245 -9.87 -53.29 -17.61
C ASN A 245 -9.19 -53.66 -18.93
N ASN A 246 -8.90 -52.65 -19.75
CA ASN A 246 -8.25 -52.86 -21.05
C ASN A 246 -7.39 -51.66 -21.40
N HIS A 247 -6.38 -51.92 -22.24
CA HIS A 247 -5.38 -50.91 -22.57
C HIS A 247 -5.94 -49.81 -23.46
N LYS A 248 -7.06 -50.05 -24.13
CA LYS A 248 -7.56 -49.11 -25.12
C LYS A 248 -8.09 -47.82 -24.50
N ASP A 249 -8.43 -47.83 -23.22
CA ASP A 249 -9.03 -46.68 -22.56
C ASP A 249 -8.21 -46.17 -21.38
N PHE A 250 -6.94 -46.57 -21.30
CA PHE A 250 -6.07 -46.10 -20.23
C PHE A 250 -5.65 -44.66 -20.42
N ASN A 251 -5.00 -44.37 -21.55
CA ASN A 251 -4.34 -43.09 -21.75
C ASN A 251 -5.32 -41.93 -21.83
N PHE A 252 -6.50 -42.15 -22.40
CA PHE A 252 -7.50 -41.10 -22.53
C PHE A 252 -8.03 -40.57 -21.21
N LEU A 253 -8.70 -41.43 -20.46
CA LEU A 253 -9.60 -40.99 -19.39
C LEU A 253 -9.18 -41.48 -18.02
N LEU A 254 -7.91 -41.81 -17.83
CA LEU A 254 -7.41 -42.22 -16.53
C LEU A 254 -6.17 -41.43 -16.14
N SER A 255 -6.02 -40.22 -16.68
CA SER A 255 -4.88 -39.40 -16.38
C SER A 255 -5.28 -37.94 -16.50
N PRO A 256 -4.89 -37.08 -15.56
CA PRO A 256 -5.04 -35.64 -15.76
C PRO A 256 -3.94 -35.13 -16.68
N ASN A 257 -4.08 -33.85 -17.05
CA ASN A 257 -3.09 -33.10 -17.83
C ASN A 257 -2.80 -33.72 -19.19
N GLN A 258 -3.80 -34.33 -19.82
CA GLN A 258 -3.66 -34.73 -21.21
C GLN A 258 -4.82 -34.13 -22.01
N PRO A 259 -4.54 -33.27 -22.98
CA PRO A 259 -5.64 -32.63 -23.72
C PRO A 259 -6.35 -33.61 -24.64
N ILE A 260 -7.58 -33.25 -24.98
CA ILE A 260 -8.53 -34.12 -25.68
C ILE A 260 -9.32 -33.27 -26.66
N LEU A 261 -9.32 -33.65 -27.95
CA LEU A 261 -10.27 -33.05 -28.88
C LEU A 261 -11.63 -33.69 -28.74
N LEU A 262 -12.67 -32.87 -28.93
CA LEU A 262 -14.05 -33.33 -28.92
C LEU A 262 -14.74 -32.77 -30.15
N ASP A 263 -15.11 -33.65 -31.08
CA ASP A 263 -15.77 -33.26 -32.31
C ASP A 263 -17.22 -33.70 -32.25
N ILE A 264 -18.12 -32.74 -32.07
CA ILE A 264 -19.54 -33.01 -31.94
C ILE A 264 -20.21 -32.76 -33.27
N GLN A 265 -20.95 -33.75 -33.77
CA GLN A 265 -21.69 -33.62 -35.02
C GLN A 265 -23.13 -34.04 -34.77
N ILE A 266 -24.05 -33.10 -34.93
CA ILE A 266 -25.46 -33.28 -34.62
C ILE A 266 -26.24 -33.24 -35.91
N ASN A 267 -26.84 -34.35 -36.29
CA ASN A 267 -27.65 -34.44 -37.50
C ASN A 267 -29.11 -34.60 -37.13
N ASP A 268 -29.97 -33.79 -37.75
CA ASP A 268 -31.41 -33.90 -37.61
C ASP A 268 -32.03 -34.13 -38.97
N SER A 269 -33.26 -34.64 -38.99
CA SER A 269 -34.03 -34.79 -40.21
C SER A 269 -35.50 -34.60 -39.88
N PHE A 270 -36.17 -33.75 -40.65
CA PHE A 270 -37.56 -33.42 -40.37
C PHE A 270 -38.51 -34.29 -41.19
N HIS A 281 -39.12 -32.63 -46.10
CA HIS A 281 -38.17 -33.12 -45.10
C HIS A 281 -36.75 -32.78 -45.50
N HIS A 282 -36.04 -32.09 -44.60
CA HIS A 282 -34.69 -31.64 -44.89
C HIS A 282 -33.87 -31.65 -43.61
N LYS A 283 -32.56 -31.70 -43.78
CA LYS A 283 -31.62 -31.92 -42.69
C LYS A 283 -30.94 -30.62 -42.30
N ARG A 284 -30.61 -30.49 -41.01
CA ARG A 284 -29.86 -29.35 -40.50
C ARG A 284 -28.80 -29.83 -39.53
N THR A 285 -27.55 -29.44 -39.78
CA THR A 285 -26.39 -29.94 -39.07
C THR A 285 -25.79 -28.83 -38.24
N THR A 286 -25.51 -29.12 -36.98
CA THR A 286 -24.69 -28.25 -36.14
C THR A 286 -23.43 -29.00 -35.74
N ARG A 287 -22.34 -28.26 -35.55
CA ARG A 287 -21.06 -28.92 -35.32
C ARG A 287 -20.18 -28.08 -34.39
N PHE A 288 -19.64 -28.73 -33.37
CA PHE A 288 -18.82 -28.11 -32.35
C PHE A 288 -17.47 -28.81 -32.28
N ILE A 289 -16.43 -28.04 -31.97
CA ILE A 289 -15.09 -28.57 -31.72
C ILE A 289 -14.58 -27.94 -30.43
N ALA A 290 -14.11 -28.75 -29.50
CA ALA A 290 -13.74 -28.22 -28.20
C ALA A 290 -12.65 -29.08 -27.56
N ILE A 291 -11.80 -28.45 -26.75
CA ILE A 291 -10.76 -29.12 -26.01
C ILE A 291 -11.04 -28.98 -24.52
N GLY A 292 -11.07 -30.10 -23.81
CA GLY A 292 -11.20 -30.05 -22.37
C GLY A 292 -10.19 -30.89 -21.64
N PHE A 293 -9.30 -30.26 -20.88
CA PHE A 293 -8.44 -30.99 -19.97
C PHE A 293 -8.22 -30.17 -18.73
N ASN A 294 -8.14 -30.85 -17.60
CA ASN A 294 -8.16 -30.18 -16.30
C ASN A 294 -7.23 -30.91 -15.35
N SER A 295 -6.33 -30.17 -14.72
CA SER A 295 -5.54 -30.72 -13.63
C SER A 295 -6.42 -30.96 -12.42
N ASN A 296 -6.06 -32.01 -11.66
CA ASN A 296 -6.57 -32.28 -10.32
C ASN A 296 -8.07 -32.61 -10.31
N SER A 297 -8.58 -33.18 -11.40
CA SER A 297 -9.99 -33.55 -11.45
C SER A 297 -10.19 -34.68 -12.44
N ILE A 298 -10.59 -35.85 -11.95
CA ILE A 298 -11.14 -36.94 -12.76
C ILE A 298 -12.35 -37.47 -12.01
N ASP A 299 -13.47 -37.64 -12.72
CA ASP A 299 -14.70 -38.13 -12.14
C ASP A 299 -15.18 -39.36 -12.90
N ILE A 300 -15.14 -40.52 -12.24
CA ILE A 300 -15.55 -41.80 -12.82
C ILE A 300 -16.30 -42.58 -11.76
N HIS A 301 -17.52 -43.04 -12.07
CA HIS A 301 -18.36 -43.72 -11.11
C HIS A 301 -18.57 -45.18 -11.50
N GLU A 302 -19.04 -45.98 -10.53
CA GLU A 302 -19.32 -47.40 -10.73
C GLU A 302 -20.47 -47.79 -9.81
N ASN A 303 -20.64 -49.10 -9.62
CA ASN A 303 -21.50 -49.63 -8.57
C ASN A 303 -20.71 -50.60 -7.69
N GLY A 318 -20.42 -52.84 -13.69
CA GLY A 318 -19.38 -52.96 -14.70
C GLY A 318 -19.50 -51.94 -15.81
N VAL A 319 -20.24 -50.87 -15.55
CA VAL A 319 -20.45 -49.79 -16.50
C VAL A 319 -19.91 -48.51 -15.88
N LYS A 320 -18.98 -47.86 -16.58
CA LYS A 320 -18.18 -46.78 -16.03
C LYS A 320 -18.58 -45.44 -16.65
N LYS A 321 -19.07 -44.53 -15.82
CA LYS A 321 -19.38 -43.19 -16.27
C LYS A 321 -18.11 -42.37 -16.47
N PHE A 322 -18.26 -41.22 -17.11
CA PHE A 322 -17.19 -40.25 -17.31
C PHE A 322 -17.79 -38.86 -17.31
N LYS A 323 -17.00 -37.86 -16.90
CA LYS A 323 -17.44 -36.47 -16.87
C LYS A 323 -16.30 -35.58 -17.35
N ILE A 324 -16.55 -34.84 -18.43
CA ILE A 324 -15.55 -34.00 -19.09
C ILE A 324 -16.14 -32.61 -19.26
N GLN A 325 -15.30 -31.58 -19.11
CA GLN A 325 -15.75 -30.22 -19.38
C GLN A 325 -15.49 -29.83 -20.84
N PHE A 326 -16.03 -28.67 -21.21
CA PHE A 326 -15.88 -28.10 -22.54
C PHE A 326 -15.28 -26.71 -22.46
N HIS A 327 -14.31 -26.44 -23.33
CA HIS A 327 -13.87 -25.10 -23.64
C HIS A 327 -13.48 -25.04 -25.10
N ASP A 328 -13.63 -23.86 -25.70
CA ASP A 328 -13.05 -23.61 -27.01
C ASP A 328 -11.52 -23.68 -26.92
N PRO A 329 -10.85 -24.13 -27.98
CA PRO A 329 -9.42 -24.51 -27.84
C PRO A 329 -8.47 -23.37 -27.54
N LEU A 330 -8.84 -22.12 -27.84
CA LEU A 330 -7.95 -21.03 -27.49
C LEU A 330 -7.96 -20.79 -25.99
N LYS A 331 -9.07 -21.08 -25.32
CA LYS A 331 -9.13 -20.90 -23.87
C LYS A 331 -8.34 -21.98 -23.16
N ALA A 332 -8.79 -23.24 -23.26
CA ALA A 332 -8.31 -24.33 -22.43
C ALA A 332 -6.84 -24.65 -22.63
N LEU A 333 -6.26 -24.30 -23.77
CA LEU A 333 -4.82 -24.41 -23.93
C LEU A 333 -4.10 -23.26 -23.24
N TRP A 334 -4.52 -22.03 -23.50
CA TRP A 334 -3.88 -20.87 -22.87
C TRP A 334 -4.28 -20.65 -21.42
N THR A 335 -5.23 -21.40 -20.86
CA THR A 335 -5.53 -21.24 -19.44
C THR A 335 -4.37 -21.70 -18.57
N LYS A 336 -3.75 -22.80 -18.93
CA LYS A 336 -2.64 -23.34 -18.15
C LYS A 336 -1.30 -22.90 -18.74
N HIS A 337 -1.14 -21.57 -18.82
CA HIS A 337 0.03 -20.94 -19.41
C HIS A 337 0.16 -19.56 -18.80
N LYS A 338 1.24 -19.31 -18.06
CA LYS A 338 1.40 -18.07 -17.29
C LYS A 338 2.81 -17.50 -17.44
N PRO A 339 3.11 -16.81 -18.54
CA PRO A 339 4.39 -16.13 -18.66
C PRO A 339 4.30 -14.69 -18.18
N SER A 340 5.47 -14.09 -17.97
CA SER A 340 5.55 -12.66 -17.65
C SER A 340 6.93 -12.16 -18.05
N TYR A 341 6.99 -11.33 -19.08
CA TYR A 341 8.25 -10.80 -19.57
C TYR A 341 8.00 -9.40 -20.09
N ILE A 342 9.02 -8.79 -20.69
CA ILE A 342 8.95 -7.45 -21.25
C ILE A 342 9.38 -7.52 -22.71
N ALA A 343 8.54 -7.00 -23.60
CA ALA A 343 8.88 -6.92 -25.01
C ALA A 343 9.01 -5.46 -25.41
N LEU A 344 9.93 -5.19 -26.33
CA LEU A 344 10.24 -3.83 -26.74
C LEU A 344 10.06 -3.69 -28.24
N ASN A 345 9.37 -2.61 -28.64
CA ASN A 345 9.12 -2.24 -30.04
C ASN A 345 8.35 -3.32 -30.80
N LYS A 346 7.53 -4.10 -30.10
CA LYS A 346 6.67 -5.09 -30.73
C LYS A 346 5.23 -4.61 -30.69
N SER A 347 4.51 -4.87 -31.78
CA SER A 347 3.10 -4.57 -31.86
C SER A 347 2.31 -5.78 -31.38
N LEU A 348 0.99 -5.60 -31.22
CA LEU A 348 0.17 -6.61 -30.56
C LEU A 348 0.02 -7.87 -31.39
N ASP A 349 -0.24 -7.73 -32.69
CA ASP A 349 -0.29 -8.90 -33.57
C ASP A 349 1.07 -9.57 -33.68
N ASP A 350 2.16 -8.84 -33.39
CA ASP A 350 3.46 -9.48 -33.28
C ASP A 350 3.65 -10.12 -31.91
N ILE A 351 2.91 -9.67 -30.90
CA ILE A 351 3.04 -10.27 -29.57
C ILE A 351 2.29 -11.58 -29.49
N PHE A 352 1.02 -11.60 -29.93
CA PHE A 352 0.20 -12.78 -29.76
C PHE A 352 0.67 -13.94 -30.63
N LYS A 353 1.25 -13.64 -31.80
CA LYS A 353 1.75 -14.69 -32.66
C LYS A 353 3.07 -15.29 -32.14
N ASP A 354 3.73 -14.62 -31.19
CA ASP A 354 4.86 -15.26 -30.53
C ASP A 354 4.39 -16.35 -29.58
N ASN A 355 3.34 -16.09 -28.82
CA ASN A 355 2.84 -17.05 -27.84
C ASN A 355 1.86 -18.05 -28.43
N PHE A 356 1.62 -18.02 -29.74
CA PHE A 356 0.59 -18.85 -30.35
C PHE A 356 1.27 -20.09 -30.93
N PHE A 357 1.51 -21.08 -30.08
CA PHE A 357 2.24 -22.28 -30.45
C PHE A 357 1.26 -23.37 -30.89
N PHE A 358 0.35 -23.04 -31.80
CA PHE A 358 -0.70 -23.98 -32.18
C PHE A 358 -1.05 -23.74 -33.65
N ASP A 359 -0.45 -24.53 -34.54
CA ASP A 359 -0.81 -24.47 -35.94
C ASP A 359 -1.19 -25.82 -36.52
N SER A 360 -0.97 -26.91 -35.81
CA SER A 360 -1.46 -28.22 -36.22
C SER A 360 -2.87 -28.48 -35.73
N LEU A 361 -3.51 -27.50 -35.10
CA LEU A 361 -4.89 -27.63 -34.66
C LEU A 361 -5.82 -26.63 -35.31
N PHE A 362 -5.49 -25.34 -35.24
CA PHE A 362 -6.36 -24.29 -35.73
C PHE A 362 -5.51 -23.08 -36.07
N SER A 363 -6.16 -21.94 -36.29
CA SER A 363 -5.46 -20.69 -36.53
C SER A 363 -6.37 -19.55 -36.10
N LEU A 364 -5.80 -18.35 -36.03
CA LEU A 364 -6.57 -17.16 -35.72
C LEU A 364 -6.29 -16.08 -36.77
N ASP A 365 -7.35 -15.44 -37.25
CA ASP A 365 -7.25 -14.42 -38.28
C ASP A 365 -6.98 -13.07 -37.62
N THR A 366 -5.76 -12.55 -37.79
CA THR A 366 -5.46 -11.15 -37.50
C THR A 366 -4.83 -10.57 -38.75
N ASN A 367 -5.69 -10.17 -39.69
CA ASN A 367 -5.26 -9.49 -40.90
C ASN A 367 -6.23 -8.37 -41.26
N LYS A 368 -7.25 -8.13 -40.43
CA LYS A 368 -8.29 -7.17 -40.74
C LYS A 368 -8.40 -6.06 -39.71
N SER A 369 -7.63 -6.11 -38.62
CA SER A 369 -7.85 -5.19 -37.51
C SER A 369 -7.21 -3.83 -37.75
N ASN A 370 -5.87 -3.80 -37.90
CA ASN A 370 -5.05 -2.59 -38.02
C ASN A 370 -5.25 -1.60 -36.87
N ASN A 371 -5.61 -2.12 -35.70
CA ASN A 371 -5.33 -1.45 -34.43
C ASN A 371 -4.34 -2.22 -33.59
N LEU A 372 -4.23 -3.52 -33.83
CA LEU A 372 -3.32 -4.39 -33.10
C LEU A 372 -1.96 -4.49 -33.78
N LYS A 373 -1.65 -3.58 -34.69
CA LYS A 373 -0.36 -3.54 -35.37
C LYS A 373 0.40 -2.25 -35.08
N ILE A 374 -0.12 -1.39 -34.21
CA ILE A 374 0.59 -0.18 -33.81
C ILE A 374 1.76 -0.55 -32.91
N ARG A 375 2.95 -0.08 -33.27
CA ARG A 375 4.15 -0.39 -32.50
C ARG A 375 4.11 0.30 -31.15
N ILE A 376 4.06 -0.49 -30.08
CA ILE A 376 4.20 -0.02 -28.71
C ILE A 376 5.68 -0.03 -28.37
N PRO A 377 6.25 1.04 -27.82
CA PRO A 377 7.69 1.03 -27.55
C PRO A 377 8.08 0.16 -26.36
N GLN A 378 7.26 0.10 -25.31
CA GLN A 378 7.59 -0.64 -24.09
C GLN A 378 6.38 -1.45 -23.67
N ALA A 379 6.33 -2.72 -24.06
CA ALA A 379 5.23 -3.60 -23.72
C ALA A 379 5.58 -4.39 -22.46
N PHE A 380 4.81 -4.19 -21.40
CA PHE A 380 5.01 -4.91 -20.14
C PHE A 380 3.91 -5.96 -20.01
N ILE A 381 4.22 -7.20 -20.39
CA ILE A 381 3.27 -8.30 -20.26
C ILE A 381 3.34 -8.83 -18.84
N SER A 382 2.20 -8.86 -18.15
CA SER A 382 2.17 -9.20 -16.73
C SER A 382 0.98 -10.11 -16.43
N THR A 383 1.20 -11.42 -16.53
CA THR A 383 0.26 -12.40 -16.00
C THR A 383 0.87 -12.95 -14.71
N VAL A 384 0.82 -12.14 -13.66
CA VAL A 384 1.52 -12.48 -12.43
C VAL A 384 0.71 -13.47 -11.60
N ASN A 385 -0.46 -13.03 -11.14
CA ASN A 385 -1.35 -13.86 -10.34
C ASN A 385 -2.62 -14.22 -11.11
N ARG A 386 -2.51 -14.39 -12.42
CA ARG A 386 -3.69 -14.61 -13.23
C ARG A 386 -3.31 -15.41 -14.46
N ASN A 387 -4.32 -15.65 -15.29
CA ASN A 387 -4.20 -16.37 -16.55
C ASN A 387 -3.56 -15.48 -17.61
N PHE A 388 -3.05 -16.11 -18.69
CA PHE A 388 -2.66 -15.36 -19.88
C PHE A 388 -3.86 -15.08 -20.77
N TYR A 389 -4.86 -15.96 -20.75
CA TYR A 389 -6.06 -15.74 -21.55
C TYR A 389 -6.86 -14.55 -21.02
N ASP A 390 -6.71 -14.21 -19.74
CA ASP A 390 -7.27 -12.95 -19.26
C ASP A 390 -6.50 -11.76 -19.78
N PHE A 391 -5.17 -11.89 -19.97
CA PHE A 391 -4.41 -10.82 -20.59
C PHE A 391 -4.77 -10.68 -22.06
N PHE A 392 -5.12 -11.80 -22.71
CA PHE A 392 -5.52 -11.76 -24.11
C PHE A 392 -6.79 -10.96 -24.30
N ILE A 393 -7.66 -10.92 -23.30
CA ILE A 393 -8.95 -10.26 -23.44
C ILE A 393 -8.92 -8.85 -22.85
N GLN A 394 -8.09 -8.62 -21.81
CA GLN A 394 -8.07 -7.31 -21.16
C GLN A 394 -7.50 -6.25 -22.09
N GLN A 395 -6.45 -6.59 -22.84
CA GLN A 395 -5.97 -5.65 -23.84
C GLN A 395 -6.78 -5.77 -25.13
N LEU A 396 -7.68 -6.74 -25.22
CA LEU A 396 -8.59 -6.78 -26.36
C LEU A 396 -9.80 -5.88 -26.11
N GLU A 397 -10.18 -5.73 -24.84
CA GLU A 397 -11.29 -4.84 -24.51
C GLU A 397 -10.90 -3.38 -24.66
N GLN A 398 -9.66 -3.05 -24.30
CA GLN A 398 -9.18 -1.67 -24.41
C GLN A 398 -8.73 -1.29 -25.80
N ASN A 399 -9.00 -2.13 -26.80
CA ASN A 399 -8.90 -1.75 -28.19
C ASN A 399 -10.22 -1.93 -28.92
N LYS A 400 -11.25 -2.44 -28.23
CA LYS A 400 -12.64 -2.54 -28.69
C LYS A 400 -12.74 -3.38 -29.97
N CYS A 401 -12.42 -4.65 -29.82
CA CYS A 401 -12.42 -5.61 -30.92
C CYS A 401 -13.51 -6.65 -30.71
N TYR A 402 -13.64 -7.54 -31.68
CA TYR A 402 -14.53 -8.69 -31.60
C TYR A 402 -13.73 -9.99 -31.59
N LEU A 403 -14.33 -11.02 -31.04
CA LEU A 403 -13.91 -12.39 -31.29
C LEU A 403 -15.03 -13.15 -31.96
N LYS A 404 -14.66 -14.20 -32.68
CA LYS A 404 -15.62 -15.21 -33.12
C LYS A 404 -14.99 -16.58 -33.08
N TYR A 405 -15.59 -17.47 -32.30
CA TYR A 405 -15.40 -18.88 -32.54
C TYR A 405 -16.13 -19.26 -33.82
N PHE A 406 -15.48 -20.08 -34.65
CA PHE A 406 -16.12 -20.51 -35.89
C PHE A 406 -15.56 -21.84 -36.33
N CYS A 407 -16.44 -22.71 -36.80
CA CYS A 407 -16.06 -23.97 -37.42
C CYS A 407 -16.63 -24.02 -38.83
N ASP A 408 -15.88 -24.65 -39.74
CA ASP A 408 -16.48 -25.07 -40.99
C ASP A 408 -17.21 -26.39 -40.76
N LYS A 409 -18.45 -26.46 -41.23
CA LYS A 409 -19.19 -27.70 -41.10
C LYS A 409 -18.67 -28.79 -42.01
N LYS A 410 -18.01 -28.41 -43.11
CA LYS A 410 -17.52 -29.36 -44.12
C LYS A 410 -16.11 -28.95 -44.54
N SER A 411 -15.09 -29.44 -43.82
CA SER A 411 -15.18 -30.13 -42.55
C SER A 411 -14.48 -29.29 -41.49
N GLY A 412 -14.40 -29.80 -40.27
CA GLY A 412 -14.03 -29.01 -39.10
C GLY A 412 -12.65 -28.38 -39.07
N LYS A 413 -12.60 -27.06 -39.22
CA LYS A 413 -11.37 -26.29 -39.10
C LYS A 413 -11.69 -25.03 -38.30
N VAL A 414 -11.20 -24.97 -37.06
CA VAL A 414 -11.50 -23.85 -36.17
C VAL A 414 -10.71 -22.63 -36.61
N SER A 415 -11.36 -21.46 -36.59
CA SER A 415 -10.69 -20.22 -36.96
C SER A 415 -11.28 -19.07 -36.16
N TYR A 416 -10.40 -18.34 -35.46
CA TYR A 416 -10.78 -17.17 -34.70
C TYR A 416 -10.60 -15.90 -35.53
N HIS A 417 -11.50 -14.95 -35.36
CA HIS A 417 -11.50 -13.71 -36.13
C HIS A 417 -11.51 -12.52 -35.19
N VAL A 418 -10.63 -11.56 -35.45
CA VAL A 418 -10.58 -10.32 -34.68
C VAL A 418 -10.67 -9.18 -35.67
N VAL A 419 -11.83 -8.52 -35.74
CA VAL A 419 -12.05 -7.38 -36.61
C VAL A 419 -12.63 -6.26 -35.75
N ASP A 420 -12.17 -5.03 -35.98
CA ASP A 420 -12.62 -3.90 -35.16
C ASP A 420 -14.08 -3.56 -35.39
N GLN A 421 -14.60 -3.83 -36.57
CA GLN A 421 -16.00 -3.57 -36.87
C GLN A 421 -16.65 -4.82 -37.43
N VAL A 422 -17.86 -4.69 -37.98
CA VAL A 422 -18.52 -5.77 -38.68
C VAL A 422 -18.84 -5.30 -40.09
N ASP A 423 -18.49 -6.12 -41.07
CA ASP A 423 -18.58 -5.77 -42.48
C ASP A 423 -19.07 -7.01 -43.21
N ASN A 424 -18.95 -6.99 -44.54
CA ASN A 424 -19.17 -8.18 -45.33
C ASN A 424 -17.90 -9.00 -45.48
N ASP A 425 -16.77 -8.55 -44.96
CA ASP A 425 -15.53 -9.32 -45.03
C ASP A 425 -15.55 -10.48 -44.05
N LEU A 426 -16.14 -10.27 -42.88
CA LEU A 426 -16.45 -11.40 -42.00
C LEU A 426 -17.56 -12.25 -42.60
N GLN A 427 -18.69 -11.62 -42.96
CA GLN A 427 -19.92 -12.34 -43.22
C GLN A 427 -19.94 -13.06 -44.57
N ARG A 428 -18.92 -12.91 -45.41
CA ARG A 428 -18.64 -13.90 -46.43
C ARG A 428 -18.35 -15.25 -45.79
N ASN A 429 -17.52 -15.25 -44.76
CA ASN A 429 -17.06 -16.48 -44.12
C ASN A 429 -18.01 -16.97 -43.05
N ILE A 430 -19.16 -16.33 -42.85
CA ILE A 430 -20.09 -16.74 -41.80
C ILE A 430 -21.39 -17.12 -42.52
N VAL A 431 -21.27 -17.59 -43.76
CA VAL A 431 -22.43 -18.17 -44.43
C VAL A 431 -22.76 -19.50 -43.78
N ASN A 432 -24.02 -19.65 -43.35
CA ASN A 432 -24.49 -20.92 -42.84
C ASN A 432 -24.58 -21.92 -43.98
N SER A 433 -23.71 -22.94 -43.96
CA SER A 433 -23.59 -23.88 -45.07
C SER A 433 -24.75 -24.86 -45.01
N ASP A 434 -25.93 -24.37 -45.38
CA ASP A 434 -27.17 -25.13 -45.46
C ASP A 434 -27.95 -24.59 -46.65
N GLU A 435 -29.17 -25.09 -46.83
CA GLU A 435 -30.08 -24.55 -47.82
C GLU A 435 -31.46 -24.34 -47.20
N ASP A 436 -32.23 -23.47 -47.84
CA ASP A 436 -33.59 -23.08 -47.45
C ASP A 436 -33.60 -22.51 -46.02
N LEU A 437 -32.90 -21.39 -45.88
CA LEU A 437 -32.70 -20.71 -44.61
C LEU A 437 -33.52 -19.42 -44.63
N LYS A 438 -34.69 -19.45 -44.00
CA LYS A 438 -35.63 -18.35 -44.07
C LYS A 438 -35.55 -17.48 -42.83
N ASP A 439 -36.30 -16.39 -42.82
CA ASP A 439 -36.29 -15.42 -41.73
C ASP A 439 -37.71 -15.15 -41.24
N LYS A 440 -37.85 -14.09 -40.43
CA LYS A 440 -39.10 -13.37 -40.18
C LYS A 440 -40.14 -14.16 -39.39
N LEU A 441 -39.72 -15.24 -38.72
CA LEU A 441 -40.56 -16.10 -37.88
C LEU A 441 -41.74 -16.67 -38.67
N SER A 442 -41.42 -17.51 -39.65
CA SER A 442 -42.46 -18.18 -40.42
C SER A 442 -43.20 -19.18 -39.54
N PRO A 443 -44.53 -19.32 -39.70
CA PRO A 443 -45.33 -20.02 -38.68
C PRO A 443 -45.18 -21.54 -38.61
N TYR A 444 -43.94 -22.02 -38.64
CA TYR A 444 -43.56 -23.28 -38.03
C TYR A 444 -42.79 -23.06 -36.74
N ASP A 445 -42.31 -21.82 -36.53
CA ASP A 445 -41.62 -21.47 -35.30
C ASP A 445 -42.59 -21.41 -34.13
N ILE A 446 -43.76 -20.79 -34.35
CA ILE A 446 -44.77 -20.62 -33.31
C ILE A 446 -45.29 -21.98 -32.83
N SER A 447 -45.25 -22.99 -33.70
CA SER A 447 -45.54 -24.35 -33.27
C SER A 447 -44.49 -24.87 -32.29
N CYS A 448 -43.24 -24.43 -32.39
CA CYS A 448 -42.17 -24.92 -31.52
C CYS A 448 -41.66 -23.77 -30.64
N PHE A 449 -42.35 -23.56 -29.53
CA PHE A 449 -41.84 -22.73 -28.44
C PHE A 449 -42.26 -23.35 -27.12
N LYS A 450 -41.62 -22.91 -26.05
CA LYS A 450 -42.04 -23.34 -24.72
C LYS A 450 -42.31 -22.13 -23.83
N LYS A 451 -41.46 -21.10 -23.91
CA LYS A 451 -41.64 -19.88 -23.13
C LYS A 451 -41.12 -18.68 -23.92
N GLN A 452 -41.30 -17.50 -23.34
CA GLN A 452 -40.61 -16.28 -23.74
C GLN A 452 -40.26 -15.53 -22.46
N ILE A 453 -38.98 -15.20 -22.29
CA ILE A 453 -38.51 -14.56 -21.07
C ILE A 453 -37.82 -13.27 -21.46
N LEU A 454 -38.16 -12.17 -20.78
CA LEU A 454 -37.44 -10.93 -20.98
C LEU A 454 -36.27 -10.80 -20.02
N ILE A 455 -35.29 -10.02 -20.45
CA ILE A 455 -34.31 -9.35 -19.62
C ILE A 455 -34.60 -7.89 -20.00
N SER A 456 -33.83 -6.92 -19.50
CA SER A 456 -34.21 -5.52 -19.54
C SER A 456 -34.29 -4.96 -20.95
N ASN A 457 -34.94 -3.81 -21.05
CA ASN A 457 -35.43 -3.23 -22.28
C ASN A 457 -34.80 -1.85 -22.45
N LYS A 458 -34.99 -1.25 -23.62
CA LYS A 458 -34.48 0.09 -23.89
C LYS A 458 -35.20 1.10 -22.99
N SER A 459 -34.48 1.62 -22.01
CA SER A 459 -35.07 2.46 -20.99
C SER A 459 -35.26 3.89 -21.50
N ASN A 460 -35.73 4.76 -20.61
CA ASN A 460 -35.95 6.15 -20.98
C ASN A 460 -35.43 7.12 -19.92
N PHE A 461 -34.59 6.66 -19.01
CA PHE A 461 -33.99 7.53 -18.01
C PHE A 461 -32.57 7.08 -17.72
N TYR A 462 -31.70 8.07 -17.47
CA TYR A 462 -30.32 7.80 -17.09
C TYR A 462 -29.97 8.60 -15.85
N VAL A 463 -28.83 8.28 -15.27
CA VAL A 463 -28.29 8.99 -14.12
C VAL A 463 -27.18 9.90 -14.60
N LYS A 464 -27.21 11.16 -14.17
CA LYS A 464 -26.16 12.12 -14.52
C LYS A 464 -24.84 11.68 -13.91
N GLU A 465 -23.87 11.36 -14.75
CA GLU A 465 -22.57 10.88 -14.30
C GLU A 465 -21.53 11.94 -14.66
N LYS A 466 -20.97 12.57 -13.64
CA LYS A 466 -20.01 13.64 -13.85
C LYS A 466 -18.59 13.08 -13.74
N ASN A 467 -17.62 13.92 -14.10
CA ASN A 467 -16.23 13.48 -14.23
C ASN A 467 -15.34 14.58 -13.68
N ILE A 468 -14.62 14.28 -12.61
CA ILE A 468 -13.81 15.27 -11.91
C ILE A 468 -12.36 14.84 -11.96
N CYS A 469 -11.49 15.74 -12.42
CA CYS A 469 -10.04 15.59 -12.25
C CYS A 469 -9.61 16.56 -11.17
N PRO A 470 -9.50 16.14 -9.91
CA PRO A 470 -9.14 17.10 -8.85
C PRO A 470 -7.67 17.45 -8.90
N ASP A 471 -7.36 18.62 -9.45
CA ASP A 471 -5.98 19.05 -9.65
C ASP A 471 -5.90 20.55 -9.56
N VAL A 472 -4.99 21.03 -8.72
CA VAL A 472 -4.47 22.37 -8.90
C VAL A 472 -3.61 22.35 -10.16
N THR A 473 -3.59 23.49 -10.87
CA THR A 473 -2.82 23.74 -12.10
C THR A 473 -3.24 22.81 -13.24
N LEU A 474 -4.55 22.79 -13.49
CA LEU A 474 -5.13 22.41 -14.79
C LEU A 474 -6.20 23.47 -15.02
N ASN A 475 -5.82 24.54 -15.70
CA ASN A 475 -6.62 25.77 -15.69
C ASN A 475 -7.67 25.80 -16.79
N THR A 476 -8.46 24.72 -16.84
CA THR A 476 -9.64 24.59 -17.67
C THR A 476 -10.78 24.19 -16.75
N GLN A 477 -11.92 23.79 -17.30
CA GLN A 477 -12.97 23.23 -16.46
C GLN A 477 -12.51 21.89 -15.88
N ARG A 478 -12.93 21.63 -14.65
CA ARG A 478 -12.58 20.39 -13.98
C ARG A 478 -13.73 19.38 -14.09
N LYS A 479 -14.94 19.80 -13.75
CA LYS A 479 -16.11 18.96 -13.95
C LYS A 479 -16.55 19.00 -15.41
N GLU A 480 -16.69 17.82 -16.00
CA GLU A 480 -17.33 17.68 -17.31
C GLU A 480 -18.30 16.51 -17.25
N ASP A 481 -19.41 16.64 -17.96
CA ASP A 481 -20.43 15.62 -17.95
C ASP A 481 -20.13 14.58 -19.02
N ARG A 482 -20.48 13.32 -18.74
CA ARG A 482 -20.24 12.27 -19.71
C ARG A 482 -21.23 12.36 -20.86
N LYS A 483 -20.93 11.60 -21.92
CA LYS A 483 -21.66 11.69 -23.18
C LYS A 483 -22.32 10.36 -23.48
N ILE A 484 -23.56 10.41 -23.96
CA ILE A 484 -24.39 9.24 -24.19
C ILE A 484 -24.64 9.11 -25.69
N SER A 485 -24.41 7.91 -26.21
CA SER A 485 -24.64 7.65 -27.62
C SER A 485 -26.12 7.59 -28.00
N ASP A 486 -27.01 7.41 -27.02
CA ASP A 486 -28.43 7.19 -27.27
C ASP A 486 -29.23 8.38 -26.75
N THR A 487 -29.80 9.15 -27.66
CA THR A 487 -30.64 10.29 -27.30
C THR A 487 -32.07 9.82 -27.03
N LEU A 488 -33.00 10.79 -26.92
CA LEU A 488 -34.39 10.59 -26.47
C LEU A 488 -34.45 9.93 -25.09
N VAL A 489 -33.46 10.20 -24.24
CA VAL A 489 -33.40 9.66 -22.89
C VAL A 489 -33.19 10.84 -21.96
N LYS A 490 -34.01 10.93 -20.91
CA LYS A 490 -33.95 12.11 -20.07
C LYS A 490 -33.21 11.82 -18.76
N PRO A 491 -32.49 12.78 -18.21
CA PRO A 491 -31.80 12.55 -16.94
C PRO A 491 -32.76 12.59 -15.76
N PHE A 492 -32.29 12.06 -14.64
CA PHE A 492 -32.97 12.30 -13.38
C PHE A 492 -32.60 13.69 -12.87
N SER A 493 -33.23 14.09 -11.78
CA SER A 493 -33.00 15.39 -11.18
C SER A 493 -32.29 15.21 -9.85
N SER A 494 -31.13 15.86 -9.72
CA SER A 494 -30.35 15.98 -8.47
C SER A 494 -29.92 14.62 -7.92
N ILE A 495 -29.41 13.76 -8.81
CA ILE A 495 -28.71 12.55 -8.44
C ILE A 495 -27.46 12.44 -9.30
N LEU A 496 -26.31 12.22 -8.66
CA LEU A 496 -25.03 12.27 -9.32
C LEU A 496 -24.35 10.92 -9.26
N LYS A 497 -23.29 10.78 -10.07
CA LYS A 497 -22.30 9.72 -9.91
C LYS A 497 -20.95 10.36 -10.22
N ASP A 498 -20.15 10.57 -9.19
CA ASP A 498 -18.89 11.29 -9.32
C ASP A 498 -17.77 10.28 -9.55
N ASN A 499 -17.27 10.22 -10.77
CA ASN A 499 -16.21 9.30 -11.17
C ASN A 499 -14.90 10.06 -11.15
N LEU A 500 -14.17 9.95 -10.05
CA LEU A 500 -12.92 10.69 -9.89
C LEU A 500 -11.81 10.05 -10.71
N GLN A 501 -10.67 10.74 -10.76
CA GLN A 501 -9.43 10.16 -11.25
C GLN A 501 -8.37 10.37 -10.18
N SER A 502 -7.55 9.35 -9.95
CA SER A 502 -6.47 9.50 -9.00
C SER A 502 -5.39 10.42 -9.56
N VAL A 503 -4.58 10.97 -8.67
CA VAL A 503 -3.59 11.96 -9.05
C VAL A 503 -2.21 11.36 -8.85
N GLU A 504 -1.50 11.15 -9.94
CA GLU A 504 -0.13 10.68 -9.88
C GLU A 504 0.81 11.87 -9.71
N TYR A 505 2.11 11.56 -9.59
CA TYR A 505 3.11 12.63 -9.66
C TYR A 505 3.23 13.17 -11.06
N ILE A 506 2.94 12.35 -12.08
CA ILE A 506 3.01 12.77 -13.47
C ILE A 506 1.96 13.86 -13.71
N GLN A 507 2.26 14.75 -14.68
CA GLN A 507 1.26 15.59 -15.32
C GLN A 507 0.06 14.72 -15.70
N SER A 508 -1.09 15.01 -15.08
CA SER A 508 -2.20 14.08 -15.10
C SER A 508 -2.83 13.98 -16.48
N ASN A 509 -3.09 12.76 -16.91
CA ASN A 509 -3.44 12.48 -18.30
C ASN A 509 -4.89 12.78 -18.57
N ASN A 510 -5.36 12.41 -19.77
CA ASN A 510 -6.70 12.77 -20.21
C ASN A 510 -7.14 11.79 -21.29
N ASP A 511 -8.42 11.42 -21.27
CA ASP A 511 -9.41 11.80 -20.26
C ASP A 511 -10.25 10.60 -19.85
N ASP A 512 -9.91 9.45 -20.44
CA ASP A 512 -10.69 8.21 -20.37
C ASP A 512 -12.13 8.47 -20.84
N LYS A 513 -12.24 8.87 -22.11
CA LYS A 513 -13.52 9.30 -22.68
C LYS A 513 -14.39 8.07 -22.93
N GLN A 514 -15.03 7.60 -21.86
CA GLN A 514 -15.99 6.52 -21.98
C GLN A 514 -17.38 7.05 -22.30
N GLU A 515 -18.39 6.21 -22.19
CA GLU A 515 -19.77 6.63 -22.30
C GLU A 515 -20.56 6.05 -21.15
N ILE A 516 -21.70 6.67 -20.85
CA ILE A 516 -22.63 6.11 -19.90
C ILE A 516 -23.26 4.88 -20.53
N ILE A 517 -22.89 3.70 -20.03
CA ILE A 517 -23.33 2.44 -20.63
C ILE A 517 -24.80 2.24 -20.28
N THR A 518 -25.68 2.45 -21.26
CA THR A 518 -27.11 2.34 -21.07
C THR A 518 -27.53 0.89 -21.19
N THR A 519 -28.84 0.63 -21.25
CA THR A 519 -29.37 -0.71 -21.33
C THR A 519 -29.80 -1.00 -22.76
N GLY A 520 -29.75 -2.29 -23.11
CA GLY A 520 -30.10 -2.71 -24.45
C GLY A 520 -31.43 -3.40 -24.52
N PHE A 521 -31.45 -4.64 -24.98
CA PHE A 521 -32.69 -5.39 -25.18
C PHE A 521 -32.33 -6.86 -25.28
N GLU A 522 -32.85 -7.69 -24.38
CA GLU A 522 -32.49 -9.11 -24.36
C GLU A 522 -33.73 -9.95 -24.09
N ILE A 523 -34.10 -10.77 -25.07
CA ILE A 523 -35.15 -11.78 -24.91
C ILE A 523 -34.50 -13.14 -24.76
N LEU A 524 -34.81 -13.83 -23.68
CA LEU A 524 -34.56 -15.26 -23.60
C LEU A 524 -35.74 -16.00 -24.19
N LEU A 525 -35.47 -16.91 -25.11
CA LEU A 525 -36.47 -17.84 -25.60
C LEU A 525 -36.20 -19.21 -25.00
N THR A 526 -37.12 -20.14 -25.26
CA THR A 526 -36.88 -21.57 -25.04
C THR A 526 -37.45 -22.30 -26.25
N SER A 527 -37.09 -23.57 -26.39
CA SER A 527 -37.61 -24.38 -27.48
C SER A 527 -37.56 -25.85 -27.09
N ARG A 528 -38.01 -26.69 -28.00
CA ARG A 528 -37.87 -28.13 -27.90
C ARG A 528 -37.21 -28.72 -29.13
N ASN A 529 -36.79 -27.87 -30.08
CA ASN A 529 -36.15 -28.30 -31.31
C ASN A 529 -35.03 -27.33 -31.63
N THR A 530 -34.17 -27.73 -32.55
CA THR A 530 -33.51 -26.75 -33.39
C THR A 530 -34.53 -26.25 -34.39
N LEU A 531 -34.69 -24.94 -34.49
CA LEU A 531 -35.89 -24.36 -35.10
C LEU A 531 -35.92 -24.59 -36.60
N PRO A 532 -37.01 -25.12 -37.15
CA PRO A 532 -37.20 -25.11 -38.60
C PRO A 532 -37.41 -23.71 -39.11
N PHE A 533 -36.73 -23.39 -40.21
CA PHE A 533 -36.93 -22.17 -41.00
C PHE A 533 -36.57 -20.90 -40.21
N LEU A 534 -35.41 -20.93 -39.57
CA LEU A 534 -34.70 -19.73 -39.14
C LEU A 534 -33.21 -20.00 -39.27
N ASP A 535 -32.41 -19.00 -38.90
CA ASP A 535 -30.97 -19.17 -38.75
C ASP A 535 -30.68 -19.18 -37.27
N THR A 536 -30.84 -20.34 -36.64
CA THR A 536 -30.41 -20.52 -35.25
C THR A 536 -28.96 -20.95 -35.17
N GLU A 537 -28.09 -20.24 -35.86
CA GLU A 537 -26.66 -20.51 -35.94
C GLU A 537 -25.99 -19.15 -35.88
N ILE A 538 -25.02 -19.00 -34.98
CA ILE A 538 -24.63 -17.67 -34.54
C ILE A 538 -23.77 -17.02 -35.62
N THR A 539 -24.43 -16.29 -36.51
CA THR A 539 -23.78 -15.34 -37.37
C THR A 539 -23.97 -13.95 -36.78
N LEU A 540 -23.19 -13.00 -37.27
CA LEU A 540 -23.48 -11.61 -36.93
C LEU A 540 -24.24 -10.97 -38.09
N SER A 541 -25.43 -11.50 -38.35
CA SER A 541 -26.29 -11.06 -39.44
C SER A 541 -27.66 -10.72 -38.86
N LYS A 542 -28.63 -10.48 -39.73
CA LYS A 542 -29.87 -9.87 -39.33
C LYS A 542 -31.04 -10.85 -39.39
N LEU A 543 -32.05 -10.59 -38.55
CA LEU A 543 -33.30 -11.34 -38.55
C LEU A 543 -34.43 -10.33 -38.45
N ASP A 544 -35.29 -10.29 -39.46
CA ASP A 544 -36.24 -9.19 -39.63
C ASP A 544 -37.42 -9.35 -38.67
N ASN A 545 -38.39 -8.43 -38.77
CA ASN A 545 -39.58 -8.47 -37.93
C ASN A 545 -40.79 -8.06 -38.74
N ASP A 546 -41.70 -9.01 -38.94
CA ASP A 546 -43.03 -8.72 -39.48
C ASP A 546 -44.15 -9.16 -38.55
N GLN A 547 -43.84 -9.90 -37.48
CA GLN A 547 -44.83 -10.42 -36.58
C GLN A 547 -44.51 -9.96 -35.16
N ASN A 548 -45.55 -9.74 -34.37
CA ASN A 548 -45.44 -9.25 -33.00
C ASN A 548 -45.81 -10.33 -31.99
N TYR A 549 -45.39 -11.57 -32.25
CA TYR A 549 -45.64 -12.69 -31.36
C TYR A 549 -44.54 -12.86 -30.32
N LEU A 550 -43.78 -11.80 -30.05
CA LEU A 550 -42.90 -11.68 -28.91
C LEU A 550 -43.46 -10.62 -27.98
N LEU A 551 -42.80 -10.42 -26.84
CA LEU A 551 -43.10 -9.22 -26.05
C LEU A 551 -42.53 -8.01 -26.75
N GLY A 552 -41.19 -7.93 -26.80
CA GLY A 552 -40.43 -7.07 -27.70
C GLY A 552 -40.81 -5.61 -27.64
N ALA A 553 -40.79 -4.98 -28.81
CA ALA A 553 -41.43 -3.69 -29.05
C ALA A 553 -41.69 -3.58 -30.54
N THR A 554 -42.79 -2.90 -30.88
CA THR A 554 -43.14 -2.72 -32.28
C THR A 554 -42.25 -1.68 -32.96
N ASP A 555 -41.42 -0.96 -32.22
CA ASP A 555 -40.49 0.02 -32.77
C ASP A 555 -39.12 -0.57 -33.03
N ILE A 556 -39.03 -1.88 -33.30
CA ILE A 556 -37.75 -2.56 -33.39
C ILE A 556 -37.51 -3.04 -34.82
N LYS A 557 -36.31 -2.76 -35.32
CA LYS A 557 -35.80 -3.22 -36.61
C LYS A 557 -35.29 -4.66 -36.50
N SER A 558 -34.41 -5.07 -37.41
CA SER A 558 -33.87 -6.42 -37.47
C SER A 558 -33.16 -6.83 -36.18
N LEU A 559 -32.98 -8.14 -36.02
CA LEU A 559 -32.51 -8.74 -34.77
C LEU A 559 -31.36 -9.70 -35.07
N TYR A 560 -30.62 -10.07 -34.03
CA TYR A 560 -29.61 -11.11 -34.16
C TYR A 560 -29.59 -12.00 -32.93
N ILE A 561 -28.84 -13.09 -33.02
CA ILE A 561 -28.78 -14.13 -32.00
C ILE A 561 -27.36 -14.15 -31.43
N SER A 562 -27.25 -14.05 -30.11
CA SER A 562 -25.93 -13.96 -29.48
C SER A 562 -25.57 -15.14 -28.60
N GLN A 563 -26.49 -16.06 -28.30
CA GLN A 563 -26.17 -17.26 -27.55
C GLN A 563 -27.00 -18.44 -28.03
N ARG A 564 -26.56 -19.63 -27.63
CA ARG A 564 -27.38 -20.84 -27.65
C ARG A 564 -27.04 -21.64 -26.40
N LYS A 565 -28.00 -22.45 -25.96
CA LYS A 565 -27.78 -23.41 -24.88
C LYS A 565 -28.42 -24.73 -25.27
N LEU A 566 -27.74 -25.83 -24.94
CA LEU A 566 -28.20 -27.15 -25.37
C LEU A 566 -28.15 -28.10 -24.18
N LEU A 567 -29.32 -28.52 -23.72
CA LEU A 567 -29.43 -29.62 -22.77
C LEU A 567 -29.93 -30.85 -23.52
N PHE A 568 -29.07 -31.86 -23.66
CA PHE A 568 -29.45 -33.11 -24.28
C PHE A 568 -29.39 -34.20 -23.22
N LYS A 569 -30.54 -34.76 -22.87
CA LYS A 569 -30.62 -35.84 -21.91
C LYS A 569 -31.06 -37.12 -22.59
N ARG A 570 -30.47 -38.23 -22.18
CA ARG A 570 -30.85 -39.53 -22.71
C ARG A 570 -32.21 -39.92 -22.15
N SER A 571 -33.07 -40.42 -23.03
CA SER A 571 -34.42 -40.77 -22.66
C SER A 571 -34.43 -42.00 -21.76
N LYS A 572 -35.38 -42.00 -20.80
CA LYS A 572 -35.39 -43.04 -19.76
C LYS A 572 -35.79 -44.40 -20.31
N TYR A 573 -36.53 -44.43 -21.42
CA TYR A 573 -36.81 -45.71 -22.06
C TYR A 573 -35.54 -46.28 -22.69
N CYS A 574 -34.68 -45.42 -23.23
CA CYS A 574 -33.43 -45.88 -23.84
C CYS A 574 -32.39 -46.20 -22.78
N SER A 575 -32.62 -45.77 -21.54
CA SER A 575 -31.68 -46.05 -20.46
C SER A 575 -31.67 -47.53 -20.11
N LYS A 576 -32.85 -48.12 -19.89
CA LYS A 576 -32.92 -49.51 -19.43
C LYS A 576 -32.56 -50.49 -20.54
N GLN A 577 -32.73 -50.08 -21.80
CA GLN A 577 -32.40 -50.96 -22.93
C GLN A 577 -30.90 -51.22 -23.00
N LEU A 578 -30.09 -50.15 -22.92
CA LEU A 578 -28.65 -50.32 -22.83
C LEU A 578 -28.25 -50.94 -21.49
N TYR A 579 -29.02 -50.70 -20.44
CA TYR A 579 -28.72 -51.26 -19.12
C TYR A 579 -28.97 -52.75 -19.04
N GLU A 580 -29.73 -53.32 -19.98
CA GLU A 580 -29.96 -54.75 -20.05
C GLU A 580 -29.08 -55.43 -21.08
N ASN A 581 -29.00 -54.88 -22.29
CA ASN A 581 -28.15 -55.44 -23.32
C ASN A 581 -26.82 -54.69 -23.40
N HIS A 609 -32.98 -39.27 -27.53
CA HIS A 609 -32.58 -38.27 -26.54
C HIS A 609 -33.58 -37.11 -26.52
N ASP A 610 -33.41 -36.19 -25.58
CA ASP A 610 -34.35 -35.08 -25.40
C ASP A 610 -33.71 -33.77 -25.85
N ASN A 611 -34.46 -32.68 -25.71
CA ASN A 611 -34.04 -31.37 -26.17
C ASN A 611 -34.64 -30.29 -25.27
N SER A 612 -33.85 -29.24 -25.02
CA SER A 612 -34.36 -27.99 -24.47
C SER A 612 -33.33 -26.93 -24.80
N ILE A 613 -33.71 -25.98 -25.65
CA ILE A 613 -32.76 -25.05 -26.27
C ILE A 613 -33.23 -23.63 -26.04
N THR A 614 -32.40 -22.81 -25.42
CA THR A 614 -32.70 -21.40 -25.22
C THR A 614 -32.00 -20.56 -26.28
N TYR A 615 -32.25 -19.25 -26.25
CA TYR A 615 -31.64 -18.31 -27.19
C TYR A 615 -31.52 -16.95 -26.52
N LYS A 616 -30.59 -16.14 -27.02
CA LYS A 616 -30.52 -14.72 -26.72
C LYS A 616 -30.77 -13.94 -28.01
N ILE A 617 -31.66 -12.96 -27.96
CA ILE A 617 -31.97 -12.13 -29.12
C ILE A 617 -31.89 -10.67 -28.70
N LYS A 618 -31.12 -9.88 -29.46
CA LYS A 618 -30.87 -8.49 -29.12
C LYS A 618 -31.15 -7.61 -30.32
N ASP A 619 -31.23 -6.30 -30.09
CA ASP A 619 -31.43 -5.35 -31.17
C ASP A 619 -30.17 -5.21 -32.01
N TYR A 620 -30.35 -5.10 -33.33
CA TYR A 620 -29.21 -5.00 -34.23
C TYR A 620 -28.55 -3.63 -34.14
N SER A 621 -29.28 -2.61 -33.72
CA SER A 621 -28.69 -1.30 -33.52
C SER A 621 -27.84 -1.22 -32.26
N ASN A 622 -27.95 -2.17 -31.35
CA ASN A 622 -27.08 -2.27 -30.18
C ASN A 622 -26.01 -3.33 -30.37
N LEU A 623 -25.51 -3.48 -31.60
CA LEU A 623 -24.49 -4.48 -31.88
C LEU A 623 -23.16 -4.04 -31.28
N THR A 624 -22.81 -4.64 -30.14
CA THR A 624 -21.63 -4.33 -29.36
C THR A 624 -20.95 -5.64 -28.99
N PRO A 625 -19.62 -5.65 -28.85
CA PRO A 625 -18.93 -6.90 -28.49
C PRO A 625 -19.21 -7.34 -27.06
N GLU A 626 -19.26 -8.66 -26.87
CA GLU A 626 -19.41 -9.26 -25.56
C GLU A 626 -18.12 -9.95 -25.16
N TYR A 627 -17.77 -9.82 -23.88
CA TYR A 627 -16.49 -10.26 -23.34
C TYR A 627 -16.73 -11.11 -22.09
N PRO A 628 -15.93 -12.16 -21.89
CA PRO A 628 -16.06 -12.95 -20.66
C PRO A 628 -15.44 -12.24 -19.47
N LYS A 629 -15.69 -12.79 -18.28
CA LYS A 629 -15.10 -12.25 -17.08
C LYS A 629 -13.61 -12.56 -17.04
N TYR A 630 -12.85 -11.63 -16.47
CA TYR A 630 -11.40 -11.75 -16.42
C TYR A 630 -10.90 -11.15 -15.11
N LYS A 631 -9.58 -11.11 -14.96
CA LYS A 631 -8.94 -10.67 -13.73
C LYS A 631 -8.03 -9.49 -14.04
N SER A 632 -8.29 -8.35 -13.43
CA SER A 632 -7.33 -7.26 -13.46
C SER A 632 -6.12 -7.65 -12.62
N PHE A 633 -4.93 -7.48 -13.18
CA PHE A 633 -3.74 -8.07 -12.58
C PHE A 633 -3.25 -7.26 -11.39
N SER A 634 -2.22 -7.79 -10.73
CA SER A 634 -1.52 -7.10 -9.67
C SER A 634 -0.09 -6.84 -10.15
N ASN A 635 0.54 -5.85 -9.53
CA ASN A 635 1.81 -5.36 -10.02
C ASN A 635 2.94 -6.31 -9.63
N PHE A 636 4.12 -6.08 -10.21
CA PHE A 636 5.32 -6.79 -9.81
C PHE A 636 6.49 -5.83 -9.86
N TYR A 637 7.51 -6.11 -9.06
CA TYR A 637 8.58 -5.16 -8.80
C TYR A 637 9.85 -5.62 -9.50
N ILE A 638 10.61 -4.66 -10.03
CA ILE A 638 11.85 -4.95 -10.74
C ILE A 638 12.93 -4.05 -10.16
N ASN A 639 14.08 -4.62 -9.81
CA ASN A 639 15.22 -3.81 -9.42
C ASN A 639 15.89 -3.27 -10.68
N GLY A 640 16.34 -2.02 -10.63
CA GLY A 640 16.84 -1.39 -11.82
C GLY A 640 18.08 -0.52 -11.67
N ARG A 641 19.02 -0.68 -12.59
CA ARG A 641 20.27 0.08 -12.62
C ARG A 641 20.23 1.13 -13.71
N ILE A 642 20.65 2.34 -13.37
CA ILE A 642 20.65 3.47 -14.30
C ILE A 642 22.01 3.55 -14.98
N THR A 643 22.03 3.67 -16.30
CA THR A 643 23.20 4.03 -17.07
C THR A 643 22.86 5.19 -17.99
N ILE A 644 23.87 5.64 -18.74
CA ILE A 644 23.73 6.77 -19.65
C ILE A 644 24.06 6.33 -21.06
N GLY A 645 25.30 5.88 -21.25
CA GLY A 645 25.79 5.42 -22.53
C GLY A 645 26.53 4.10 -22.36
N GLU A 646 27.58 3.93 -23.15
CA GLU A 646 28.39 2.72 -23.09
C GLU A 646 29.84 3.01 -22.70
N ASN A 647 30.48 3.98 -23.36
CA ASN A 647 31.82 4.40 -22.99
C ASN A 647 31.71 5.53 -21.97
N VAL A 648 32.11 5.24 -20.74
CA VAL A 648 32.01 6.19 -19.64
C VAL A 648 33.41 6.59 -19.24
N ASN A 649 33.75 7.85 -19.46
CA ASN A 649 35.04 8.38 -19.03
C ASN A 649 35.05 8.55 -17.51
N ASN A 650 36.25 8.66 -16.96
CA ASN A 650 36.40 8.76 -15.51
C ASN A 650 36.24 10.17 -14.98
N ASP A 651 36.09 11.17 -15.86
CA ASP A 651 35.60 12.47 -15.44
C ASP A 651 34.10 12.59 -15.66
N SER A 652 33.53 11.75 -16.52
CA SER A 652 32.09 11.61 -16.67
C SER A 652 31.57 10.37 -15.99
N LYS A 653 32.16 9.99 -14.85
CA LYS A 653 31.87 8.72 -14.21
C LYS A 653 30.45 8.68 -13.67
N LYS A 654 30.08 9.63 -12.83
CA LYS A 654 28.71 9.73 -12.34
C LYS A 654 28.13 11.06 -12.78
N ALA A 655 27.67 11.10 -14.02
CA ALA A 655 26.97 12.22 -14.61
C ALA A 655 25.49 11.89 -14.69
N TYR A 656 24.73 12.72 -15.40
CA TYR A 656 23.33 12.45 -15.61
C TYR A 656 22.90 13.03 -16.95
N LYS A 657 21.92 12.40 -17.58
CA LYS A 657 21.48 12.83 -18.90
C LYS A 657 20.01 12.49 -19.04
N PHE A 658 19.27 13.33 -19.76
CA PHE A 658 17.82 13.23 -19.87
C PHE A 658 17.43 12.95 -21.32
N PHE A 659 16.36 12.17 -21.51
CA PHE A 659 16.06 11.56 -22.80
C PHE A 659 14.66 11.92 -23.28
N LYS A 660 14.57 12.43 -24.52
CA LYS A 660 13.33 12.92 -25.11
C LYS A 660 12.23 11.90 -25.33
N ASN A 661 12.44 11.01 -26.30
CA ASN A 661 11.35 10.46 -27.09
C ASN A 661 11.55 8.97 -27.30
N HIS A 662 11.81 8.25 -26.20
CA HIS A 662 12.03 6.80 -26.18
C HIS A 662 13.22 6.38 -27.05
N LYS A 663 14.21 7.25 -27.17
CA LYS A 663 15.43 7.04 -27.93
C LYS A 663 16.54 7.77 -27.22
N PRO A 664 17.80 7.34 -27.35
CA PRO A 664 18.90 8.07 -26.71
C PRO A 664 19.20 9.41 -27.38
N GLU A 665 18.39 10.41 -27.07
CA GLU A 665 18.56 11.78 -27.53
C GLU A 665 18.53 12.69 -26.32
N GLU A 666 19.42 13.68 -26.27
CA GLU A 666 19.45 14.54 -25.09
C GLU A 666 18.24 15.47 -25.05
N SER A 667 17.90 15.89 -23.83
CA SER A 667 16.78 16.79 -23.60
C SER A 667 17.13 17.65 -22.40
N SER A 668 16.12 18.31 -21.84
CA SER A 668 16.32 19.14 -20.66
C SER A 668 15.01 19.20 -19.89
N ILE A 669 15.07 19.85 -18.72
CA ILE A 669 13.85 20.15 -17.98
C ILE A 669 13.19 21.41 -18.51
N ALA A 670 13.85 22.11 -19.43
CA ALA A 670 13.18 23.09 -20.27
C ALA A 670 12.47 22.39 -21.40
N GLU A 671 12.02 23.18 -22.39
CA GLU A 671 11.44 22.77 -23.66
C GLU A 671 10.04 22.18 -23.53
N PHE A 672 9.56 21.90 -22.32
CA PHE A 672 8.24 21.31 -22.13
C PHE A 672 7.32 22.23 -21.35
N GLN A 673 7.60 22.47 -20.04
CA GLN A 673 7.31 23.66 -19.23
C GLN A 673 6.08 24.46 -19.62
N GLU A 674 4.90 23.83 -19.53
CA GLU A 674 3.64 24.42 -20.00
C GLU A 674 3.36 25.72 -19.26
N ASN A 675 3.08 26.78 -20.03
CA ASN A 675 3.48 28.13 -19.66
C ASN A 675 2.70 28.75 -18.51
N GLY A 676 3.12 28.39 -17.31
CA GLY A 676 3.03 29.23 -16.12
C GLY A 676 4.41 29.13 -15.52
N GLU A 677 5.35 28.69 -16.36
CA GLU A 677 6.65 28.24 -15.90
C GLU A 677 7.82 28.77 -16.71
N LYS A 678 7.59 29.59 -17.74
CA LYS A 678 8.69 30.20 -18.51
C LYS A 678 8.63 31.73 -18.49
N GLY A 679 9.12 32.38 -17.42
CA GLY A 679 9.31 31.80 -16.11
C GLY A 679 10.67 31.39 -15.57
N THR A 680 10.64 31.02 -14.30
CA THR A 680 11.80 30.72 -13.50
C THR A 680 12.10 29.23 -13.56
N SER A 681 12.97 28.76 -12.67
CA SER A 681 13.40 27.36 -12.60
C SER A 681 12.51 26.56 -11.67
N ALA A 682 11.21 26.54 -11.92
CA ALA A 682 10.26 25.77 -11.12
C ALA A 682 9.59 24.72 -11.99
N ILE A 683 9.19 23.63 -11.36
CA ILE A 683 8.39 22.59 -12.02
C ILE A 683 7.09 22.47 -11.25
N LEU A 684 5.98 22.45 -11.97
CA LEU A 684 4.69 22.14 -11.39
C LEU A 684 4.16 20.91 -12.11
N ASN A 685 3.62 19.96 -11.32
CA ASN A 685 3.06 18.68 -11.74
C ASN A 685 4.06 17.71 -12.36
N SER A 686 5.37 18.01 -12.32
CA SER A 686 6.51 17.10 -12.57
C SER A 686 6.38 16.38 -13.91
N LYS A 687 6.54 17.17 -14.98
CA LYS A 687 6.12 16.84 -16.34
C LYS A 687 6.70 15.53 -16.85
N ALA A 688 5.95 14.89 -17.75
CA ALA A 688 6.37 13.64 -18.37
C ALA A 688 7.27 13.95 -19.57
N ASP A 689 7.49 12.94 -20.42
CA ASP A 689 8.31 12.98 -21.63
C ASP A 689 9.78 13.28 -21.36
N ILE A 690 10.23 13.18 -20.12
CA ILE A 690 11.64 13.27 -19.75
C ILE A 690 12.00 11.98 -19.06
N LEU A 691 12.94 11.24 -19.63
CA LEU A 691 13.12 9.83 -19.30
C LEU A 691 14.54 9.56 -18.84
N TYR A 692 14.69 8.70 -17.83
CA TYR A 692 15.98 8.13 -17.52
C TYR A 692 16.22 6.89 -18.38
N ALA A 693 17.48 6.48 -18.47
CA ALA A 693 17.82 5.18 -19.03
C ALA A 693 18.10 4.22 -17.89
N ILE A 694 17.42 3.08 -17.90
CA ILE A 694 17.54 2.10 -16.83
C ILE A 694 17.86 0.75 -17.45
N GLU A 695 19.00 0.18 -17.06
CA GLU A 695 19.26 -1.21 -17.37
C GLU A 695 18.53 -2.10 -16.39
N ILE A 696 18.12 -3.28 -16.86
CA ILE A 696 17.49 -4.26 -16.01
C ILE A 696 18.26 -5.56 -16.18
N ALA A 697 17.78 -6.64 -15.55
CA ALA A 697 18.36 -7.95 -15.78
C ALA A 697 18.12 -8.38 -17.21
N LYS A 698 19.06 -9.17 -17.74
CA LYS A 698 18.96 -9.66 -19.10
C LYS A 698 17.97 -10.81 -19.25
N GLU A 699 17.34 -11.26 -18.16
CA GLU A 699 16.48 -12.42 -18.19
C GLU A 699 15.01 -12.05 -18.04
N MET A 700 14.64 -10.81 -18.35
CA MET A 700 13.23 -10.47 -18.41
C MET A 700 12.88 -10.02 -19.81
N LEU A 701 13.35 -10.76 -20.80
CA LEU A 701 13.00 -10.54 -22.19
C LEU A 701 12.46 -11.86 -22.70
N SER A 702 12.27 -11.99 -24.00
CA SER A 702 11.89 -13.27 -24.56
C SER A 702 13.11 -14.20 -24.64
N ASP A 703 12.93 -15.37 -25.23
CA ASP A 703 14.03 -16.31 -25.36
C ASP A 703 14.74 -16.21 -26.69
N LYS A 704 14.38 -15.23 -27.52
CA LYS A 704 14.94 -15.10 -28.86
C LYS A 704 15.39 -13.69 -29.22
N SER A 705 15.00 -12.67 -28.46
CA SER A 705 15.24 -11.28 -28.85
C SER A 705 16.65 -10.87 -28.45
N SER A 706 17.44 -10.46 -29.44
CA SER A 706 18.80 -9.96 -29.21
C SER A 706 18.82 -8.45 -29.05
N ASP A 707 17.95 -7.93 -28.18
CA ASP A 707 17.93 -6.51 -27.88
C ASP A 707 18.97 -6.19 -26.81
N LYS A 708 18.97 -4.96 -26.33
CA LYS A 708 19.70 -4.60 -25.14
C LYS A 708 18.70 -4.12 -24.11
N PRO A 709 18.68 -4.70 -22.91
CA PRO A 709 17.61 -4.36 -21.95
C PRO A 709 17.77 -2.97 -21.37
N ILE A 710 16.97 -2.04 -21.89
CA ILE A 710 16.98 -0.65 -21.44
C ILE A 710 15.53 -0.19 -21.39
N ILE A 711 15.04 0.14 -20.20
CA ILE A 711 13.70 0.67 -20.02
C ILE A 711 13.80 2.15 -19.73
N TYR A 712 13.10 2.96 -20.51
CA TYR A 712 12.99 4.40 -20.28
C TYR A 712 11.76 4.67 -19.41
N LEU A 713 11.94 5.44 -18.35
CA LEU A 713 10.88 5.74 -17.39
C LEU A 713 10.91 7.22 -17.00
N PRO A 714 9.74 7.81 -16.74
CA PRO A 714 9.69 9.24 -16.42
C PRO A 714 10.20 9.55 -15.02
N LEU A 715 10.41 10.83 -14.78
CA LEU A 715 11.00 11.32 -13.55
C LEU A 715 9.98 11.52 -12.45
N LYS A 716 10.21 10.88 -11.30
CA LYS A 716 9.93 11.54 -10.03
C LYS A 716 11.10 12.44 -9.73
N VAL A 717 10.89 13.75 -9.79
CA VAL A 717 12.00 14.66 -9.58
C VAL A 717 12.33 14.76 -8.09
N ASN A 718 11.35 14.49 -7.23
CA ASN A 718 11.50 14.58 -5.79
C ASN A 718 11.83 13.21 -5.21
N ILE A 719 13.03 12.73 -5.50
CA ILE A 719 13.56 11.51 -4.87
C ILE A 719 14.78 11.82 -4.01
N ASN A 720 15.87 12.28 -4.61
CA ASN A 720 17.05 12.67 -3.86
C ASN A 720 16.99 14.14 -3.45
N SER A 721 15.86 14.61 -2.96
CA SER A 721 15.70 16.06 -2.86
C SER A 721 14.58 16.39 -1.87
N ALA A 722 14.13 17.63 -1.94
CA ALA A 722 13.08 18.22 -1.15
C ALA A 722 12.41 19.25 -2.06
N ASN A 723 11.73 20.23 -1.47
CA ASN A 723 11.31 21.37 -2.26
C ASN A 723 12.39 22.42 -2.44
N ASN A 724 13.65 22.08 -2.15
CA ASN A 724 14.79 22.94 -2.45
C ASN A 724 15.77 22.27 -3.39
N GLN A 725 16.20 21.05 -3.08
CA GLN A 725 17.40 20.49 -3.67
C GLN A 725 17.15 20.03 -5.10
N PHE A 726 18.24 19.84 -5.84
CA PHE A 726 18.21 19.22 -7.16
C PHE A 726 19.40 18.27 -7.22
N ILE A 727 19.15 17.02 -6.87
CA ILE A 727 20.13 15.95 -7.01
C ILE A 727 19.54 14.89 -7.93
N PRO A 728 19.90 14.91 -9.20
CA PRO A 728 19.30 13.98 -10.16
C PRO A 728 19.90 12.58 -10.01
N LEU A 729 19.22 11.63 -10.62
CA LEU A 729 19.63 10.23 -10.54
C LEU A 729 20.77 9.99 -11.53
N ARG A 730 21.98 9.92 -10.98
CA ARG A 730 23.17 9.62 -11.76
C ARG A 730 23.18 8.16 -12.18
N ASN A 731 24.18 7.78 -12.97
CA ASN A 731 24.30 6.36 -13.27
C ASN A 731 24.94 5.61 -12.12
N ASP A 732 24.90 4.28 -12.21
CA ASP A 732 25.22 3.36 -11.12
C ASP A 732 24.48 3.71 -9.84
N ASP A 733 23.18 3.97 -9.98
CA ASP A 733 22.24 3.92 -8.88
C ASP A 733 21.28 2.77 -9.12
N ILE A 734 20.92 2.08 -8.05
CA ILE A 734 20.13 0.86 -8.13
C ILE A 734 18.81 1.11 -7.41
N ILE A 735 17.69 0.80 -8.08
CA ILE A 735 16.40 1.41 -7.82
C ILE A 735 15.28 0.37 -8.02
N LEU A 736 14.29 0.39 -7.11
CA LEU A 736 13.06 -0.38 -7.29
C LEU A 736 12.13 0.28 -8.28
N ILE A 737 11.45 -0.53 -9.08
CA ILE A 737 10.58 -0.06 -10.15
C ILE A 737 9.27 -0.83 -10.09
N GLU A 738 8.15 -0.13 -9.90
CA GLU A 738 6.87 -0.76 -10.13
C GLU A 738 6.48 -0.71 -11.60
N ILE A 739 5.57 -1.59 -11.98
CA ILE A 739 4.89 -1.52 -13.27
C ILE A 739 3.39 -1.52 -12.94
N GLN A 740 2.82 -0.32 -12.86
CA GLN A 740 1.48 -0.20 -12.29
C GLN A 740 0.39 -0.66 -13.25
N SER A 741 0.63 -0.54 -14.55
CA SER A 741 -0.25 -1.13 -15.56
C SER A 741 0.57 -1.37 -16.81
N PHE A 742 -0.12 -1.72 -17.89
CA PHE A 742 0.53 -1.83 -19.19
C PHE A 742 0.97 -0.44 -19.65
N THR A 743 2.25 -0.31 -20.01
CA THR A 743 2.91 0.95 -20.38
C THR A 743 2.82 2.02 -19.28
N LYS A 744 2.90 1.60 -18.02
CA LYS A 744 3.03 2.54 -16.91
C LYS A 744 3.99 1.97 -15.89
N GLY A 745 5.12 2.65 -15.71
CA GLY A 745 6.08 2.26 -14.70
C GLY A 745 6.52 3.48 -13.91
N GLU A 746 6.91 3.24 -12.66
CA GLU A 746 7.28 4.32 -11.75
C GLU A 746 8.54 3.95 -11.00
N ILE A 747 9.02 4.89 -10.18
CA ILE A 747 10.23 4.73 -9.39
C ILE A 747 9.89 5.08 -7.94
N ILE A 748 10.26 4.20 -7.00
CA ILE A 748 9.90 4.39 -5.60
C ILE A 748 11.15 4.57 -4.71
N GLU A 749 11.96 3.53 -4.61
CA GLU A 749 12.97 3.48 -3.55
C GLU A 749 14.38 3.52 -4.11
N LEU A 750 15.32 3.68 -3.20
CA LEU A 750 16.73 3.87 -3.50
C LEU A 750 17.53 2.78 -2.80
N ILE A 751 18.19 1.92 -3.58
CA ILE A 751 19.03 0.91 -2.94
C ILE A 751 20.45 1.07 -3.45
N SER A 752 21.22 1.98 -2.85
CA SER A 752 22.60 2.29 -3.19
C SER A 752 23.07 3.37 -2.24
N ASN A 753 24.37 3.63 -2.27
CA ASN A 753 24.97 4.88 -1.83
C ASN A 753 26.31 5.05 -2.54
N SER A 754 26.96 6.17 -2.24
CA SER A 754 28.30 6.40 -2.75
C SER A 754 29.23 6.98 -1.71
N ALA A 755 28.73 7.47 -0.58
CA ALA A 755 29.54 8.01 0.50
C ALA A 755 29.09 7.37 1.79
N ILE A 756 29.89 6.46 2.33
CA ILE A 756 29.59 5.80 3.60
C ILE A 756 30.85 5.79 4.46
N SER A 757 30.75 5.16 5.61
CA SER A 757 31.92 4.84 6.42
C SER A 757 32.32 3.38 6.21
N THR A 758 33.56 3.07 6.58
CA THR A 758 34.05 1.70 6.57
C THR A 758 34.63 1.29 7.90
N LYS A 759 34.38 2.05 8.96
CA LYS A 759 34.99 1.83 10.25
C LYS A 759 33.90 1.57 11.29
N LYS A 760 34.34 1.16 12.48
CA LYS A 760 33.48 0.50 13.45
C LYS A 760 32.66 1.45 14.32
N ALA A 761 32.51 2.72 13.92
CA ALA A 761 31.70 3.73 14.61
C ALA A 761 32.16 3.97 16.05
N GLN A 762 33.44 3.68 16.33
CA GLN A 762 34.10 4.07 17.55
C GLN A 762 35.34 4.89 17.25
N GLN A 763 35.74 4.94 15.98
CA GLN A 763 36.93 5.64 15.53
C GLN A 763 36.61 6.86 14.68
N GLN A 764 35.59 6.77 13.83
CA GLN A 764 35.09 7.91 13.07
C GLN A 764 33.58 7.90 13.10
N LEU A 765 32.99 9.09 13.03
CA LEU A 765 31.54 9.25 12.93
C LEU A 765 31.29 10.16 11.74
N LEU A 766 31.21 9.57 10.55
CA LEU A 766 31.10 10.36 9.33
C LEU A 766 29.68 10.84 9.10
N GLN A 767 29.54 12.09 8.66
CA GLN A 767 28.30 12.63 8.12
C GLN A 767 28.71 13.51 6.95
N ARG A 768 28.55 13.01 5.72
CA ARG A 768 29.19 13.68 4.60
C ARG A 768 28.33 13.58 3.34
N GLN A 769 28.80 14.25 2.29
CA GLN A 769 28.21 14.23 0.97
C GLN A 769 29.30 14.19 -0.08
N LEU A 770 29.13 13.40 -1.12
CA LEU A 770 29.91 13.61 -2.32
C LEU A 770 29.10 14.45 -3.31
N LEU A 771 29.80 15.11 -4.23
CA LEU A 771 29.14 16.04 -5.13
C LEU A 771 29.73 15.90 -6.54
N GLY A 772 28.85 15.98 -7.54
CA GLY A 772 29.26 16.09 -8.92
C GLY A 772 29.86 14.84 -9.53
N SER A 773 30.16 14.90 -10.82
CA SER A 773 30.89 13.81 -11.46
C SER A 773 32.31 13.76 -10.91
N LYS A 774 32.85 12.53 -10.88
CA LYS A 774 34.14 12.10 -10.33
C LYS A 774 34.14 12.10 -8.80
N GLU A 775 33.09 12.68 -8.19
CA GLU A 775 32.91 12.80 -6.74
C GLU A 775 34.13 13.40 -6.05
N ASN A 776 34.58 14.52 -6.60
CA ASN A 776 35.76 15.23 -6.12
C ASN A 776 35.36 16.37 -5.19
N CYS A 777 34.59 16.03 -4.15
CA CYS A 777 34.25 16.95 -3.08
C CYS A 777 34.10 16.17 -1.79
N GLU A 778 33.73 16.90 -0.73
CA GLU A 778 33.21 16.42 0.54
C GLU A 778 32.55 17.59 1.23
N MET A 779 31.52 17.32 2.01
CA MET A 779 31.07 18.21 3.06
C MET A 779 30.93 17.35 4.30
N ALA A 780 32.04 17.11 4.97
CA ALA A 780 32.10 16.08 5.98
C ALA A 780 32.19 16.70 7.37
N TYR A 781 31.65 15.99 8.35
CA TYR A 781 31.85 16.30 9.75
C TYR A 781 32.42 15.05 10.41
N THR A 782 33.74 14.91 10.34
CA THR A 782 34.42 13.72 10.83
C THR A 782 34.74 13.93 12.30
N GLN A 783 34.16 13.10 13.16
CA GLN A 783 34.35 13.23 14.60
C GLN A 783 35.08 11.99 15.10
N THR A 784 36.38 12.12 15.28
CA THR A 784 37.19 11.06 15.85
C THR A 784 37.25 11.25 17.37
N SER A 785 38.13 10.53 18.04
CA SER A 785 38.32 10.69 19.47
C SER A 785 39.23 11.86 19.83
N ASP A 786 39.72 12.61 18.85
CA ASP A 786 40.68 13.65 19.10
C ASP A 786 40.29 14.99 18.49
N SER A 787 39.29 15.04 17.61
CA SER A 787 38.97 16.26 16.89
C SER A 787 37.54 16.17 16.36
N GLU A 788 37.03 17.29 15.87
CA GLU A 788 35.74 17.37 15.18
C GLU A 788 35.97 18.28 13.97
N THR A 789 36.31 17.69 12.84
CA THR A 789 36.80 18.46 11.70
C THR A 789 35.70 18.62 10.66
N PHE A 790 35.17 19.82 10.53
CA PHE A 790 34.34 20.17 9.38
C PHE A 790 35.26 20.31 8.17
N SER A 791 34.69 20.11 6.98
CA SER A 791 35.52 20.15 5.78
C SER A 791 34.67 20.54 4.57
N LEU A 792 35.24 21.34 3.67
CA LEU A 792 34.69 21.54 2.33
C LEU A 792 35.85 21.35 1.37
N THR A 793 36.15 20.11 1.02
CA THR A 793 37.36 19.81 0.28
C THR A 793 37.06 19.62 -1.20
N GLN A 794 38.12 19.65 -2.00
CA GLN A 794 38.10 19.21 -3.38
C GLN A 794 39.40 18.47 -3.67
N VAL A 795 39.30 17.39 -4.44
CA VAL A 795 40.47 16.61 -4.83
C VAL A 795 40.50 16.56 -6.34
N ASN A 796 41.24 17.48 -6.95
CA ASN A 796 41.43 17.51 -8.39
C ASN A 796 42.76 16.85 -8.72
N GLU A 797 43.16 16.95 -9.97
CA GLU A 797 44.57 16.74 -10.27
C GLU A 797 45.33 18.06 -10.15
N ASP A 798 46.44 18.01 -9.41
CA ASP A 798 47.38 19.12 -9.19
C ASP A 798 46.78 20.29 -8.41
N CYS A 799 45.59 20.13 -7.81
CA CYS A 799 44.98 21.17 -7.01
C CYS A 799 44.20 20.52 -5.88
N GLU A 800 44.37 21.02 -4.66
CA GLU A 800 43.67 20.49 -3.49
C GLU A 800 43.22 21.66 -2.62
N ASN A 801 42.01 22.15 -2.86
CA ASN A 801 41.41 23.19 -2.05
C ASN A 801 40.77 22.57 -0.82
N SER A 802 40.48 23.41 0.17
CA SER A 802 39.77 22.94 1.36
C SER A 802 39.16 24.12 2.11
N PHE A 803 38.50 23.78 3.21
CA PHE A 803 38.01 24.73 4.21
C PHE A 803 37.76 23.94 5.49
N LEU A 804 38.62 24.11 6.48
CA LEU A 804 38.64 23.23 7.63
C LEU A 804 38.36 23.99 8.91
N ILE A 805 37.58 23.36 9.79
CA ILE A 805 37.23 23.91 11.09
C ILE A 805 37.44 22.82 12.13
N ASN A 806 38.43 23.00 13.01
CA ASN A 806 38.72 22.05 14.07
C ASN A 806 38.10 22.54 15.37
N ASP A 807 38.39 21.84 16.47
CA ASP A 807 38.10 22.33 17.81
C ASP A 807 39.33 22.87 18.51
N LYS A 808 40.48 22.24 18.30
CA LYS A 808 41.71 22.72 18.93
C LYS A 808 42.35 23.84 18.13
N LYS A 809 42.33 23.74 16.81
CA LYS A 809 43.10 24.65 15.96
C LYS A 809 42.26 25.85 15.51
N GLY A 810 41.19 25.60 14.76
CA GLY A 810 40.35 26.69 14.32
C GLY A 810 40.20 26.74 12.82
N ILE A 811 39.74 27.88 12.34
CA ILE A 811 39.28 28.05 10.96
C ILE A 811 40.48 28.03 10.02
N PHE A 812 40.46 27.14 9.04
CA PHE A 812 41.55 27.02 8.08
C PHE A 812 41.09 27.36 6.67
N LEU A 813 42.03 27.86 5.87
CA LEU A 813 41.93 27.85 4.42
C LEU A 813 43.24 27.28 3.88
N ARG A 814 43.15 26.38 2.90
CA ARG A 814 44.35 25.72 2.41
C ARG A 814 44.30 25.52 0.90
N TYR A 815 45.44 25.77 0.27
CA TYR A 815 45.71 25.34 -1.10
C TYR A 815 46.89 24.38 -1.08
N LYS A 816 46.79 23.28 -1.82
CA LYS A 816 47.87 22.31 -1.88
C LYS A 816 48.01 21.80 -3.31
N SER A 817 49.23 21.39 -3.66
CA SER A 817 49.51 20.85 -4.98
C SER A 817 50.72 19.93 -4.95
N TYR B 78 -66.41 -42.96 -11.82
CA TYR B 78 -67.05 -42.01 -12.72
C TYR B 78 -67.66 -40.86 -11.92
N LYS B 79 -68.97 -40.91 -11.72
CA LYS B 79 -69.66 -39.93 -10.91
C LYS B 79 -69.74 -40.31 -9.44
N ARG B 80 -69.28 -41.52 -9.09
CA ARG B 80 -69.29 -41.97 -7.70
C ARG B 80 -68.17 -41.34 -6.87
N TYR B 81 -67.19 -40.70 -7.51
CA TYR B 81 -66.14 -40.02 -6.75
C TYR B 81 -66.68 -38.78 -6.04
N CYS B 82 -67.71 -38.16 -6.61
CA CYS B 82 -68.35 -37.03 -5.93
C CYS B 82 -69.40 -37.51 -4.94
N ILE B 83 -69.98 -38.70 -5.16
CA ILE B 83 -70.98 -39.22 -4.23
C ILE B 83 -70.34 -39.74 -2.96
N ILE B 84 -69.25 -40.51 -3.09
CA ILE B 84 -68.56 -41.05 -1.93
C ILE B 84 -67.89 -39.95 -1.12
N SER B 85 -67.45 -38.88 -1.77
CA SER B 85 -66.98 -37.70 -1.04
C SER B 85 -68.13 -37.02 -0.31
N ARG B 86 -69.31 -37.00 -0.92
CA ARG B 86 -70.49 -36.50 -0.23
C ARG B 86 -71.01 -37.52 0.77
N PHE B 87 -70.69 -38.80 0.59
CA PHE B 87 -71.05 -39.79 1.58
C PHE B 87 -70.11 -39.74 2.78
N LYS B 88 -68.84 -39.42 2.55
CA LYS B 88 -67.91 -39.21 3.66
C LYS B 88 -68.16 -37.87 4.33
N ASN B 89 -68.77 -36.92 3.63
CA ASN B 89 -69.10 -35.63 4.23
C ASN B 89 -70.24 -35.77 5.23
N ASN B 90 -71.22 -36.63 4.93
CA ASN B 90 -72.32 -36.86 5.87
C ASN B 90 -71.93 -37.82 6.99
N ILE B 91 -70.93 -38.67 6.75
CA ILE B 91 -70.50 -39.62 7.77
C ILE B 91 -69.48 -39.03 8.74
N ASP B 92 -68.71 -38.03 8.31
CA ASP B 92 -67.80 -37.34 9.22
C ASP B 92 -68.52 -36.43 10.20
N GLU B 93 -69.78 -36.09 9.92
CA GLU B 93 -70.59 -35.31 10.83
C GLU B 93 -71.18 -36.15 11.97
N PHE B 94 -70.93 -37.46 11.99
CA PHE B 94 -71.48 -38.31 13.02
C PHE B 94 -70.79 -38.13 14.38
N ILE B 95 -69.63 -37.50 14.40
CA ILE B 95 -68.94 -37.24 15.66
C ILE B 95 -68.61 -35.76 15.79
N SER B 105 -57.64 -44.74 16.07
CA SER B 105 -58.96 -45.31 16.36
C SER B 105 -59.88 -45.18 15.15
N GLN B 106 -61.15 -44.86 15.41
CA GLN B 106 -62.10 -44.66 14.32
C GLN B 106 -61.81 -43.37 13.56
N SER B 107 -61.29 -42.36 14.26
CA SER B 107 -60.91 -41.11 13.60
C SER B 107 -59.65 -41.27 12.76
N LEU B 108 -58.83 -42.28 13.06
CA LEU B 108 -57.64 -42.54 12.24
C LEU B 108 -58.02 -43.06 10.87
N LYS B 109 -59.08 -43.87 10.79
CA LYS B 109 -59.62 -44.25 9.50
C LYS B 109 -60.34 -43.08 8.83
N ILE B 110 -60.85 -42.15 9.63
CA ILE B 110 -61.42 -40.92 9.07
C ILE B 110 -60.34 -40.00 8.54
N ALA B 111 -59.12 -40.11 9.08
CA ALA B 111 -58.00 -39.32 8.57
C ALA B 111 -57.58 -39.77 7.19
N ILE B 112 -57.82 -41.04 6.85
CA ILE B 112 -57.56 -41.50 5.49
C ILE B 112 -58.56 -40.92 4.51
N LYS B 113 -59.80 -40.70 4.96
CA LYS B 113 -60.80 -40.09 4.09
C LYS B 113 -60.57 -38.59 3.93
N GLU B 114 -59.99 -37.95 4.95
CA GLU B 114 -59.80 -36.51 4.92
C GLU B 114 -58.50 -36.10 4.25
N LEU B 115 -57.62 -37.06 3.94
CA LEU B 115 -56.32 -36.73 3.39
C LEU B 115 -56.12 -37.39 2.02
N GLN B 116 -54.87 -37.34 1.52
CA GLN B 116 -54.46 -37.86 0.20
C GLN B 116 -55.25 -37.21 -0.93
N ASN B 117 -55.09 -35.89 -1.08
CA ASN B 117 -55.75 -35.16 -2.14
C ASN B 117 -54.89 -35.15 -3.39
N SER B 118 -55.40 -35.77 -4.45
CA SER B 118 -54.69 -35.78 -5.73
C SER B 118 -55.44 -34.91 -6.73
N CYS B 119 -56.72 -35.19 -6.93
CA CYS B 119 -57.58 -34.36 -7.77
C CYS B 119 -58.94 -34.06 -7.17
N SER B 120 -59.33 -34.72 -6.07
CA SER B 120 -60.65 -34.48 -5.48
C SER B 120 -60.73 -33.13 -4.77
N SER B 121 -59.62 -32.62 -4.26
CA SER B 121 -59.59 -31.27 -3.70
C SER B 121 -59.11 -30.24 -4.71
N SER B 122 -59.20 -30.55 -5.99
CA SER B 122 -58.96 -29.59 -7.07
C SER B 122 -60.14 -29.45 -8.01
N LEU B 123 -60.81 -30.56 -8.33
CA LEU B 123 -62.01 -30.49 -9.16
C LEU B 123 -63.24 -30.11 -8.36
N ILE B 124 -63.21 -30.26 -7.03
CA ILE B 124 -64.34 -29.93 -6.18
C ILE B 124 -63.87 -29.58 -4.78
N HIS B 129 -67.99 -28.31 -4.64
CA HIS B 129 -67.94 -27.03 -5.32
C HIS B 129 -67.66 -25.90 -4.32
N ASP B 130 -68.34 -24.77 -4.50
CA ASP B 130 -68.11 -23.59 -3.66
C ASP B 130 -68.65 -23.75 -2.24
N TYR B 131 -69.54 -24.71 -2.00
CA TYR B 131 -70.00 -25.02 -0.66
C TYR B 131 -69.22 -26.16 -0.02
N ILE B 132 -68.40 -26.88 -0.80
CA ILE B 132 -67.60 -27.96 -0.24
C ILE B 132 -66.43 -27.43 0.56
N ARG B 133 -66.01 -26.19 0.30
CA ARG B 133 -64.93 -25.59 1.07
C ARG B 133 -65.36 -25.31 2.51
N LYS B 134 -66.54 -24.71 2.68
CA LYS B 134 -67.06 -24.50 4.02
C LYS B 134 -67.58 -25.80 4.64
N ILE B 135 -67.88 -26.80 3.81
CA ILE B 135 -68.23 -28.12 4.34
C ILE B 135 -67.02 -28.79 4.96
N ASP B 136 -65.81 -28.48 4.46
CA ASP B 136 -64.61 -28.96 5.12
C ASP B 136 -64.33 -28.21 6.41
N VAL B 137 -64.75 -26.94 6.48
CA VAL B 137 -64.58 -26.17 7.71
C VAL B 137 -65.54 -26.65 8.79
N LEU B 138 -66.68 -27.22 8.39
CA LEU B 138 -67.63 -27.74 9.37
C LEU B 138 -67.12 -29.04 9.99
N LEU B 139 -66.22 -29.75 9.29
CA LEU B 139 -65.73 -31.01 9.81
C LEU B 139 -64.65 -30.79 10.88
N THR B 140 -63.73 -29.86 10.64
CA THR B 140 -62.64 -29.63 11.57
C THR B 140 -63.12 -28.93 12.83
N SER B 141 -64.12 -28.05 12.71
CA SER B 141 -64.73 -27.45 13.89
C SER B 141 -65.50 -28.49 14.70
N ILE B 142 -66.11 -29.46 14.02
CA ILE B 142 -66.69 -30.59 14.74
C ILE B 142 -65.60 -31.49 15.30
N ASP B 143 -64.46 -31.58 14.60
CA ASP B 143 -63.33 -32.33 15.12
C ASP B 143 -62.63 -31.59 16.26
N SER B 144 -62.86 -30.28 16.38
CA SER B 144 -62.32 -29.50 17.49
C SER B 144 -63.06 -29.72 18.80
N ALA B 145 -64.22 -30.39 18.76
CA ALA B 145 -64.97 -30.69 19.97
C ALA B 145 -64.45 -31.92 20.70
N ILE B 146 -63.43 -32.60 20.16
CA ILE B 146 -62.88 -33.78 20.80
C ILE B 146 -62.02 -33.40 22.00
N GLN B 159 -51.04 -34.86 16.36
CA GLN B 159 -51.43 -36.13 15.75
C GLN B 159 -51.76 -35.96 14.28
N LEU B 160 -52.87 -35.29 13.99
CA LEU B 160 -53.36 -35.10 12.63
C LEU B 160 -53.68 -33.63 12.37
N ASN B 161 -52.78 -32.75 12.81
CA ASN B 161 -52.85 -31.35 12.45
C ASN B 161 -52.08 -31.05 11.17
N LYS B 162 -51.24 -31.97 10.71
CA LYS B 162 -50.53 -31.79 9.45
C LYS B 162 -51.46 -31.93 8.25
N LEU B 163 -52.49 -32.77 8.37
CA LEU B 163 -53.44 -32.93 7.27
C LEU B 163 -54.32 -31.69 7.11
N ARG B 164 -54.44 -30.88 8.16
CA ARG B 164 -55.05 -29.56 8.01
C ARG B 164 -54.17 -28.65 7.17
N SER B 165 -52.86 -28.72 7.37
CA SER B 165 -51.93 -27.87 6.63
C SER B 165 -51.82 -28.30 5.17
N SER B 166 -52.04 -29.59 4.89
CA SER B 166 -52.06 -30.06 3.51
C SER B 166 -53.28 -29.50 2.78
N LEU B 167 -54.45 -29.53 3.42
CA LEU B 167 -55.62 -28.89 2.86
C LEU B 167 -55.53 -27.38 2.91
N SER B 168 -54.69 -26.82 3.79
CA SER B 168 -54.52 -25.38 3.84
C SER B 168 -53.77 -24.86 2.62
N ARG B 169 -52.69 -25.55 2.23
CA ARG B 169 -51.98 -25.19 1.01
C ARG B 169 -52.80 -25.50 -0.24
N TYR B 170 -53.78 -26.40 -0.14
CA TYR B 170 -54.76 -26.55 -1.21
C TYR B 170 -55.64 -25.32 -1.29
N ILE B 171 -56.48 -25.10 -0.26
CA ILE B 171 -57.17 -23.83 -0.01
C ILE B 171 -57.63 -23.74 1.46
N GLY B 172 -57.31 -22.62 2.11
CA GLY B 172 -57.91 -22.20 3.37
C GLY B 172 -57.82 -23.13 4.57
N TYR B 173 -58.97 -23.67 4.97
CA TYR B 173 -59.14 -24.65 6.05
C TYR B 173 -58.69 -24.13 7.41
N ASN B 174 -58.60 -22.80 7.59
CA ASN B 174 -58.09 -22.19 8.80
C ASN B 174 -59.25 -21.79 9.72
N ASN B 175 -58.92 -21.07 10.78
CA ASN B 175 -59.89 -20.53 11.72
C ASN B 175 -59.24 -19.37 12.44
N VAL B 176 -59.94 -18.24 12.57
CA VAL B 176 -61.34 -18.07 12.18
C VAL B 176 -61.32 -17.00 11.06
N LEU B 177 -60.32 -17.11 10.19
CA LEU B 177 -60.10 -16.15 9.12
C LEU B 177 -61.25 -16.24 8.11
N GLN B 178 -62.20 -15.32 8.23
CA GLN B 178 -63.35 -15.36 7.33
C GLN B 178 -63.05 -14.66 6.01
N LYS B 179 -62.38 -13.51 6.06
CA LYS B 179 -62.08 -12.74 4.86
C LYS B 179 -60.62 -12.29 4.90
N GLN B 180 -59.98 -12.26 3.73
CA GLN B 180 -58.61 -11.79 3.63
C GLN B 180 -58.45 -11.16 2.25
N GLU B 181 -58.60 -9.84 2.19
CA GLU B 181 -58.42 -9.08 0.96
C GLU B 181 -57.10 -8.29 1.05
N ILE B 182 -56.17 -8.63 0.17
CA ILE B 182 -54.88 -7.95 0.08
C ILE B 182 -54.82 -7.22 -1.24
N THR B 183 -54.27 -6.00 -1.22
CA THR B 183 -54.27 -5.13 -2.39
C THR B 183 -52.88 -4.56 -2.61
N ILE B 184 -52.58 -4.21 -3.85
CA ILE B 184 -51.36 -3.51 -4.22
C ILE B 184 -51.71 -2.38 -5.18
N ASN B 185 -51.29 -1.17 -4.86
CA ASN B 185 -51.52 0.00 -5.69
C ASN B 185 -50.19 0.44 -6.29
N ILE B 186 -50.10 0.43 -7.62
CA ILE B 186 -48.85 0.68 -8.33
C ILE B 186 -48.95 2.04 -9.03
N LYS B 187 -48.15 2.99 -8.58
CA LYS B 187 -48.11 4.29 -9.22
C LYS B 187 -46.69 4.61 -9.68
N PRO B 188 -46.53 5.20 -10.86
CA PRO B 188 -45.19 5.46 -11.37
C PRO B 188 -44.61 6.72 -10.75
N ILE B 189 -43.30 6.88 -10.92
CA ILE B 189 -42.57 8.05 -10.44
C ILE B 189 -41.83 8.67 -11.61
N ASN B 190 -42.04 9.96 -11.82
CA ASN B 190 -41.61 10.65 -13.04
C ASN B 190 -40.14 11.09 -12.95
N LYS B 191 -39.76 11.97 -13.88
CA LYS B 191 -38.43 12.55 -13.90
C LYS B 191 -38.14 13.35 -12.64
N ASN B 192 -39.08 14.19 -12.20
CA ASN B 192 -38.85 15.10 -11.09
C ASN B 192 -39.29 14.51 -9.76
N PHE B 193 -39.41 13.18 -9.69
CA PHE B 193 -39.66 12.43 -8.45
C PHE B 193 -40.99 12.82 -7.79
N GLU B 194 -42.04 12.82 -8.62
CA GLU B 194 -43.40 13.09 -8.18
C GLU B 194 -44.27 11.93 -8.64
N LEU B 195 -45.58 12.10 -8.64
CA LEU B 195 -46.48 11.03 -9.05
C LEU B 195 -47.28 11.42 -10.28
N GLU B 196 -47.37 10.50 -11.23
CA GLU B 196 -48.18 10.67 -12.43
C GLU B 196 -49.59 10.17 -12.15
N ASP B 197 -50.42 10.06 -13.20
CA ASP B 197 -51.71 9.41 -13.12
C ASP B 197 -51.77 8.31 -14.18
N ILE B 198 -52.10 7.10 -13.75
CA ILE B 198 -52.20 5.98 -14.68
C ILE B 198 -53.52 6.04 -15.44
N HIS B 211 -57.83 2.34 -11.92
CA HIS B 211 -58.09 3.61 -11.26
C HIS B 211 -56.82 4.19 -10.66
N ASN B 212 -56.12 5.02 -11.47
CA ASN B 212 -54.91 5.77 -11.11
C ASN B 212 -53.73 4.87 -10.73
N SER B 213 -53.83 3.57 -10.98
CA SER B 213 -52.91 2.57 -10.45
C SER B 213 -53.15 1.26 -11.19
N LEU B 214 -52.58 0.18 -10.66
CA LEU B 214 -52.91 -1.18 -11.10
C LEU B 214 -53.33 -1.94 -9.84
N THR B 215 -54.62 -1.85 -9.51
CA THR B 215 -55.12 -2.45 -8.27
C THR B 215 -55.17 -3.96 -8.38
N LEU B 216 -54.65 -4.63 -7.36
CA LEU B 216 -54.72 -6.08 -7.27
C LEU B 216 -55.70 -6.46 -6.17
N LYS B 217 -56.28 -7.65 -6.32
CA LYS B 217 -57.58 -7.97 -5.74
C LYS B 217 -57.62 -9.44 -5.36
N ASN B 218 -58.83 -10.04 -5.40
CA ASN B 218 -59.11 -11.46 -5.35
C ASN B 218 -58.11 -12.15 -6.27
N PRO B 219 -57.14 -12.89 -5.70
CA PRO B 219 -55.74 -12.85 -6.18
C PRO B 219 -55.44 -13.03 -7.66
N HIS B 220 -54.86 -11.98 -8.23
CA HIS B 220 -53.97 -12.09 -9.37
C HIS B 220 -52.53 -12.36 -8.93
N ILE B 221 -52.28 -12.39 -7.62
CA ILE B 221 -50.93 -12.45 -7.08
C ILE B 221 -50.57 -13.88 -6.75
N GLU B 222 -49.47 -14.36 -7.30
CA GLU B 222 -49.01 -15.71 -6.98
C GLU B 222 -48.29 -15.75 -5.64
N LYS B 223 -47.25 -14.93 -5.50
CA LYS B 223 -46.37 -15.04 -4.34
C LYS B 223 -45.77 -13.69 -4.02
N LEU B 224 -45.84 -13.29 -2.75
CA LEU B 224 -45.14 -12.11 -2.28
C LEU B 224 -44.39 -12.46 -1.00
N GLU B 225 -43.10 -12.15 -0.98
CA GLU B 225 -42.27 -12.29 0.20
C GLU B 225 -42.05 -10.90 0.77
N VAL B 226 -42.30 -10.73 2.07
CA VAL B 226 -42.01 -9.47 2.76
C VAL B 226 -41.34 -9.82 4.07
N CYS B 227 -40.09 -9.40 4.24
CA CYS B 227 -39.46 -9.38 5.55
C CYS B 227 -39.13 -7.93 5.88
N GLU B 228 -39.21 -7.59 7.17
CA GLU B 228 -38.95 -6.22 7.58
C GLU B 228 -38.25 -6.17 8.92
N ASN B 229 -37.23 -5.33 9.01
CA ASN B 229 -36.56 -5.04 10.27
C ASN B 229 -37.21 -3.80 10.87
N ILE B 230 -36.59 -3.20 11.89
CA ILE B 230 -37.04 -1.90 12.38
C ILE B 230 -36.81 -0.84 11.31
N TYR B 231 -35.66 -0.88 10.66
CA TYR B 231 -35.27 0.20 9.75
C TYR B 231 -35.93 0.07 8.38
N GLY B 232 -36.07 -1.13 7.84
CA GLY B 232 -36.45 -1.23 6.44
C GLY B 232 -37.17 -2.52 6.09
N ILE B 233 -37.51 -2.63 4.81
CA ILE B 233 -38.27 -3.75 4.25
C ILE B 233 -37.50 -4.29 3.06
N ASN B 234 -37.32 -5.60 2.99
CA ASN B 234 -36.88 -6.27 1.78
C ASN B 234 -37.99 -7.17 1.27
N GLY B 235 -37.71 -7.89 0.18
CA GLY B 235 -38.66 -8.89 -0.29
C GLY B 235 -39.03 -8.82 -1.76
N TRP B 236 -39.72 -9.84 -2.27
CA TRP B 236 -40.04 -9.96 -3.68
C TRP B 236 -41.55 -10.04 -3.88
N LEU B 237 -41.96 -10.20 -5.13
CA LEU B 237 -43.36 -10.17 -5.53
C LEU B 237 -43.53 -10.93 -6.84
N THR B 238 -44.70 -11.56 -7.03
CA THR B 238 -45.01 -12.25 -8.28
C THR B 238 -46.51 -12.23 -8.50
N PHE B 239 -46.95 -11.61 -9.60
CA PHE B 239 -48.38 -11.51 -9.90
C PHE B 239 -48.59 -11.79 -11.39
N ASP B 240 -49.85 -11.67 -11.82
CA ASP B 240 -50.25 -12.05 -13.17
C ASP B 240 -51.15 -10.99 -13.76
N LEU B 241 -51.08 -10.84 -15.09
CA LEU B 241 -51.93 -9.93 -15.83
C LEU B 241 -52.24 -10.54 -17.19
N ALA B 242 -53.18 -9.92 -17.90
CA ALA B 242 -53.56 -10.33 -19.24
C ALA B 242 -54.26 -9.15 -19.92
N TYR B 243 -53.84 -8.79 -21.14
CA TYR B 243 -52.91 -9.55 -21.98
C TYR B 243 -52.04 -8.62 -22.82
N ILE B 244 -51.41 -9.17 -23.85
CA ILE B 244 -50.50 -8.45 -24.74
C ILE B 244 -51.19 -8.26 -26.09
N ASN B 245 -51.04 -7.08 -26.71
CA ASN B 245 -50.30 -5.91 -26.23
C ASN B 245 -51.19 -4.67 -26.17
N ASN B 246 -50.98 -3.83 -25.16
CA ASN B 246 -51.77 -2.61 -24.97
C ASN B 246 -50.91 -1.53 -24.33
N HIS B 247 -51.31 -0.27 -24.57
CA HIS B 247 -50.53 0.87 -24.13
C HIS B 247 -50.59 1.08 -22.62
N LYS B 248 -51.58 0.49 -21.95
CA LYS B 248 -51.80 0.78 -20.54
C LYS B 248 -50.72 0.19 -19.64
N ASP B 249 -49.98 -0.81 -20.12
CA ASP B 249 -48.99 -1.50 -19.31
C ASP B 249 -47.59 -1.41 -19.89
N PHE B 250 -47.35 -0.48 -20.82
CA PHE B 250 -46.03 -0.30 -21.40
C PHE B 250 -45.07 0.35 -20.43
N ASN B 251 -45.42 1.55 -19.96
CA ASN B 251 -44.47 2.39 -19.22
C ASN B 251 -44.10 1.80 -17.87
N PHE B 252 -45.03 1.13 -17.22
CA PHE B 252 -44.78 0.53 -15.91
C PHE B 252 -43.72 -0.55 -15.92
N LEU B 253 -44.01 -1.65 -16.62
CA LEU B 253 -43.32 -2.91 -16.38
C LEU B 253 -42.57 -3.41 -17.62
N LEU B 254 -42.23 -2.52 -18.54
CA LEU B 254 -41.45 -2.91 -19.71
C LEU B 254 -40.24 -1.99 -19.88
N SER B 255 -39.76 -1.40 -18.80
CA SER B 255 -38.63 -0.52 -18.88
C SER B 255 -37.89 -0.56 -17.55
N PRO B 256 -36.56 -0.66 -17.55
CA PRO B 256 -35.81 -0.44 -16.32
C PRO B 256 -35.71 1.03 -16.00
N ASN B 257 -35.16 1.31 -14.82
CA ASN B 257 -34.84 2.66 -14.33
C ASN B 257 -36.06 3.57 -14.26
N GLN B 258 -37.24 3.02 -13.94
CA GLN B 258 -38.40 3.85 -13.63
C GLN B 258 -38.93 3.44 -12.26
N PRO B 259 -38.92 4.33 -11.28
CA PRO B 259 -39.37 3.95 -9.94
C PRO B 259 -40.88 3.73 -9.88
N ILE B 260 -41.29 2.97 -8.87
CA ILE B 260 -42.66 2.47 -8.74
C ILE B 260 -43.02 2.49 -7.27
N LEU B 261 -44.13 3.15 -6.92
CA LEU B 261 -44.69 2.99 -5.58
C LEU B 261 -45.49 1.71 -5.48
N LEU B 262 -45.44 1.09 -4.31
CA LEU B 262 -46.20 -0.11 -4.01
C LEU B 262 -46.91 0.10 -2.68
N ASP B 263 -48.22 0.19 -2.71
CA ASP B 263 -49.02 0.39 -1.51
C ASP B 263 -49.76 -0.89 -1.19
N ILE B 264 -49.32 -1.59 -0.15
CA ILE B 264 -49.89 -2.87 0.25
C ILE B 264 -50.86 -2.62 1.39
N GLN B 265 -52.09 -3.10 1.25
CA GLN B 265 -53.10 -2.99 2.29
C GLN B 265 -53.71 -4.36 2.54
N ILE B 266 -53.50 -4.89 3.74
CA ILE B 266 -53.90 -6.25 4.10
C ILE B 266 -55.01 -6.15 5.13
N ASN B 267 -56.21 -6.59 4.77
CA ASN B 267 -57.35 -6.59 5.67
C ASN B 267 -57.72 -8.01 6.05
N ASP B 268 -57.89 -8.24 7.35
CA ASP B 268 -58.35 -9.52 7.86
C ASP B 268 -59.64 -9.29 8.66
N SER B 269 -60.39 -10.36 8.85
CA SER B 269 -61.58 -10.33 9.69
C SER B 269 -61.74 -11.68 10.36
N PHE B 270 -61.92 -11.68 11.67
CA PHE B 270 -62.00 -12.92 12.43
C PHE B 270 -63.44 -13.37 12.62
N HIS B 281 -65.86 -10.87 16.53
CA HIS B 281 -65.19 -10.74 15.23
C HIS B 281 -64.74 -9.30 15.02
N HIS B 282 -63.46 -9.12 14.76
CA HIS B 282 -62.88 -7.80 14.61
C HIS B 282 -61.76 -7.85 13.60
N LYS B 283 -61.45 -6.69 13.02
CA LYS B 283 -60.54 -6.56 11.91
C LYS B 283 -59.18 -6.03 12.36
N ARG B 284 -58.12 -6.47 11.68
CA ARG B 284 -56.78 -5.97 11.92
C ARG B 284 -56.08 -5.73 10.59
N THR B 285 -55.57 -4.50 10.43
CA THR B 285 -55.02 -4.02 9.17
C THR B 285 -53.52 -3.83 9.31
N THR B 286 -52.76 -4.36 8.35
CA THR B 286 -51.35 -4.03 8.21
C THR B 286 -51.14 -3.34 6.88
N ARG B 287 -50.16 -2.45 6.82
CA ARG B 287 -49.99 -1.62 5.63
C ARG B 287 -48.53 -1.31 5.38
N PHE B 288 -48.08 -1.53 4.15
CA PHE B 288 -46.70 -1.33 3.74
C PHE B 288 -46.65 -0.38 2.56
N ILE B 289 -45.58 0.42 2.48
CA ILE B 289 -45.31 1.29 1.35
C ILE B 289 -43.85 1.07 0.96
N ALA B 290 -43.59 0.83 -0.32
CA ALA B 290 -42.25 0.48 -0.73
C ALA B 290 -42.02 0.88 -2.18
N ILE B 291 -40.77 1.21 -2.49
CA ILE B 291 -40.34 1.56 -3.85
C ILE B 291 -39.36 0.51 -4.34
N GLY B 292 -39.63 -0.07 -5.49
CA GLY B 292 -38.67 -0.98 -6.09
C GLY B 292 -38.38 -0.69 -7.55
N PHE B 293 -37.16 -0.29 -7.86
CA PHE B 293 -36.74 -0.19 -9.25
C PHE B 293 -35.28 -0.61 -9.34
N ASN B 294 -34.94 -1.25 -10.45
CA ASN B 294 -33.65 -1.90 -10.57
C ASN B 294 -33.16 -1.78 -12.00
N SER B 295 -31.94 -1.29 -12.18
CA SER B 295 -31.31 -1.34 -13.48
C SER B 295 -30.96 -2.77 -13.85
N ASN B 296 -31.01 -3.05 -15.15
CA ASN B 296 -30.46 -4.26 -15.77
C ASN B 296 -31.19 -5.52 -15.32
N SER B 297 -32.48 -5.42 -14.98
CA SER B 297 -33.23 -6.60 -14.57
C SER B 297 -34.71 -6.37 -14.82
N ILE B 298 -35.29 -7.14 -15.74
CA ILE B 298 -36.73 -7.30 -15.90
C ILE B 298 -37.00 -8.78 -16.10
N ASP B 299 -37.97 -9.31 -15.36
CA ASP B 299 -38.32 -10.73 -15.44
C ASP B 299 -39.80 -10.87 -15.75
N ILE B 300 -40.11 -11.37 -16.95
CA ILE B 300 -41.48 -11.57 -17.41
C ILE B 300 -41.54 -12.89 -18.16
N HIS B 301 -42.47 -13.77 -17.80
CA HIS B 301 -42.56 -15.10 -18.38
C HIS B 301 -43.85 -15.26 -19.16
N GLU B 302 -43.89 -16.29 -20.00
CA GLU B 302 -45.04 -16.62 -20.83
C GLU B 302 -45.09 -18.13 -21.03
N ASN B 303 -45.88 -18.56 -22.01
CA ASN B 303 -45.82 -19.93 -22.52
C ASN B 303 -45.60 -19.92 -24.03
N GLY B 318 -50.99 -16.65 -22.89
CA GLY B 318 -51.40 -15.26 -22.98
C GLY B 318 -51.51 -14.58 -21.63
N VAL B 319 -50.88 -15.18 -20.62
CA VAL B 319 -50.88 -14.66 -19.26
C VAL B 319 -49.44 -14.38 -18.87
N LYS B 320 -49.17 -13.15 -18.48
CA LYS B 320 -47.81 -12.63 -18.33
C LYS B 320 -47.48 -12.42 -16.85
N LYS B 321 -46.50 -13.16 -16.34
CA LYS B 321 -46.02 -12.97 -14.98
C LYS B 321 -45.19 -11.70 -14.88
N PHE B 322 -44.90 -11.29 -13.64
CA PHE B 322 -44.04 -10.18 -13.33
C PHE B 322 -43.33 -10.46 -12.01
N LYS B 323 -42.13 -9.89 -11.85
CA LYS B 323 -41.34 -10.07 -10.63
C LYS B 323 -40.70 -8.75 -10.27
N ILE B 324 -41.01 -8.24 -9.07
CA ILE B 324 -40.56 -6.93 -8.60
C ILE B 324 -39.97 -7.12 -7.22
N GLN B 325 -38.90 -6.36 -6.92
CA GLN B 325 -38.34 -6.38 -5.57
C GLN B 325 -38.96 -5.29 -4.69
N PHE B 326 -38.65 -5.37 -3.40
CA PHE B 326 -39.11 -4.42 -2.39
C PHE B 326 -37.93 -3.77 -1.70
N HIS B 327 -38.01 -2.45 -1.52
CA HIS B 327 -37.18 -1.74 -0.57
C HIS B 327 -37.99 -0.58 0.00
N ASP B 328 -37.67 -0.21 1.23
CA ASP B 328 -38.18 1.04 1.78
C ASP B 328 -37.64 2.23 0.98
N PRO B 329 -38.43 3.31 0.85
CA PRO B 329 -38.10 4.33 -0.16
C PRO B 329 -36.82 5.10 0.10
N LEU B 330 -36.32 5.16 1.32
CA LEU B 330 -35.06 5.84 1.56
C LEU B 330 -33.90 5.03 1.00
N LYS B 331 -34.02 3.71 0.99
CA LYS B 331 -32.95 2.89 0.44
C LYS B 331 -32.92 2.97 -1.08
N ALA B 332 -33.97 2.47 -1.74
CA ALA B 332 -33.96 2.24 -3.19
C ALA B 332 -33.80 3.51 -4.01
N LEU B 333 -34.14 4.67 -3.45
CA LEU B 333 -33.83 5.92 -4.13
C LEU B 333 -32.35 6.28 -3.95
N TRP B 334 -31.86 6.28 -2.72
CA TRP B 334 -30.47 6.60 -2.46
C TRP B 334 -29.48 5.51 -2.82
N THR B 335 -29.92 4.30 -3.22
CA THR B 335 -28.97 3.29 -3.64
C THR B 335 -28.29 3.68 -4.95
N LYS B 336 -29.04 4.23 -5.88
CA LYS B 336 -28.49 4.62 -7.16
C LYS B 336 -28.15 6.11 -7.17
N HIS B 337 -27.26 6.47 -6.24
CA HIS B 337 -26.84 7.85 -6.03
C HIS B 337 -25.48 7.82 -5.35
N LYS B 338 -24.45 8.32 -6.03
CA LYS B 338 -23.07 8.20 -5.57
C LYS B 338 -22.31 9.52 -5.73
N PRO B 339 -22.49 10.47 -4.81
CA PRO B 339 -21.69 11.69 -4.85
C PRO B 339 -20.44 11.56 -3.98
N SER B 340 -19.51 12.48 -4.19
CA SER B 340 -18.32 12.57 -3.33
C SER B 340 -17.80 14.00 -3.40
N TYR B 341 -17.93 14.74 -2.31
CA TYR B 341 -17.46 16.12 -2.27
C TYR B 341 -16.98 16.41 -0.84
N ILE B 342 -16.64 17.67 -0.59
CA ILE B 342 -16.15 18.12 0.70
C ILE B 342 -17.03 19.27 1.16
N ALA B 343 -17.58 19.16 2.37
CA ALA B 343 -18.35 20.24 2.97
C ALA B 343 -17.61 20.78 4.18
N LEU B 344 -17.74 22.08 4.40
CA LEU B 344 -17.00 22.77 5.46
C LEU B 344 -17.99 23.47 6.38
N ASN B 345 -17.78 23.30 7.69
CA ASN B 345 -18.58 23.92 8.76
C ASN B 345 -20.05 23.56 8.69
N LYS B 346 -20.37 22.39 8.15
CA LYS B 346 -21.74 21.89 8.13
C LYS B 346 -21.89 20.77 9.14
N SER B 347 -23.05 20.74 9.81
CA SER B 347 -23.39 19.68 10.72
C SER B 347 -24.13 18.59 9.96
N LEU B 348 -24.36 17.46 10.63
CA LEU B 348 -24.86 16.27 9.94
C LEU B 348 -26.30 16.43 9.49
N ASP B 349 -27.16 16.97 10.35
CA ASP B 349 -28.54 17.26 9.94
C ASP B 349 -28.59 18.34 8.85
N ASP B 350 -27.54 19.15 8.75
CA ASP B 350 -27.44 20.07 7.62
C ASP B 350 -26.88 19.37 6.38
N ILE B 351 -26.16 18.26 6.57
CA ILE B 351 -25.60 17.54 5.42
C ILE B 351 -26.68 16.69 4.75
N PHE B 352 -27.42 15.90 5.55
CA PHE B 352 -28.37 14.95 4.97
C PHE B 352 -29.54 15.67 4.32
N LYS B 353 -29.94 16.83 4.85
CA LYS B 353 -31.03 17.57 4.25
C LYS B 353 -30.63 18.27 2.95
N ASP B 354 -29.32 18.37 2.68
CA ASP B 354 -28.90 18.84 1.36
C ASP B 354 -29.16 17.77 0.30
N ASN B 355 -28.83 16.52 0.61
CA ASN B 355 -28.97 15.43 -0.34
C ASN B 355 -30.37 14.82 -0.35
N PHE B 356 -31.31 15.34 0.43
CA PHE B 356 -32.62 14.73 0.59
C PHE B 356 -33.59 15.44 -0.36
N PHE B 357 -33.59 15.00 -1.61
CA PHE B 357 -34.37 15.64 -2.67
C PHE B 357 -35.72 14.93 -2.79
N PHE B 358 -36.43 14.74 -1.68
CA PHE B 358 -37.66 13.95 -1.70
C PHE B 358 -38.60 14.53 -0.65
N ASP B 359 -39.52 15.40 -1.08
CA ASP B 359 -40.55 15.90 -0.18
C ASP B 359 -41.95 15.72 -0.73
N SER B 360 -42.12 15.34 -1.99
CA SER B 360 -43.42 14.99 -2.51
C SER B 360 -43.75 13.51 -2.31
N LEU B 361 -42.89 12.78 -1.58
CA LEU B 361 -43.15 11.39 -1.26
C LEU B 361 -43.26 11.15 0.23
N PHE B 362 -42.25 11.56 1.00
CA PHE B 362 -42.20 11.27 2.42
C PHE B 362 -41.32 12.33 3.08
N SER B 363 -40.95 12.09 4.34
CA SER B 363 -40.05 12.97 5.05
C SER B 363 -39.32 12.16 6.12
N LEU B 364 -38.30 12.77 6.71
CA LEU B 364 -37.56 12.13 7.80
C LEU B 364 -37.46 13.11 8.96
N ASP B 365 -37.73 12.59 10.16
CA ASP B 365 -37.71 13.40 11.38
C ASP B 365 -36.29 13.44 11.92
N THR B 366 -35.65 14.61 11.83
CA THR B 366 -34.43 14.90 12.57
C THR B 366 -34.67 16.20 13.33
N ASN B 367 -35.34 16.08 14.47
CA ASN B 367 -35.54 17.20 15.38
C ASN B 367 -35.38 16.78 16.83
N LYS B 368 -35.02 15.52 17.07
CA LYS B 368 -34.95 14.98 18.42
C LYS B 368 -33.57 14.47 18.79
N SER B 369 -32.62 14.49 17.86
CA SER B 369 -31.34 13.82 18.10
C SER B 369 -30.39 14.68 18.93
N ASN B 370 -30.01 15.84 18.40
CA ASN B 370 -29.01 16.77 18.98
C ASN B 370 -27.66 16.10 19.24
N ASN B 371 -27.33 15.07 18.46
CA ASN B 371 -25.95 14.70 18.20
C ASN B 371 -25.55 14.92 16.76
N LEU B 372 -26.53 14.96 15.86
CA LEU B 372 -26.31 15.16 14.45
C LEU B 372 -26.34 16.64 14.06
N LYS B 373 -26.25 17.54 15.05
CA LYS B 373 -26.24 18.98 14.80
C LYS B 373 -24.94 19.62 15.27
N ILE B 374 -23.97 18.82 15.71
CA ILE B 374 -22.68 19.36 16.09
C ILE B 374 -21.91 19.76 14.84
N ARG B 375 -21.42 21.00 14.80
CA ARG B 375 -20.70 21.50 13.64
C ARG B 375 -19.35 20.81 13.51
N ILE B 376 -19.18 20.07 12.43
CA ILE B 376 -17.90 19.48 12.05
C ILE B 376 -17.18 20.50 11.18
N PRO B 377 -15.90 20.80 11.44
CA PRO B 377 -15.23 21.83 10.63
C PRO B 377 -14.87 21.36 9.23
N GLN B 378 -14.48 20.10 9.05
CA GLN B 378 -14.05 19.58 7.76
C GLN B 378 -14.72 18.23 7.51
N ALA B 379 -15.82 18.23 6.79
CA ALA B 379 -16.55 17.01 6.48
C ALA B 379 -16.11 16.49 5.12
N PHE B 380 -15.53 15.29 5.11
CA PHE B 380 -15.10 14.64 3.87
C PHE B 380 -16.07 13.53 3.55
N ILE B 381 -17.03 13.81 2.67
CA ILE B 381 -17.99 12.80 2.24
C ILE B 381 -17.37 12.00 1.12
N SER B 382 -17.31 10.67 1.29
CA SER B 382 -16.59 9.80 0.35
C SER B 382 -17.40 8.53 0.09
N THR B 383 -18.24 8.57 -0.93
CA THR B 383 -18.86 7.37 -1.47
C THR B 383 -18.16 7.06 -2.78
N VAL B 384 -16.93 6.56 -2.68
CA VAL B 384 -16.10 6.39 -3.86
C VAL B 384 -16.46 5.12 -4.61
N ASN B 385 -16.26 3.97 -3.97
CA ASN B 385 -16.58 2.68 -4.57
C ASN B 385 -17.77 2.03 -3.86
N ARG B 386 -18.71 2.82 -3.39
CA ARG B 386 -19.82 2.28 -2.62
C ARG B 386 -21.04 3.16 -2.78
N ASN B 387 -22.10 2.77 -2.10
CA ASN B 387 -23.37 3.46 -2.08
C ASN B 387 -23.28 4.71 -1.19
N PHE B 388 -24.23 5.63 -1.38
CA PHE B 388 -24.42 6.72 -0.42
C PHE B 388 -25.24 6.28 0.78
N TYR B 389 -26.15 5.34 0.59
CA TYR B 389 -26.95 4.82 1.69
C TYR B 389 -26.09 4.05 2.70
N ASP B 390 -24.95 3.50 2.25
CA ASP B 390 -24.00 2.96 3.19
C ASP B 390 -23.29 4.06 3.98
N PHE B 391 -23.06 5.22 3.36
CA PHE B 391 -22.51 6.35 4.10
C PHE B 391 -23.53 6.90 5.09
N PHE B 392 -24.81 6.82 4.74
CA PHE B 392 -25.86 7.27 5.63
C PHE B 392 -25.90 6.46 6.92
N ILE B 393 -25.51 5.20 6.85
CA ILE B 393 -25.61 4.32 8.01
C ILE B 393 -24.27 4.22 8.75
N GLN B 394 -23.15 4.34 8.03
CA GLN B 394 -21.84 4.20 8.67
C GLN B 394 -21.56 5.33 9.65
N GLN B 395 -21.93 6.55 9.28
CA GLN B 395 -21.83 7.64 10.23
C GLN B 395 -23.04 7.69 11.15
N LEU B 396 -24.05 6.86 10.89
CA LEU B 396 -25.15 6.75 11.84
C LEU B 396 -24.81 5.75 12.94
N GLU B 397 -23.99 4.75 12.61
CA GLU B 397 -23.56 3.79 13.62
C GLU B 397 -22.57 4.41 14.59
N GLN B 398 -21.69 5.27 14.10
CA GLN B 398 -20.69 5.91 14.94
C GLN B 398 -21.22 7.12 15.69
N ASN B 399 -22.54 7.33 15.69
CA ASN B 399 -23.18 8.24 16.61
C ASN B 399 -24.24 7.56 17.43
N LYS B 400 -24.46 6.25 17.20
CA LYS B 400 -25.32 5.37 17.98
C LYS B 400 -26.77 5.87 18.04
N CYS B 401 -27.39 5.86 16.88
CA CYS B 401 -28.76 6.34 16.71
C CYS B 401 -29.68 5.18 16.33
N TYR B 402 -30.96 5.49 16.21
CA TYR B 402 -31.96 4.56 15.75
C TYR B 402 -32.53 5.01 14.41
N LEU B 403 -33.04 4.06 13.65
CA LEU B 403 -33.97 4.35 12.57
C LEU B 403 -35.31 3.70 12.85
N LYS B 404 -36.36 4.25 12.25
CA LYS B 404 -37.64 3.58 12.17
C LYS B 404 -38.31 3.87 10.84
N TYR B 405 -38.58 2.82 10.08
CA TYR B 405 -39.59 2.89 9.06
C TYR B 405 -40.95 2.96 9.74
N PHE B 406 -41.83 3.82 9.25
CA PHE B 406 -43.15 3.94 9.83
C PHE B 406 -44.14 4.45 8.78
N CYS B 407 -45.33 3.88 8.80
CA CYS B 407 -46.44 4.34 7.99
C CYS B 407 -47.61 4.66 8.90
N ASP B 408 -48.38 5.68 8.54
CA ASP B 408 -49.71 5.84 9.10
C ASP B 408 -50.66 4.93 8.36
N LYS B 409 -51.46 4.17 9.11
CA LYS B 409 -52.43 3.30 8.47
C LYS B 409 -53.59 4.09 7.87
N LYS B 410 -53.85 5.30 8.39
CA LYS B 410 -54.98 6.12 7.95
C LYS B 410 -54.51 7.57 7.79
N SER B 411 -53.99 7.94 6.62
CA SER B 411 -53.63 7.04 5.52
C SER B 411 -52.13 7.15 5.31
N GLY B 412 -51.61 6.46 4.29
CA GLY B 412 -50.18 6.22 4.13
C GLY B 412 -49.28 7.42 3.94
N LYS B 413 -48.49 7.73 4.97
CA LYS B 413 -47.47 8.79 4.91
C LYS B 413 -46.22 8.25 5.60
N VAL B 414 -45.18 7.97 4.82
CA VAL B 414 -43.96 7.39 5.35
C VAL B 414 -43.17 8.46 6.10
N SER B 415 -42.62 8.09 7.26
CA SER B 415 -41.82 9.01 8.04
C SER B 415 -40.72 8.26 8.78
N TYR B 416 -39.48 8.68 8.57
CA TYR B 416 -38.33 8.12 9.24
C TYR B 416 -37.99 8.92 10.49
N HIS B 417 -37.56 8.22 11.53
CA HIS B 417 -37.27 8.83 12.82
C HIS B 417 -35.86 8.47 13.25
N VAL B 418 -35.09 9.47 13.69
CA VAL B 418 -33.74 9.27 14.21
C VAL B 418 -33.69 9.92 15.57
N VAL B 419 -33.70 9.10 16.63
CA VAL B 419 -33.62 9.57 18.00
C VAL B 419 -32.50 8.78 18.67
N ASP B 420 -31.69 9.45 19.48
CA ASP B 420 -30.54 8.80 20.13
C ASP B 420 -30.98 7.78 21.16
N GLN B 421 -32.13 7.98 21.79
CA GLN B 421 -32.65 7.04 22.78
C GLN B 421 -34.07 6.64 22.43
N VAL B 422 -34.75 5.97 23.35
CA VAL B 422 -36.16 5.67 23.20
C VAL B 422 -36.91 6.27 24.39
N ASP B 423 -37.98 6.99 24.09
CA ASP B 423 -38.73 7.76 25.08
C ASP B 423 -40.20 7.58 24.76
N ASN B 424 -41.04 8.42 25.36
CA ASN B 424 -42.43 8.51 24.96
C ASN B 424 -42.65 9.51 23.83
N ASP B 425 -41.60 10.22 23.39
CA ASP B 425 -41.73 11.16 22.28
C ASP B 425 -41.84 10.42 20.96
N LEU B 426 -41.11 9.31 20.81
CA LEU B 426 -41.39 8.41 19.70
C LEU B 426 -42.73 7.72 19.88
N GLN B 427 -42.93 7.09 21.03
CA GLN B 427 -44.01 6.12 21.21
C GLN B 427 -45.39 6.75 21.33
N ARG B 428 -45.49 8.08 21.38
CA ARG B 428 -46.75 8.73 21.02
C ARG B 428 -47.11 8.42 19.58
N ASN B 429 -46.13 8.52 18.68
CA ASN B 429 -46.36 8.35 17.26
C ASN B 429 -46.28 6.91 16.81
N ILE B 430 -46.12 5.95 17.73
CA ILE B 430 -46.01 4.55 17.35
C ILE B 430 -47.19 3.84 18.01
N VAL B 431 -48.28 4.56 18.22
CA VAL B 431 -49.51 3.90 18.66
C VAL B 431 -50.07 3.07 17.51
N ASN B 432 -50.31 1.79 17.77
CA ASN B 432 -50.97 0.93 16.80
C ASN B 432 -52.42 1.36 16.65
N SER B 433 -52.77 1.91 15.49
CA SER B 433 -54.09 2.49 15.28
C SER B 433 -55.11 1.37 15.06
N ASP B 434 -55.42 0.69 16.15
CA ASP B 434 -56.41 -0.39 16.21
C ASP B 434 -57.12 -0.28 17.55
N GLU B 435 -57.99 -1.25 17.83
CA GLU B 435 -58.61 -1.37 19.14
C GLU B 435 -58.53 -2.81 19.62
N ASP B 436 -58.65 -2.96 20.94
CA ASP B 436 -58.59 -4.23 21.67
C ASP B 436 -57.27 -4.96 21.40
N LEU B 437 -56.19 -4.30 21.84
CA LEU B 437 -54.83 -4.76 21.63
C LEU B 437 -54.28 -5.23 22.97
N LYS B 438 -54.27 -6.53 23.18
CA LYS B 438 -53.93 -7.10 24.48
C LYS B 438 -52.48 -7.60 24.47
N ASP B 439 -52.03 -8.06 25.63
CA ASP B 439 -50.66 -8.53 25.80
C ASP B 439 -50.62 -9.92 26.44
N LYS B 440 -49.44 -10.35 26.87
CA LYS B 440 -49.23 -11.39 27.87
C LYS B 440 -49.56 -12.79 27.38
N LEU B 441 -49.69 -12.97 26.06
CA LEU B 441 -49.98 -14.26 25.41
C LEU B 441 -51.28 -14.86 25.92
N SER B 442 -52.39 -14.18 25.63
CA SER B 442 -53.70 -14.69 25.99
C SER B 442 -54.01 -15.94 25.17
N PRO B 443 -54.68 -16.95 25.75
CA PRO B 443 -54.72 -18.28 25.12
C PRO B 443 -55.63 -18.41 23.89
N TYR B 444 -55.54 -17.45 22.97
CA TYR B 444 -55.83 -17.67 21.57
C TYR B 444 -54.55 -17.72 20.75
N ASP B 445 -53.44 -17.28 21.33
CA ASP B 445 -52.14 -17.34 20.68
C ASP B 445 -51.65 -18.78 20.60
N ILE B 446 -51.78 -19.52 21.71
CA ILE B 446 -51.33 -20.91 21.80
C ILE B 446 -52.07 -21.79 20.80
N SER B 447 -53.31 -21.41 20.46
CA SER B 447 -54.01 -22.09 19.38
C SER B 447 -53.34 -21.86 18.02
N CYS B 448 -52.69 -20.72 17.83
CA CYS B 448 -52.06 -20.40 16.54
C CYS B 448 -50.54 -20.31 16.72
N PHE B 449 -49.89 -21.46 16.65
CA PHE B 449 -48.44 -21.54 16.49
C PHE B 449 -48.10 -22.71 15.60
N LYS B 450 -46.88 -22.72 15.10
CA LYS B 450 -46.40 -23.87 14.33
C LYS B 450 -45.11 -24.41 14.92
N LYS B 451 -44.20 -23.52 15.33
CA LYS B 451 -42.94 -23.93 15.93
C LYS B 451 -42.50 -22.89 16.95
N GLN B 452 -41.40 -23.19 17.63
CA GLN B 452 -40.62 -22.23 18.41
C GLN B 452 -39.15 -22.55 18.18
N ILE B 453 -38.38 -21.57 17.74
CA ILE B 453 -36.98 -21.75 17.41
C ILE B 453 -36.16 -20.79 18.24
N LEU B 454 -35.11 -21.29 18.87
CA LEU B 454 -34.17 -20.41 19.55
C LEU B 454 -33.03 -19.97 18.64
N ILE B 455 -32.48 -18.82 18.97
CA ILE B 455 -31.14 -18.39 18.61
C ILE B 455 -30.54 -18.21 20.01
N SER B 456 -29.30 -17.72 20.11
CA SER B 456 -28.53 -17.80 21.34
C SER B 456 -29.16 -17.00 22.49
N ASN B 457 -28.68 -17.30 23.69
CA ASN B 457 -29.29 -16.93 24.94
C ASN B 457 -28.28 -16.13 25.75
N LYS B 458 -28.73 -15.53 26.86
CA LYS B 458 -27.86 -14.78 27.75
C LYS B 458 -26.85 -15.71 28.39
N SER B 459 -25.59 -15.61 27.96
CA SER B 459 -24.56 -16.54 28.35
C SER B 459 -24.03 -16.21 29.74
N ASN B 460 -23.02 -16.96 30.18
CA ASN B 460 -22.44 -16.73 31.49
C ASN B 460 -20.90 -16.75 31.45
N PHE B 461 -20.30 -16.64 30.28
CA PHE B 461 -18.85 -16.59 30.15
C PHE B 461 -18.47 -15.66 29.03
N TYR B 462 -17.35 -14.95 29.22
CA TYR B 462 -16.80 -14.07 28.19
C TYR B 462 -15.32 -14.35 28.04
N VAL B 463 -14.75 -13.79 26.97
CA VAL B 463 -13.33 -13.90 26.69
C VAL B 463 -12.67 -12.59 27.08
N LYS B 464 -11.57 -12.67 27.82
CA LYS B 464 -10.81 -11.48 28.21
C LYS B 464 -10.23 -10.81 26.97
N GLU B 465 -10.68 -9.60 26.70
CA GLU B 465 -10.25 -8.85 25.52
C GLU B 465 -9.43 -7.66 25.99
N LYS B 466 -8.14 -7.68 25.71
CA LYS B 466 -7.26 -6.62 26.14
C LYS B 466 -7.06 -5.60 25.02
N ASN B 467 -6.43 -4.48 25.37
CA ASN B 467 -6.32 -3.35 24.46
C ASN B 467 -4.93 -2.76 24.60
N ILE B 468 -4.14 -2.82 23.52
CA ILE B 468 -2.75 -2.40 23.53
C ILE B 468 -2.57 -1.25 22.56
N CYS B 469 -1.99 -0.15 23.04
CA CYS B 469 -1.48 0.91 22.19
C CYS B 469 0.03 0.80 22.17
N PRO B 470 0.64 0.12 21.20
CA PRO B 470 2.09 -0.04 21.22
C PRO B 470 2.81 1.25 20.82
N ASP B 471 3.31 1.97 21.81
CA ASP B 471 3.92 3.27 21.59
C ASP B 471 5.01 3.51 22.62
N VAL B 472 6.21 3.84 22.14
CA VAL B 472 7.14 4.57 22.97
C VAL B 472 6.58 5.97 23.18
N THR B 473 6.84 6.54 24.36
CA THR B 473 6.46 7.90 24.77
C THR B 473 4.93 8.06 24.85
N LEU B 474 4.30 7.13 25.57
CA LEU B 474 2.98 7.33 26.19
C LEU B 474 3.16 6.73 27.58
N ASN B 475 3.54 7.58 28.53
CA ASN B 475 4.09 7.10 29.80
C ASN B 475 2.99 6.86 30.84
N THR B 476 1.99 6.10 30.43
CA THR B 476 0.94 5.58 31.30
C THR B 476 0.91 4.07 31.09
N GLN B 477 -0.12 3.39 31.58
CA GLN B 477 -0.29 1.98 31.24
C GLN B 477 -0.62 1.84 29.77
N ARG B 478 -0.12 0.77 29.16
CA ARG B 478 -0.36 0.50 27.75
C ARG B 478 -1.48 -0.52 27.59
N LYS B 479 -1.40 -1.64 28.30
CA LYS B 479 -2.48 -2.60 28.32
C LYS B 479 -3.59 -2.15 29.27
N GLU B 480 -4.82 -2.10 28.75
CA GLU B 480 -6.00 -1.92 29.58
C GLU B 480 -7.06 -2.90 29.14
N ASP B 481 -7.83 -3.39 30.09
CA ASP B 481 -8.85 -4.38 29.81
C ASP B 481 -10.15 -3.69 29.42
N ARG B 482 -10.90 -4.31 28.52
CA ARG B 482 -12.16 -3.73 28.11
C ARG B 482 -13.22 -3.88 29.19
N LYS B 483 -14.33 -3.15 29.01
CA LYS B 483 -15.36 -3.03 30.02
C LYS B 483 -16.67 -3.59 29.49
N ILE B 484 -17.37 -4.33 30.35
CA ILE B 484 -18.58 -5.04 29.97
C ILE B 484 -19.76 -4.44 30.72
N SER B 485 -20.83 -4.14 29.98
CA SER B 485 -22.03 -3.57 30.58
C SER B 485 -22.82 -4.58 31.40
N ASP B 486 -22.59 -5.87 31.22
CA ASP B 486 -23.39 -6.92 31.84
C ASP B 486 -22.53 -7.69 32.83
N THR B 487 -22.83 -7.55 34.11
CA THR B 487 -22.12 -8.26 35.16
C THR B 487 -22.75 -9.64 35.35
N LEU B 488 -22.37 -10.33 36.45
CA LEU B 488 -22.66 -11.74 36.72
C LEU B 488 -22.19 -12.66 35.60
N VAL B 489 -21.11 -12.28 34.92
CA VAL B 489 -20.53 -13.07 33.83
C VAL B 489 -19.05 -13.25 34.15
N LYS B 490 -18.58 -14.49 34.09
CA LYS B 490 -17.22 -14.74 34.53
C LYS B 490 -16.28 -14.92 33.33
N PRO B 491 -15.03 -14.49 33.44
CA PRO B 491 -14.09 -14.67 32.32
C PRO B 491 -13.60 -16.11 32.24
N PHE B 492 -13.04 -16.43 31.07
CA PHE B 492 -12.27 -17.65 30.96
C PHE B 492 -10.89 -17.44 31.57
N SER B 493 -10.11 -18.51 31.61
CA SER B 493 -8.77 -18.46 32.18
C SER B 493 -7.75 -18.65 31.07
N SER B 494 -6.84 -17.68 30.95
CA SER B 494 -5.66 -17.74 30.06
C SER B 494 -6.03 -17.88 28.59
N ILE B 495 -7.01 -17.09 28.16
CA ILE B 495 -7.33 -16.90 26.75
C ILE B 495 -7.54 -15.41 26.51
N LEU B 496 -6.87 -14.87 25.50
CA LEU B 496 -6.84 -13.43 25.27
C LEU B 496 -7.45 -13.12 23.91
N LYS B 497 -7.73 -11.83 23.71
CA LYS B 497 -7.98 -11.25 22.40
C LYS B 497 -7.30 -9.89 22.39
N ASP B 498 -6.19 -9.78 21.67
CA ASP B 498 -5.38 -8.57 21.68
C ASP B 498 -5.80 -7.67 20.52
N ASN B 499 -6.50 -6.59 20.85
CA ASN B 499 -7.01 -5.64 19.86
C ASN B 499 -6.03 -4.47 19.82
N LEU B 500 -5.12 -4.50 18.85
CA LEU B 500 -4.10 -3.48 18.75
C LEU B 500 -4.70 -2.19 18.16
N GLN B 501 -3.89 -1.14 18.16
CA GLN B 501 -4.17 0.07 17.40
C GLN B 501 -2.95 0.37 16.55
N SER B 502 -3.18 0.75 15.30
CA SER B 502 -2.07 1.13 14.43
C SER B 502 -1.49 2.45 14.89
N VAL B 503 -0.24 2.70 14.48
CA VAL B 503 0.50 3.87 14.94
C VAL B 503 0.72 4.79 13.75
N GLU B 504 0.08 5.95 13.80
CA GLU B 504 0.28 6.97 12.80
C GLU B 504 1.50 7.81 13.16
N TYR B 505 1.83 8.76 12.26
CA TYR B 505 2.82 9.77 12.62
C TYR B 505 2.28 10.73 13.65
N ILE B 506 0.96 10.94 13.67
CA ILE B 506 0.32 11.84 14.63
C ILE B 506 0.53 11.28 16.04
N GLN B 507 0.55 12.18 17.03
CA GLN B 507 0.33 11.86 18.43
C GLN B 507 -0.89 10.96 18.53
N SER B 508 -0.69 9.73 18.99
CA SER B 508 -1.69 8.69 18.81
C SER B 508 -2.90 8.93 19.70
N ASN B 509 -4.08 8.78 19.13
CA ASN B 509 -5.31 9.23 19.76
C ASN B 509 -5.80 8.24 20.80
N ASN B 510 -7.00 8.47 21.32
CA ASN B 510 -7.52 7.68 22.43
C ASN B 510 -9.04 7.78 22.43
N ASP B 511 -9.72 6.67 22.73
CA ASP B 511 -9.13 5.36 22.99
C ASP B 511 -9.93 4.27 22.30
N ASP B 512 -10.97 4.71 21.57
CA ASP B 512 -12.00 3.85 20.99
C ASP B 512 -12.64 2.97 22.07
N LYS B 513 -13.27 3.65 23.04
CA LYS B 513 -13.80 2.99 24.23
C LYS B 513 -15.09 2.24 23.85
N GLN B 514 -14.90 1.05 23.28
CA GLN B 514 -16.01 0.18 22.97
C GLN B 514 -16.34 -0.70 24.17
N GLU B 515 -17.18 -1.71 23.96
CA GLU B 515 -17.45 -2.70 24.99
C GLU B 515 -17.33 -4.08 24.35
N ILE B 516 -17.12 -5.08 25.20
CA ILE B 516 -17.16 -6.47 24.74
C ILE B 516 -18.61 -6.80 24.43
N ILE B 517 -18.93 -6.96 23.15
CA ILE B 517 -20.30 -7.15 22.72
C ILE B 517 -20.70 -8.58 23.08
N THR B 518 -21.53 -8.71 24.12
CA THR B 518 -21.95 -10.02 24.61
C THR B 518 -23.15 -10.50 23.79
N THR B 519 -23.80 -11.56 24.24
CA THR B 519 -24.92 -12.15 23.53
C THR B 519 -26.22 -11.75 24.21
N GLY B 520 -27.28 -11.68 23.41
CA GLY B 520 -28.57 -11.29 23.92
C GLY B 520 -29.54 -12.45 24.06
N PHE B 521 -30.66 -12.37 23.36
CA PHE B 521 -31.72 -13.38 23.49
C PHE B 521 -32.62 -13.24 22.28
N GLU B 522 -32.74 -14.29 21.47
CA GLU B 522 -33.55 -14.22 20.25
C GLU B 522 -34.34 -15.50 20.07
N ILE B 523 -35.66 -15.38 20.11
CA ILE B 523 -36.58 -16.47 19.78
C ILE B 523 -37.14 -16.21 18.39
N LEU B 524 -36.99 -17.18 17.51
CA LEU B 524 -37.78 -17.23 16.29
C LEU B 524 -39.08 -17.97 16.57
N LEU B 525 -40.20 -17.36 16.23
CA LEU B 525 -41.48 -18.04 16.24
C LEU B 525 -41.89 -18.34 14.81
N THR B 526 -42.99 -19.08 14.68
CA THR B 526 -43.69 -19.22 13.41
C THR B 526 -45.17 -19.11 13.71
N SER B 527 -45.99 -18.92 12.68
CA SER B 527 -47.43 -18.87 12.85
C SER B 527 -48.12 -19.26 11.56
N ARG B 528 -49.44 -19.22 11.58
CA ARG B 528 -50.27 -19.38 10.41
C ARG B 528 -51.26 -18.24 10.26
N ASN B 529 -51.19 -17.25 11.15
CA ASN B 529 -52.08 -16.10 11.14
C ASN B 529 -51.27 -14.86 11.50
N THR B 530 -51.86 -13.70 11.24
CA THR B 530 -51.54 -12.55 12.07
C THR B 530 -52.25 -12.75 13.40
N LEU B 531 -51.50 -12.62 14.50
CA LEU B 531 -51.95 -13.19 15.77
C LEU B 531 -53.11 -12.41 16.36
N PRO B 532 -54.20 -13.08 16.74
CA PRO B 532 -55.24 -12.42 17.52
C PRO B 532 -54.73 -12.10 18.92
N PHE B 533 -55.03 -10.89 19.37
CA PHE B 533 -54.81 -10.43 20.76
C PHE B 533 -53.33 -10.40 21.14
N LEU B 534 -52.52 -9.81 20.26
CA LEU B 534 -51.20 -9.29 20.63
C LEU B 534 -50.95 -8.04 19.80
N ASP B 535 -49.78 -7.46 19.98
CA ASP B 535 -49.29 -6.39 19.11
C ASP B 535 -48.20 -6.98 18.24
N THR B 536 -48.60 -7.63 17.15
CA THR B 536 -47.64 -8.08 16.15
C THR B 536 -47.37 -7.01 15.11
N GLU B 537 -47.06 -5.81 15.58
CA GLU B 537 -46.81 -4.64 14.74
C GLU B 537 -45.64 -3.93 15.41
N ILE B 538 -44.61 -3.62 14.64
CA ILE B 538 -43.30 -3.35 15.22
C ILE B 538 -43.31 -1.95 15.83
N THR B 539 -43.65 -1.89 17.11
CA THR B 539 -43.38 -0.74 17.94
C THR B 539 -42.14 -1.01 18.76
N LEU B 540 -41.57 0.04 19.34
CA LEU B 540 -40.53 -0.19 20.34
C LEU B 540 -41.14 -0.08 21.73
N SER B 541 -42.08 -0.97 22.01
CA SER B 541 -42.81 -1.01 23.27
C SER B 541 -42.68 -2.40 23.88
N LYS B 542 -43.44 -2.67 24.93
CA LYS B 542 -43.19 -3.83 25.77
C LYS B 542 -44.28 -4.88 25.60
N LEU B 543 -43.89 -6.13 25.86
CA LEU B 543 -44.80 -7.27 25.89
C LEU B 543 -44.47 -8.10 27.11
N ASP B 544 -45.41 -8.24 28.03
CA ASP B 544 -45.13 -8.76 29.37
C ASP B 544 -44.99 -10.29 29.33
N ASN B 545 -44.79 -10.89 30.50
CA ASN B 545 -44.66 -12.33 30.62
C ASN B 545 -45.35 -12.82 31.88
N ASP B 546 -46.42 -13.58 31.71
CA ASP B 546 -47.04 -14.32 32.79
C ASP B 546 -47.09 -15.81 32.53
N GLN B 547 -46.76 -16.26 31.33
CA GLN B 547 -46.83 -17.67 30.96
C GLN B 547 -45.47 -18.12 30.46
N ASN B 548 -45.15 -19.38 30.72
CA ASN B 548 -43.87 -19.98 30.37
C ASN B 548 -44.03 -21.01 29.25
N TYR B 549 -44.88 -20.69 28.26
CA TYR B 549 -45.10 -21.56 27.11
C TYR B 549 -44.14 -21.27 25.97
N LEU B 550 -43.01 -20.65 26.27
CA LEU B 550 -41.86 -20.54 25.39
C LEU B 550 -40.73 -21.37 25.99
N LEU B 551 -39.61 -21.44 25.28
CA LEU B 551 -38.39 -21.96 25.91
C LEU B 551 -37.86 -20.92 26.89
N GLY B 552 -37.39 -19.79 26.36
CA GLY B 552 -37.17 -18.54 27.08
C GLY B 552 -36.29 -18.67 28.30
N ALA B 553 -36.66 -17.91 29.32
CA ALA B 553 -36.19 -18.12 30.68
C ALA B 553 -37.21 -17.49 31.62
N THR B 554 -37.36 -18.09 32.79
CA THR B 554 -38.30 -17.56 33.78
C THR B 554 -37.78 -16.31 34.47
N ASP B 555 -36.51 -15.94 34.25
CA ASP B 555 -35.94 -14.73 34.81
C ASP B 555 -36.02 -13.55 33.86
N ILE B 556 -37.03 -13.51 32.99
CA ILE B 556 -37.10 -12.51 31.92
C ILE B 556 -38.29 -11.59 32.16
N LYS B 557 -38.04 -10.30 32.05
CA LYS B 557 -39.03 -9.23 32.10
C LYS B 557 -39.72 -9.07 30.75
N SER B 558 -40.30 -7.90 30.50
CA SER B 558 -41.04 -7.62 29.26
C SER B 558 -40.20 -7.83 28.00
N LEU B 559 -40.89 -7.97 26.87
CA LEU B 559 -40.29 -8.35 25.60
C LEU B 559 -40.72 -7.40 24.50
N TYR B 560 -40.02 -7.43 23.37
CA TYR B 560 -40.43 -6.67 22.20
C TYR B 560 -40.19 -7.48 20.93
N ILE B 561 -40.72 -6.97 19.83
CA ILE B 561 -40.69 -7.65 18.53
C ILE B 561 -39.85 -6.81 17.58
N SER B 562 -38.85 -7.44 16.96
CA SER B 562 -37.92 -6.70 16.11
C SER B 562 -37.98 -7.07 14.63
N GLN B 563 -38.70 -8.12 14.24
CA GLN B 563 -38.87 -8.45 12.83
C GLN B 563 -40.25 -9.03 12.58
N ARG B 564 -40.62 -9.07 11.30
CA ARG B 564 -41.70 -9.90 10.80
C ARG B 564 -41.29 -10.45 9.44
N LYS B 565 -41.85 -11.59 9.07
CA LYS B 565 -41.67 -12.15 7.74
C LYS B 565 -43.02 -12.64 7.25
N LEU B 566 -43.29 -12.44 5.96
CA LEU B 566 -44.60 -12.75 5.40
C LEU B 566 -44.42 -13.52 4.10
N LEU B 567 -44.78 -14.80 4.10
CA LEU B 567 -44.91 -15.57 2.88
C LEU B 567 -46.40 -15.73 2.57
N PHE B 568 -46.85 -15.11 1.50
CA PHE B 568 -48.23 -15.24 1.04
C PHE B 568 -48.21 -15.95 -0.31
N LYS B 569 -48.73 -17.17 -0.35
CA LYS B 569 -48.83 -17.93 -1.59
C LYS B 569 -50.28 -18.09 -1.99
N ARG B 570 -50.52 -18.00 -3.29
CA ARG B 570 -51.86 -18.21 -3.82
C ARG B 570 -52.22 -19.68 -3.75
N SER B 571 -53.44 -19.96 -3.28
CA SER B 571 -53.88 -21.32 -3.10
C SER B 571 -54.08 -22.02 -4.44
N LYS B 572 -53.77 -23.32 -4.48
CA LYS B 572 -53.76 -24.06 -5.73
C LYS B 572 -55.15 -24.28 -6.30
N TYR B 573 -56.18 -24.26 -5.44
CA TYR B 573 -57.55 -24.31 -5.93
C TYR B 573 -57.91 -23.02 -6.63
N CYS B 574 -57.41 -21.88 -6.13
CA CYS B 574 -57.69 -20.60 -6.76
C CYS B 574 -56.83 -20.38 -8.00
N SER B 575 -55.80 -21.20 -8.18
CA SER B 575 -54.94 -21.08 -9.35
C SER B 575 -55.67 -21.48 -10.63
N LYS B 576 -56.32 -22.65 -10.62
CA LYS B 576 -56.95 -23.17 -11.82
C LYS B 576 -58.21 -22.39 -12.19
N GLN B 577 -58.84 -21.77 -11.19
CA GLN B 577 -60.06 -20.99 -11.45
C GLN B 577 -59.76 -19.77 -12.29
N LEU B 578 -58.74 -19.01 -11.92
CA LEU B 578 -58.29 -17.89 -12.76
C LEU B 578 -57.66 -18.41 -14.06
N TYR B 579 -57.06 -19.59 -14.03
CA TYR B 579 -56.43 -20.16 -15.23
C TYR B 579 -57.46 -20.62 -16.26
N GLU B 580 -58.72 -20.79 -15.86
CA GLU B 580 -59.79 -21.16 -16.79
C GLU B 580 -60.63 -19.96 -17.19
N ASN B 581 -61.05 -19.14 -16.23
CA ASN B 581 -61.81 -17.95 -16.54
C ASN B 581 -60.91 -16.71 -16.57
N HIS B 609 -55.67 -17.20 -0.29
CA HIS B 609 -54.21 -17.29 -0.21
C HIS B 609 -53.78 -17.95 1.10
N ASP B 610 -52.48 -18.20 1.25
CA ASP B 610 -51.95 -18.90 2.41
C ASP B 610 -51.18 -17.95 3.30
N ASN B 611 -50.61 -18.49 4.39
CA ASN B 611 -49.92 -17.69 5.39
C ASN B 611 -48.82 -18.52 6.02
N SER B 612 -47.69 -17.87 6.31
CA SER B 612 -46.68 -18.42 7.21
C SER B 612 -45.84 -17.24 7.68
N ILE B 613 -45.92 -16.93 8.97
CA ILE B 613 -45.40 -15.67 9.51
C ILE B 613 -44.47 -15.99 10.67
N THR B 614 -43.23 -15.53 10.59
CA THR B 614 -42.28 -15.69 11.68
C THR B 614 -42.19 -14.40 12.48
N TYR B 615 -41.39 -14.43 13.55
CA TYR B 615 -41.19 -13.27 14.42
C TYR B 615 -39.81 -13.35 15.06
N LYS B 616 -39.30 -12.20 15.46
CA LYS B 616 -38.15 -12.11 16.34
C LYS B 616 -38.58 -11.47 17.65
N ILE B 617 -38.20 -12.09 18.76
CA ILE B 617 -38.54 -11.58 20.09
C ILE B 617 -37.28 -11.52 20.93
N LYS B 618 -37.00 -10.37 21.52
CA LYS B 618 -35.78 -10.15 22.27
C LYS B 618 -36.10 -9.57 23.65
N ASP B 619 -35.10 -9.58 24.53
CA ASP B 619 -35.28 -9.00 25.86
C ASP B 619 -35.32 -7.48 25.78
N TYR B 620 -36.19 -6.89 26.58
CA TYR B 620 -36.33 -5.43 26.57
C TYR B 620 -35.15 -4.74 27.23
N SER B 621 -34.44 -5.44 28.12
CA SER B 621 -33.25 -4.87 28.72
C SER B 621 -32.06 -4.86 27.78
N ASN B 622 -32.11 -5.60 26.67
CA ASN B 622 -31.10 -5.56 25.62
C ASN B 622 -31.56 -4.73 24.44
N LEU B 623 -32.30 -3.66 24.69
CA LEU B 623 -32.80 -2.81 23.62
C LEU B 623 -31.65 -2.00 23.03
N THR B 624 -31.16 -2.44 21.88
CA THR B 624 -30.03 -1.87 21.16
C THR B 624 -30.41 -1.71 19.71
N PRO B 625 -29.87 -0.70 19.01
CA PRO B 625 -30.21 -0.52 17.60
C PRO B 625 -29.63 -1.61 16.70
N GLU B 626 -30.39 -1.94 15.66
CA GLU B 626 -29.97 -2.89 14.64
C GLU B 626 -29.70 -2.16 13.34
N TYR B 627 -28.63 -2.57 12.64
CA TYR B 627 -28.13 -1.90 11.46
C TYR B 627 -27.94 -2.91 10.34
N PRO B 628 -28.21 -2.53 9.10
CA PRO B 628 -27.95 -3.43 7.97
C PRO B 628 -26.47 -3.48 7.63
N LYS B 629 -26.12 -4.43 6.76
CA LYS B 629 -24.75 -4.55 6.30
C LYS B 629 -24.42 -3.40 5.36
N TYR B 630 -23.17 -2.96 5.41
CA TYR B 630 -22.72 -1.82 4.63
C TYR B 630 -21.28 -2.05 4.20
N LYS B 631 -20.69 -1.05 3.55
CA LYS B 631 -19.36 -1.15 2.98
C LYS B 631 -18.48 -0.07 3.57
N SER B 632 -17.40 -0.46 4.24
CA SER B 632 -16.39 0.50 4.62
C SER B 632 -15.66 0.96 3.37
N PHE B 633 -15.52 2.27 3.20
CA PHE B 633 -15.10 2.81 1.91
C PHE B 633 -13.59 2.67 1.72
N SER B 634 -13.15 3.06 0.52
CA SER B 634 -11.74 3.15 0.20
C SER B 634 -11.40 4.61 -0.04
N ASN B 635 -10.12 4.93 0.10
CA ASN B 635 -9.68 6.32 0.10
C ASN B 635 -9.67 6.88 -1.32
N PHE B 636 -9.49 8.20 -1.41
CA PHE B 636 -9.29 8.85 -2.70
C PHE B 636 -8.29 9.98 -2.50
N TYR B 637 -7.59 10.32 -3.58
CA TYR B 637 -6.42 11.18 -3.49
C TYR B 637 -6.75 12.55 -4.08
N ILE B 638 -6.22 13.59 -3.47
CA ILE B 638 -6.45 14.97 -3.90
C ILE B 638 -5.11 15.66 -4.02
N ASN B 639 -4.85 16.31 -5.15
CA ASN B 639 -3.68 17.15 -5.26
C ASN B 639 -3.93 18.47 -4.57
N GLY B 640 -2.92 18.99 -3.88
CA GLY B 640 -3.15 20.17 -3.06
C GLY B 640 -2.04 21.21 -3.07
N ARG B 641 -2.44 22.47 -3.17
CA ARG B 641 -1.53 23.62 -3.19
C ARG B 641 -1.58 24.34 -1.85
N ILE B 642 -0.41 24.68 -1.32
CA ILE B 642 -0.30 25.37 -0.04
C ILE B 642 -0.23 26.86 -0.29
N THR B 643 -1.04 27.63 0.45
CA THR B 643 -0.91 29.07 0.54
C THR B 643 -0.88 29.48 2.01
N ILE B 644 -0.74 30.79 2.24
CA ILE B 644 -0.66 31.34 3.59
C ILE B 644 -1.78 32.35 3.78
N GLY B 645 -1.78 33.39 2.97
CA GLY B 645 -2.78 34.44 3.02
C GLY B 645 -3.26 34.76 1.62
N GLU B 646 -3.55 36.04 1.40
CA GLU B 646 -4.03 36.49 0.09
C GLU B 646 -3.08 37.50 -0.55
N ASN B 647 -2.67 38.52 0.19
CA ASN B 647 -1.68 39.48 -0.30
C ASN B 647 -0.30 38.98 0.08
N VAL B 648 0.48 38.57 -0.91
CA VAL B 648 1.81 38.01 -0.70
C VAL B 648 2.82 38.99 -1.26
N ASN B 649 3.61 39.58 -0.37
CA ASN B 649 4.69 40.46 -0.78
C ASN B 649 5.83 39.65 -1.40
N ASN B 650 6.69 40.34 -2.15
CA ASN B 650 7.77 39.66 -2.86
C ASN B 650 9.00 39.44 -1.99
N ASP B 651 9.02 39.95 -0.76
CA ASP B 651 9.98 39.50 0.23
C ASP B 651 9.40 38.42 1.13
N SER B 652 8.08 38.31 1.18
CA SER B 652 7.40 37.20 1.84
C SER B 652 6.85 36.21 0.82
N LYS B 653 7.57 36.02 -0.30
CA LYS B 653 7.06 35.22 -1.41
C LYS B 653 6.91 33.76 -1.04
N LYS B 654 7.97 33.13 -0.57
CA LYS B 654 7.90 31.75 -0.11
C LYS B 654 8.29 31.72 1.36
N ALA B 655 7.32 32.04 2.20
CA ALA B 655 7.42 31.96 3.65
C ALA B 655 6.63 30.75 4.13
N TYR B 656 6.46 30.64 5.45
CA TYR B 656 5.65 29.57 6.00
C TYR B 656 4.99 30.07 7.27
N LYS B 657 3.81 29.53 7.57
CA LYS B 657 3.05 29.96 8.74
C LYS B 657 2.23 28.78 9.24
N PHE B 658 2.05 28.71 10.56
CA PHE B 658 1.41 27.58 11.21
C PHE B 658 0.13 28.02 11.89
N PHE B 659 -0.87 27.15 11.90
CA PHE B 659 -2.25 27.55 12.22
C PHE B 659 -2.82 26.72 13.37
N LYS B 660 -3.35 27.41 14.39
CA LYS B 660 -3.85 26.80 15.62
C LYS B 660 -5.05 25.86 15.49
N ASN B 661 -6.19 26.46 15.20
CA ASN B 661 -7.47 25.93 15.68
C ASN B 661 -8.53 25.99 14.59
N HIS B 662 -8.18 25.48 13.40
CA HIS B 662 -9.04 25.45 12.21
C HIS B 662 -9.49 26.83 11.78
N LYS B 663 -8.65 27.84 12.02
CA LYS B 663 -8.88 29.24 11.67
C LYS B 663 -7.54 29.85 11.35
N PRO B 664 -7.48 30.89 10.50
CA PRO B 664 -6.19 31.54 10.23
C PRO B 664 -5.66 32.36 11.39
N GLU B 665 -5.07 31.66 12.37
CA GLU B 665 -4.44 32.25 13.53
C GLU B 665 -3.03 31.68 13.63
N GLU B 666 -2.04 32.52 13.92
CA GLU B 666 -0.67 32.02 13.97
C GLU B 666 -0.45 31.13 15.19
N SER B 667 0.53 30.25 15.07
CA SER B 667 0.89 29.34 16.15
C SER B 667 2.39 29.06 16.03
N SER B 668 2.85 28.02 16.72
CA SER B 668 4.25 27.65 16.66
C SER B 668 4.36 26.15 16.94
N ILE B 669 5.59 25.65 16.81
CA ILE B 669 5.87 24.28 17.25
C ILE B 669 6.11 24.22 18.75
N ALA B 670 6.18 25.38 19.40
CA ALA B 670 6.04 25.43 20.85
C ALA B 670 4.56 25.38 21.22
N GLU B 671 4.28 25.69 22.49
CA GLU B 671 2.95 25.87 23.08
C GLU B 671 2.17 24.56 23.24
N PHE B 672 2.64 23.46 22.65
CA PHE B 672 1.92 22.19 22.74
C PHE B 672 2.73 21.13 23.46
N GLN B 673 3.86 20.66 22.87
CA GLN B 673 5.09 20.14 23.49
C GLN B 673 4.94 19.47 24.84
N GLU B 674 4.18 18.36 24.89
CA GLU B 674 3.82 17.69 26.13
C GLU B 674 5.08 17.23 26.87
N ASN B 675 5.15 17.59 28.15
CA ASN B 675 6.43 17.90 28.78
C ASN B 675 7.34 16.72 29.04
N GLY B 676 8.06 16.33 27.99
CA GLY B 676 9.37 15.72 28.09
C GLY B 676 10.18 16.49 27.09
N GLU B 677 9.65 17.67 26.72
CA GLU B 677 10.11 18.41 25.55
C GLU B 677 10.32 19.89 25.81
N LYS B 678 10.09 20.40 27.02
CA LYS B 678 10.34 21.81 27.33
C LYS B 678 11.35 21.98 28.48
N GLY B 679 12.65 21.87 28.21
CA GLY B 679 13.23 21.21 27.06
C GLY B 679 13.78 21.96 25.87
N THR B 680 14.38 21.17 24.98
CA THR B 680 15.13 21.63 23.83
C THR B 680 14.20 21.69 22.62
N SER B 681 14.79 21.84 21.44
CA SER B 681 14.07 21.94 20.18
C SER B 681 13.85 20.58 19.53
N ALA B 682 13.23 19.65 20.25
CA ALA B 682 12.94 18.32 19.73
C ALA B 682 11.43 18.11 19.69
N ILE B 683 10.99 17.27 18.76
CA ILE B 683 9.61 16.84 18.68
C ILE B 683 9.59 15.33 18.81
N LEU B 684 8.72 14.83 19.67
CA LEU B 684 8.45 13.41 19.76
C LEU B 684 6.99 13.19 19.45
N ASN B 685 6.71 12.18 18.62
CA ASN B 685 5.38 11.77 18.13
C ASN B 685 4.68 12.80 17.25
N SER B 686 5.36 13.88 16.85
CA SER B 686 4.97 14.82 15.77
C SER B 686 3.55 15.36 15.95
N LYS B 687 3.42 16.20 16.98
CA LYS B 687 2.14 16.56 17.59
C LYS B 687 1.13 17.14 16.60
N ALA B 688 -0.15 16.94 16.92
CA ALA B 688 -1.24 17.45 16.10
C ALA B 688 -1.53 18.90 16.49
N ASP B 689 -2.69 19.40 16.07
CA ASP B 689 -3.19 20.76 16.30
C ASP B 689 -2.31 21.86 15.71
N ILE B 690 -1.40 21.51 14.81
CA ILE B 690 -0.60 22.47 14.05
C ILE B 690 -0.87 22.19 12.59
N LEU B 691 -1.41 23.17 11.88
CA LEU B 691 -2.05 22.93 10.60
C LEU B 691 -1.43 23.78 9.51
N TYR B 692 -1.28 23.22 8.33
CA TYR B 692 -1.00 24.03 7.14
C TYR B 692 -2.30 24.52 6.54
N ALA B 693 -2.20 25.54 5.70
CA ALA B 693 -3.31 25.93 4.85
C ALA B 693 -3.08 25.39 3.45
N ILE B 694 -4.07 24.67 2.93
CA ILE B 694 -3.96 24.04 1.62
C ILE B 694 -5.15 24.44 0.78
N GLU B 695 -4.88 25.09 -0.36
CA GLU B 695 -5.92 25.27 -1.36
C GLU B 695 -6.09 23.99 -2.16
N ILE B 696 -7.32 23.75 -2.60
CA ILE B 696 -7.61 22.62 -3.46
C ILE B 696 -8.32 23.15 -4.70
N ALA B 697 -8.77 22.25 -5.57
CA ALA B 697 -9.57 22.67 -6.70
C ALA B 697 -10.91 23.21 -6.21
N LYS B 698 -11.45 24.17 -6.96
CA LYS B 698 -12.74 24.76 -6.61
C LYS B 698 -13.92 23.88 -6.95
N GLU B 699 -13.70 22.69 -7.51
CA GLU B 699 -14.78 21.83 -7.95
C GLU B 699 -14.94 20.61 -7.08
N MET B 700 -14.46 20.65 -5.84
CA MET B 700 -14.76 19.58 -4.90
C MET B 700 -15.53 20.15 -3.71
N LEU B 701 -16.51 20.98 -4.01
CA LEU B 701 -17.43 21.50 -3.00
C LEU B 701 -18.82 21.15 -3.48
N SER B 702 -19.84 21.71 -2.84
CA SER B 702 -21.19 21.53 -3.35
C SER B 702 -21.44 22.43 -4.56
N ASP B 703 -22.66 22.45 -5.06
CA ASP B 703 -22.98 23.28 -6.20
C ASP B 703 -23.57 24.62 -5.81
N LYS B 704 -23.62 24.93 -4.51
CA LYS B 704 -24.24 26.15 -4.03
C LYS B 704 -23.40 26.92 -3.02
N SER B 705 -22.34 26.32 -2.45
CA SER B 705 -21.61 26.95 -1.35
C SER B 705 -20.59 27.93 -1.90
N SER B 706 -20.72 29.19 -1.47
CA SER B 706 -19.77 30.23 -1.84
C SER B 706 -18.65 30.39 -0.81
N ASP B 707 -18.03 29.27 -0.46
CA ASP B 707 -16.90 29.30 0.46
C ASP B 707 -15.62 29.59 -0.31
N LYS B 708 -14.49 29.49 0.37
CA LYS B 708 -13.20 29.47 -0.28
C LYS B 708 -12.54 28.15 0.03
N PRO B 709 -12.11 27.38 -0.97
CA PRO B 709 -11.62 26.03 -0.69
C PRO B 709 -10.26 26.04 -0.02
N ILE B 710 -10.27 25.80 1.29
CA ILE B 710 -9.06 25.76 2.10
C ILE B 710 -9.21 24.61 3.10
N ILE B 711 -8.37 23.60 2.98
CA ILE B 711 -8.36 22.49 3.91
C ILE B 711 -7.15 22.62 4.82
N TYR B 712 -7.39 22.58 6.12
CA TYR B 712 -6.33 22.58 7.11
C TYR B 712 -5.99 21.13 7.47
N LEU B 713 -4.70 20.80 7.44
CA LEU B 713 -4.23 19.45 7.69
C LEU B 713 -2.98 19.46 8.56
N PRO B 714 -2.82 18.44 9.43
CA PRO B 714 -1.69 18.44 10.35
C PRO B 714 -0.37 18.11 9.66
N LEU B 715 0.70 18.33 10.40
CA LEU B 715 2.06 18.20 9.88
C LEU B 715 2.58 16.78 9.97
N LYS B 716 3.01 16.23 8.83
CA LYS B 716 4.19 15.39 8.82
C LYS B 716 5.39 16.30 8.80
N VAL B 717 6.13 16.36 9.91
CA VAL B 717 7.27 17.28 9.96
C VAL B 717 8.44 16.72 9.15
N ASN B 718 8.50 15.41 8.99
CA ASN B 718 9.59 14.75 8.29
C ASN B 718 9.18 14.49 6.84
N ILE B 719 9.08 15.56 6.06
CA ILE B 719 8.88 15.47 4.62
C ILE B 719 10.08 16.01 3.85
N ASN B 720 10.35 17.31 3.98
CA ASN B 720 11.53 17.91 3.35
C ASN B 720 12.74 17.85 4.26
N SER B 721 12.99 16.72 4.90
CA SER B 721 13.96 16.74 5.99
C SER B 721 14.45 15.33 6.28
N ALA B 722 15.08 15.18 7.44
CA ALA B 722 15.62 13.96 7.98
C ALA B 722 15.47 14.07 9.50
N ASN B 723 16.28 13.33 10.25
CA ASN B 723 16.34 13.60 11.68
C ASN B 723 17.29 14.73 12.04
N ASN B 724 17.70 15.55 11.06
CA ASN B 724 18.46 16.76 11.31
C ASN B 724 17.72 18.00 10.81
N GLN B 725 17.27 18.00 9.57
CA GLN B 725 16.90 19.22 8.88
C GLN B 725 15.56 19.75 9.36
N PHE B 726 15.32 21.03 9.07
CA PHE B 726 14.01 21.66 9.26
C PHE B 726 13.75 22.52 8.04
N ILE B 727 13.08 21.95 7.06
CA ILE B 727 12.62 22.67 5.87
C ILE B 727 11.11 22.54 5.82
N PRO B 728 10.39 23.55 6.29
CA PRO B 728 8.93 23.48 6.34
C PRO B 728 8.32 23.66 4.95
N LEU B 729 7.04 23.31 4.86
CA LEU B 729 6.32 23.40 3.60
C LEU B 729 5.90 24.84 3.38
N ARG B 730 6.62 25.52 2.50
CA ARG B 730 6.32 26.89 2.10
C ARG B 730 5.08 26.92 1.21
N ASN B 731 4.64 28.12 0.86
CA ASN B 731 3.54 28.19 -0.09
C ASN B 731 4.05 27.96 -1.51
N ASP B 732 3.09 27.77 -2.42
CA ASP B 732 3.33 27.30 -3.79
C ASP B 732 4.17 26.02 -3.81
N ASP B 733 3.80 25.08 -2.94
CA ASP B 733 4.19 23.70 -3.08
C ASP B 733 2.94 22.88 -3.37
N ILE B 734 3.08 21.89 -4.24
CA ILE B 734 1.95 21.10 -4.73
C ILE B 734 2.15 19.66 -4.28
N ILE B 735 1.11 19.09 -3.67
CA ILE B 735 1.23 17.97 -2.74
C ILE B 735 0.05 17.02 -2.88
N LEU B 736 0.33 15.70 -2.86
CA LEU B 736 -0.72 14.70 -2.78
C LEU B 736 -1.28 14.58 -1.36
N ILE B 737 -2.58 14.35 -1.26
CA ILE B 737 -3.29 14.31 0.02
C ILE B 737 -4.20 13.10 0.02
N GLU B 738 -4.00 12.18 0.96
CA GLU B 738 -5.01 11.16 1.21
C GLU B 738 -6.09 11.69 2.14
N ILE B 739 -7.24 11.02 2.10
CA ILE B 739 -8.29 11.19 3.09
C ILE B 739 -8.58 9.80 3.63
N GLN B 740 -7.94 9.44 4.74
CA GLN B 740 -7.94 8.05 5.18
C GLN B 740 -9.25 7.65 5.81
N SER B 741 -9.97 8.57 6.42
CA SER B 741 -11.33 8.33 6.88
C SER B 741 -12.05 9.67 6.93
N PHE B 742 -13.24 9.67 7.52
CA PHE B 742 -13.96 10.90 7.77
C PHE B 742 -13.20 11.72 8.82
N THR B 743 -12.92 12.98 8.49
CA THR B 743 -12.11 13.91 9.30
C THR B 743 -10.71 13.38 9.60
N LYS B 744 -10.11 12.68 8.64
CA LYS B 744 -8.70 12.30 8.74
C LYS B 744 -8.07 12.44 7.36
N GLY B 745 -7.11 13.36 7.26
CA GLY B 745 -6.35 13.51 6.03
C GLY B 745 -4.87 13.61 6.35
N GLU B 746 -4.06 13.20 5.37
CA GLU B 746 -2.61 13.15 5.57
C GLU B 746 -1.91 13.70 4.32
N ILE B 747 -0.60 13.77 4.41
CA ILE B 747 0.26 14.30 3.34
C ILE B 747 1.33 13.26 3.06
N ILE B 748 1.52 12.91 1.78
CA ILE B 748 2.47 11.86 1.40
C ILE B 748 3.60 12.40 0.52
N GLU B 749 3.27 12.86 -0.68
CA GLU B 749 4.29 13.08 -1.69
C GLU B 749 4.43 14.55 -2.05
N LEU B 750 5.47 14.84 -2.82
CA LEU B 750 5.87 16.18 -3.18
C LEU B 750 5.89 16.29 -4.70
N ILE B 751 5.03 17.13 -5.26
CA ILE B 751 5.09 17.32 -6.72
C ILE B 751 5.33 18.79 -7.01
N SER B 752 6.60 19.20 -6.97
CA SER B 752 7.05 20.57 -7.23
C SER B 752 8.56 20.58 -7.10
N ASN B 753 9.16 21.70 -7.51
CA ASN B 753 10.48 22.12 -7.08
C ASN B 753 10.58 23.63 -7.22
N SER B 754 11.73 24.17 -6.84
CA SER B 754 12.00 25.57 -7.05
C SER B 754 13.40 25.84 -7.57
N ALA B 755 14.31 24.86 -7.51
CA ALA B 755 15.67 25.00 -8.03
C ALA B 755 15.96 23.82 -8.92
N ILE B 756 16.00 24.04 -10.22
CA ILE B 756 16.31 22.99 -11.19
C ILE B 756 17.30 23.54 -12.19
N SER B 757 17.65 22.72 -13.19
CA SER B 757 18.37 23.18 -14.35
C SER B 757 17.41 23.40 -15.51
N THR B 758 17.88 24.16 -16.50
CA THR B 758 17.14 24.38 -17.73
C THR B 758 17.97 24.05 -18.95
N LYS B 759 19.08 23.36 -18.79
CA LYS B 759 20.02 23.11 -19.87
C LYS B 759 20.17 21.60 -20.07
N LYS B 760 20.86 21.23 -21.15
CA LYS B 760 20.76 19.89 -21.71
C LYS B 760 21.70 18.88 -21.06
N ALA B 761 22.20 19.16 -19.85
CA ALA B 761 23.06 18.26 -19.06
C ALA B 761 24.35 17.87 -19.80
N GLN B 762 24.77 18.71 -20.74
CA GLN B 762 26.08 18.62 -21.36
C GLN B 762 26.84 19.93 -21.18
N GLN B 763 26.17 20.97 -20.72
CA GLN B 763 26.73 22.30 -20.52
C GLN B 763 26.85 22.67 -19.06
N GLN B 764 25.87 22.32 -18.24
CA GLN B 764 25.94 22.49 -16.80
C GLN B 764 25.43 21.24 -16.12
N LEU B 765 25.96 20.97 -14.93
CA LEU B 765 25.51 19.87 -14.09
C LEU B 765 25.22 20.46 -12.71
N LEU B 766 24.00 20.98 -12.53
CA LEU B 766 23.68 21.68 -11.31
C LEU B 766 23.35 20.71 -10.18
N GLN B 767 23.83 21.03 -8.99
CA GLN B 767 23.40 20.40 -7.74
C GLN B 767 23.32 21.52 -6.71
N ARG B 768 22.13 22.00 -6.40
CA ARG B 768 22.03 23.25 -5.65
C ARG B 768 20.82 23.23 -4.72
N GLN B 769 20.72 24.30 -3.94
CA GLN B 769 19.61 24.55 -3.03
C GLN B 769 19.26 26.03 -3.05
N LEU B 770 17.98 26.34 -3.05
CA LEU B 770 17.58 27.69 -2.68
C LEU B 770 17.20 27.71 -1.19
N LEU B 771 17.26 28.88 -0.58
CA LEU B 771 17.03 28.99 0.85
C LEU B 771 16.20 30.23 1.16
N GLY B 772 15.28 30.08 2.12
CA GLY B 772 14.56 31.20 2.68
C GLY B 772 13.54 31.85 1.78
N SER B 773 12.81 32.83 2.30
CA SER B 773 11.92 33.63 1.48
C SER B 773 12.74 34.47 0.51
N LYS B 774 12.15 34.72 -0.67
CA LYS B 774 12.67 35.41 -1.87
C LYS B 774 13.69 34.55 -2.61
N GLU B 775 14.13 33.44 -1.98
CA GLU B 775 15.12 32.49 -2.53
C GLU B 775 16.39 33.19 -2.97
N ASN B 776 16.90 34.04 -2.08
CA ASN B 776 18.10 34.82 -2.34
C ASN B 776 19.35 34.14 -1.78
N CYS B 777 19.54 32.89 -2.17
CA CYS B 777 20.76 32.14 -1.85
C CYS B 777 21.07 31.18 -2.99
N GLU B 778 22.12 30.40 -2.79
CA GLU B 778 22.48 29.19 -3.52
C GLU B 778 23.50 28.43 -2.69
N MET B 779 23.47 27.12 -2.79
CA MET B 779 24.61 26.29 -2.43
C MET B 779 24.83 25.37 -3.61
N ALA B 780 25.51 25.87 -4.63
CA ALA B 780 25.54 25.19 -5.92
C ALA B 780 26.90 24.58 -6.17
N TYR B 781 26.90 23.49 -6.93
CA TYR B 781 28.12 22.91 -7.47
C TYR B 781 27.93 22.83 -8.97
N THR B 782 28.24 23.92 -9.67
CA THR B 782 28.03 24.03 -11.10
C THR B 782 29.26 23.50 -11.80
N GLN B 783 29.09 22.44 -12.57
CA GLN B 783 30.20 21.80 -13.27
C GLN B 783 29.97 21.94 -14.76
N THR B 784 30.63 22.92 -15.36
CA THR B 784 30.60 23.10 -16.80
C THR B 784 31.76 22.33 -17.43
N SER B 785 32.04 22.58 -18.69
CA SER B 785 33.17 21.94 -19.37
C SER B 785 34.49 22.66 -19.10
N ASP B 786 34.49 23.72 -18.29
CA ASP B 786 35.68 24.51 -18.08
C ASP B 786 36.01 24.73 -16.62
N SER B 787 35.11 24.42 -15.69
CA SER B 787 35.32 24.72 -14.28
C SER B 787 34.41 23.85 -13.43
N GLU B 788 34.65 23.87 -12.12
CA GLU B 788 33.80 23.21 -11.12
C GLU B 788 33.66 24.20 -9.97
N THR B 789 32.63 25.04 -10.02
CA THR B 789 32.53 26.18 -9.13
C THR B 789 31.57 25.89 -7.99
N PHE B 790 32.10 25.71 -6.79
CA PHE B 790 31.28 25.72 -5.59
C PHE B 790 30.86 27.16 -5.31
N SER B 791 29.73 27.34 -4.61
CA SER B 791 29.24 28.69 -4.38
C SER B 791 28.40 28.73 -3.12
N LEU B 792 28.51 29.81 -2.37
CA LEU B 792 27.57 30.14 -1.30
C LEU B 792 27.19 31.60 -1.51
N THR B 793 26.25 31.85 -2.40
CA THR B 793 25.95 33.21 -2.82
C THR B 793 24.74 33.77 -2.10
N GLN B 794 24.58 35.09 -2.18
CA GLN B 794 23.36 35.78 -1.82
C GLN B 794 23.13 36.89 -2.83
N VAL B 795 21.87 37.09 -3.21
CA VAL B 795 21.50 38.14 -4.14
C VAL B 795 20.46 39.01 -3.45
N ASN B 796 20.91 40.09 -2.83
CA ASN B 796 20.03 41.05 -2.19
C ASN B 796 19.84 42.23 -3.12
N GLU B 797 19.20 43.27 -2.63
CA GLU B 797 19.33 44.56 -3.30
C GLU B 797 20.54 45.29 -2.74
N ASP B 798 21.39 45.79 -3.64
CA ASP B 798 22.59 46.59 -3.36
C ASP B 798 23.67 45.83 -2.61
N CYS B 799 23.56 44.51 -2.46
CA CYS B 799 24.58 43.71 -1.80
C CYS B 799 24.64 42.35 -2.47
N GLU B 800 25.84 41.88 -2.78
CA GLU B 800 26.04 40.57 -3.41
C GLU B 800 27.24 39.89 -2.76
N ASN B 801 26.98 39.11 -1.72
CA ASN B 801 28.00 38.31 -1.06
C ASN B 801 28.20 37.01 -1.82
N SER B 802 29.32 36.34 -1.56
CA SER B 802 29.57 35.03 -2.15
C SER B 802 30.63 34.29 -1.36
N PHE B 803 30.93 33.08 -1.83
CA PHE B 803 32.06 32.26 -1.39
C PHE B 803 32.30 31.23 -2.48
N LEU B 804 33.39 31.40 -3.24
CA LEU B 804 33.57 30.66 -4.47
C LEU B 804 34.84 29.81 -4.40
N ILE B 805 34.75 28.59 -4.93
CA ILE B 805 35.87 27.66 -4.99
C ILE B 805 35.92 27.09 -6.41
N ASN B 806 36.97 27.43 -7.16
CA ASN B 806 37.15 26.93 -8.51
C ASN B 806 38.13 25.77 -8.49
N ASP B 807 38.51 25.30 -9.68
CA ASP B 807 39.63 24.38 -9.84
C ASP B 807 40.88 25.08 -10.34
N LYS B 808 40.72 26.04 -11.25
CA LYS B 808 41.88 26.76 -11.77
C LYS B 808 42.30 27.89 -10.85
N LYS B 809 41.34 28.60 -10.27
CA LYS B 809 41.64 29.83 -9.54
C LYS B 809 41.83 29.58 -8.04
N GLY B 810 40.79 29.09 -7.37
CA GLY B 810 40.93 28.80 -5.96
C GLY B 810 39.90 29.52 -5.13
N ILE B 811 40.18 29.58 -3.83
CA ILE B 811 39.20 30.01 -2.83
C ILE B 811 38.97 31.51 -2.93
N PHE B 812 37.72 31.92 -3.10
CA PHE B 812 37.37 33.32 -3.24
C PHE B 812 36.50 33.78 -2.08
N LEU B 813 36.59 35.06 -1.76
CA LEU B 813 35.59 35.80 -1.02
C LEU B 813 35.29 37.09 -1.78
N ARG B 814 34.03 37.43 -1.92
CA ARG B 814 33.67 38.59 -2.73
C ARG B 814 32.52 39.36 -2.12
N TYR B 815 32.63 40.69 -2.16
CA TYR B 815 31.53 41.61 -1.94
C TYR B 815 31.32 42.42 -3.21
N LYS B 816 30.07 42.60 -3.60
CA LYS B 816 29.75 43.36 -4.80
C LYS B 816 28.51 44.21 -4.55
N SER B 817 28.43 45.34 -5.25
CA SER B 817 27.28 46.23 -5.13
C SER B 817 27.11 47.06 -6.39
N TYR C 78 -58.90 -53.94 4.74
CA TYR C 78 -59.09 -53.83 6.18
C TYR C 78 -58.00 -54.60 6.93
N LYS C 79 -58.35 -55.79 7.40
CA LYS C 79 -57.40 -56.67 8.06
C LYS C 79 -56.70 -57.62 7.09
N ARG C 80 -57.09 -57.61 5.82
CA ARG C 80 -56.46 -58.45 4.81
C ARG C 80 -55.11 -57.91 4.35
N TYR C 81 -54.78 -56.66 4.69
CA TYR C 81 -53.47 -56.13 4.33
C TYR C 81 -52.37 -56.79 5.14
N CYS C 82 -52.69 -57.22 6.37
CA CYS C 82 -51.71 -57.96 7.16
C CYS C 82 -51.71 -59.44 6.81
N ILE C 83 -52.84 -59.95 6.32
CA ILE C 83 -52.91 -61.37 5.95
C ILE C 83 -52.18 -61.62 4.64
N ILE C 84 -52.39 -60.78 3.63
CA ILE C 84 -51.73 -60.94 2.34
C ILE C 84 -50.23 -60.69 2.45
N SER C 85 -49.81 -59.81 3.36
CA SER C 85 -48.39 -59.66 3.65
C SER C 85 -47.85 -60.91 4.33
N ARG C 86 -48.65 -61.53 5.20
CA ARG C 86 -48.25 -62.81 5.79
C ARG C 86 -48.43 -63.95 4.78
N PHE C 87 -49.28 -63.76 3.77
CA PHE C 87 -49.39 -64.76 2.71
C PHE C 87 -48.24 -64.65 1.74
N LYS C 88 -47.74 -63.43 1.50
CA LYS C 88 -46.54 -63.27 0.69
C LYS C 88 -45.30 -63.66 1.46
N ASN C 89 -45.36 -63.63 2.79
CA ASN C 89 -44.22 -64.04 3.61
C ASN C 89 -44.03 -65.55 3.55
N ASN C 90 -45.12 -66.30 3.50
CA ASN C 90 -45.02 -67.75 3.40
C ASN C 90 -44.77 -68.20 1.96
N ILE C 91 -45.14 -67.39 0.98
CA ILE C 91 -44.94 -67.73 -0.42
C ILE C 91 -43.55 -67.36 -0.93
N ASP C 92 -42.91 -66.34 -0.34
CA ASP C 92 -41.54 -66.01 -0.70
C ASP C 92 -40.54 -67.00 -0.17
N GLU C 93 -40.93 -67.83 0.82
CA GLU C 93 -40.07 -68.89 1.33
C GLU C 93 -40.07 -70.13 0.42
N PHE C 94 -40.83 -70.12 -0.67
CA PHE C 94 -40.89 -71.28 -1.56
C PHE C 94 -39.63 -71.44 -2.39
N ILE C 95 -38.80 -70.41 -2.50
CA ILE C 95 -37.54 -70.53 -3.23
C ILE C 95 -36.36 -70.10 -2.34
N SER C 105 -38.33 -62.61 -14.22
CA SER C 105 -38.94 -63.92 -14.17
C SER C 105 -40.00 -63.99 -13.06
N GLN C 106 -40.05 -65.12 -12.36
CA GLN C 106 -40.98 -65.26 -11.24
C GLN C 106 -40.53 -64.41 -10.05
N SER C 107 -39.22 -64.23 -9.88
CA SER C 107 -38.72 -63.37 -8.81
C SER C 107 -38.95 -61.89 -9.11
N LEU C 108 -39.14 -61.53 -10.38
CA LEU C 108 -39.45 -60.15 -10.73
C LEU C 108 -40.84 -59.77 -10.27
N LYS C 109 -41.79 -60.71 -10.34
CA LYS C 109 -43.10 -60.48 -9.74
C LYS C 109 -43.02 -60.52 -8.22
N ILE C 110 -42.04 -61.26 -7.67
CA ILE C 110 -41.81 -61.24 -6.24
C ILE C 110 -41.19 -59.92 -5.80
N ALA C 111 -40.48 -59.24 -6.71
CA ALA C 111 -39.92 -57.93 -6.40
C ALA C 111 -41.01 -56.88 -6.24
N ILE C 112 -42.15 -57.06 -6.90
CA ILE C 112 -43.28 -56.16 -6.71
C ILE C 112 -43.90 -56.35 -5.34
N LYS C 113 -43.88 -57.58 -4.82
CA LYS C 113 -44.40 -57.83 -3.47
C LYS C 113 -43.44 -57.34 -2.40
N GLU C 114 -42.14 -57.34 -2.69
CA GLU C 114 -41.14 -56.96 -1.70
C GLU C 114 -40.88 -55.45 -1.68
N LEU C 115 -41.43 -54.71 -2.64
CA LEU C 115 -41.14 -53.28 -2.74
C LEU C 115 -42.41 -52.45 -2.65
N GLN C 116 -42.30 -51.15 -2.94
CA GLN C 116 -43.37 -50.15 -2.88
C GLN C 116 -43.98 -50.07 -1.48
N ASN C 117 -43.16 -49.66 -0.51
CA ASN C 117 -43.61 -49.51 0.86
C ASN C 117 -44.16 -48.10 1.07
N SER C 118 -45.46 -48.02 1.38
CA SER C 118 -46.08 -46.74 1.66
C SER C 118 -46.43 -46.66 3.14
N CYS C 119 -47.19 -47.64 3.62
CA CYS C 119 -47.50 -47.75 5.04
C CYS C 119 -47.37 -49.15 5.60
N SER C 120 -47.19 -50.18 4.76
CA SER C 120 -47.09 -51.54 5.26
C SER C 120 -45.76 -51.81 5.95
N SER C 121 -44.69 -51.11 5.57
CA SER C 121 -43.43 -51.21 6.27
C SER C 121 -43.26 -50.11 7.31
N SER C 122 -44.36 -49.50 7.76
CA SER C 122 -44.37 -48.56 8.86
C SER C 122 -45.32 -48.99 9.97
N LEU C 123 -46.49 -49.52 9.62
CA LEU C 123 -47.42 -50.02 10.63
C LEU C 123 -47.05 -51.43 11.10
N ILE C 124 -46.24 -52.15 10.32
CA ILE C 124 -45.84 -53.51 10.67
C ILE C 124 -44.50 -53.86 10.04
N HIS C 129 -44.99 -57.11 12.83
CA HIS C 129 -44.58 -56.51 14.08
C HIS C 129 -43.07 -56.67 14.30
N ASP C 130 -42.68 -56.97 15.54
CA ASP C 130 -41.28 -57.08 15.90
C ASP C 130 -40.61 -58.33 15.33
N TYR C 131 -41.39 -59.34 14.92
CA TYR C 131 -40.84 -60.50 14.25
C TYR C 131 -40.90 -60.38 12.74
N ILE C 132 -41.61 -59.38 12.21
CA ILE C 132 -41.67 -59.20 10.76
C ILE C 132 -40.38 -58.62 10.21
N ARG C 133 -39.59 -57.95 11.07
CA ARG C 133 -38.31 -57.40 10.63
C ARG C 133 -37.32 -58.52 10.34
N LYS C 134 -37.21 -59.49 11.24
CA LYS C 134 -36.35 -60.64 10.99
C LYS C 134 -36.96 -61.60 9.98
N ILE C 135 -38.29 -61.52 9.77
CA ILE C 135 -38.91 -62.29 8.71
C ILE C 135 -38.51 -61.75 7.34
N ASP C 136 -38.24 -60.45 7.26
CA ASP C 136 -37.70 -59.89 6.02
C ASP C 136 -36.25 -60.29 5.83
N VAL C 137 -35.50 -60.47 6.93
CA VAL C 137 -34.11 -60.92 6.81
C VAL C 137 -34.03 -62.37 6.38
N LEU C 138 -35.07 -63.16 6.67
CA LEU C 138 -35.08 -64.55 6.25
C LEU C 138 -35.34 -64.67 4.75
N LEU C 139 -35.97 -63.66 4.16
CA LEU C 139 -36.28 -63.72 2.74
C LEU C 139 -35.05 -63.40 1.88
N THR C 140 -34.28 -62.39 2.27
CA THR C 140 -33.13 -61.97 1.47
C THR C 140 -31.99 -62.98 1.60
N SER C 141 -31.83 -63.58 2.77
CA SER C 141 -30.86 -64.66 2.92
C SER C 141 -31.25 -65.90 2.12
N ILE C 142 -32.55 -66.16 2.01
CA ILE C 142 -33.02 -67.20 1.10
C ILE C 142 -32.87 -66.75 -0.35
N ASP C 143 -33.00 -65.45 -0.60
CA ASP C 143 -32.75 -64.92 -1.93
C ASP C 143 -31.26 -64.88 -2.26
N SER C 144 -30.39 -64.94 -1.25
CA SER C 144 -28.96 -65.00 -1.46
C SER C 144 -28.48 -66.37 -1.92
N ALA C 145 -29.34 -67.39 -1.86
CA ALA C 145 -28.98 -68.72 -2.32
C ALA C 145 -29.12 -68.89 -3.83
N ILE C 146 -29.59 -67.86 -4.54
CA ILE C 146 -29.74 -67.93 -5.98
C ILE C 146 -28.40 -67.85 -6.69
N GLN C 159 -29.38 -55.93 -10.11
CA GLN C 159 -30.76 -56.10 -10.57
C GLN C 159 -31.74 -55.52 -9.58
N LEU C 160 -31.88 -56.18 -8.43
CA LEU C 160 -32.84 -55.78 -7.40
C LEU C 160 -32.16 -55.69 -6.04
N ASN C 161 -30.98 -55.08 -6.01
CA ASN C 161 -30.32 -54.72 -4.76
C ASN C 161 -30.72 -53.33 -4.28
N LYS C 162 -31.35 -52.53 -5.14
CA LYS C 162 -31.83 -51.22 -4.72
C LYS C 162 -33.04 -51.33 -3.80
N LEU C 163 -33.87 -52.36 -4.00
CA LEU C 163 -35.04 -52.55 -3.14
C LEU C 163 -34.63 -52.99 -1.75
N ARG C 164 -33.44 -53.57 -1.60
CA ARG C 164 -32.89 -53.79 -0.26
C ARG C 164 -32.56 -52.46 0.41
N SER C 165 -32.01 -51.51 -0.35
CA SER C 165 -31.63 -50.22 0.22
C SER C 165 -32.86 -49.38 0.55
N SER C 166 -33.96 -49.59 -0.16
CA SER C 166 -35.20 -48.91 0.17
C SER C 166 -35.75 -49.41 1.50
N LEU C 167 -35.74 -50.73 1.71
CA LEU C 167 -36.10 -51.28 3.00
C LEU C 167 -35.03 -51.01 4.06
N SER C 168 -33.80 -50.74 3.65
CA SER C 168 -32.75 -50.41 4.62
C SER C 168 -32.98 -49.05 5.24
N ARG C 169 -33.32 -48.05 4.42
CA ARG C 169 -33.67 -46.73 4.95
C ARG C 169 -34.98 -46.76 5.71
N TYR C 170 -35.85 -47.74 5.45
CA TYR C 170 -37.00 -47.96 6.31
C TYR C 170 -36.55 -48.47 7.68
N ILE C 171 -36.00 -49.70 7.73
CA ILE C 171 -35.23 -50.22 8.86
C ILE C 171 -34.34 -51.38 8.43
N GLY C 172 -33.05 -51.33 8.80
CA GLY C 172 -32.15 -52.46 8.77
C GLY C 172 -31.91 -53.19 7.45
N TYR C 173 -32.40 -54.43 7.39
CA TYR C 173 -32.37 -55.33 6.22
C TYR C 173 -30.95 -55.64 5.73
N ASN C 174 -29.95 -55.46 6.58
CA ASN C 174 -28.55 -55.64 6.21
C ASN C 174 -28.07 -57.04 6.59
N ASN C 175 -26.77 -57.26 6.45
CA ASN C 175 -26.12 -58.50 6.86
C ASN C 175 -24.64 -58.20 7.06
N VAL C 176 -24.05 -58.69 8.16
CA VAL C 176 -24.68 -59.58 9.13
C VAL C 176 -24.73 -58.78 10.45
N LEU C 177 -25.04 -57.49 10.33
CA LEU C 177 -25.06 -56.58 11.46
C LEU C 177 -26.18 -56.97 12.41
N GLN C 178 -25.83 -57.67 13.49
CA GLN C 178 -26.85 -58.12 14.42
C GLN C 178 -27.18 -57.05 15.46
N LYS C 179 -26.16 -56.35 15.96
CA LYS C 179 -26.36 -55.32 16.97
C LYS C 179 -25.53 -54.10 16.61
N GLN C 180 -26.08 -52.91 16.90
CA GLN C 180 -25.37 -51.66 16.66
C GLN C 180 -25.84 -50.67 17.73
N GLU C 181 -25.05 -50.57 18.81
CA GLU C 181 -25.32 -49.62 19.88
C GLU C 181 -24.30 -48.49 19.82
N ILE C 182 -24.79 -47.28 19.56
CA ILE C 182 -23.96 -46.08 19.50
C ILE C 182 -24.34 -45.18 20.67
N THR C 183 -23.35 -44.56 21.30
CA THR C 183 -23.56 -43.79 22.51
C THR C 183 -22.85 -42.45 22.39
N ILE C 184 -23.35 -41.46 23.12
CA ILE C 184 -22.72 -40.15 23.25
C ILE C 184 -22.76 -39.74 24.71
N ASN C 185 -21.59 -39.41 25.26
CA ASN C 185 -21.46 -38.95 26.64
C ASN C 185 -21.12 -37.47 26.63
N ILE C 186 -21.99 -36.65 27.23
CA ILE C 186 -21.88 -35.20 27.19
C ILE C 186 -21.48 -34.71 28.58
N LYS C 187 -20.29 -34.15 28.69
CA LYS C 187 -19.85 -33.57 29.95
C LYS C 187 -19.47 -32.12 29.75
N PRO C 188 -19.82 -31.24 30.68
CA PRO C 188 -19.53 -29.82 30.50
C PRO C 188 -18.09 -29.51 30.86
N ILE C 189 -17.64 -28.31 30.46
CA ILE C 189 -16.30 -27.83 30.75
C ILE C 189 -16.44 -26.47 31.44
N ASN C 190 -15.79 -26.34 32.60
CA ASN C 190 -16.02 -25.21 33.49
C ASN C 190 -15.17 -24.00 33.10
N LYS C 191 -15.08 -23.05 34.02
CA LYS C 191 -14.26 -21.86 33.84
C LYS C 191 -12.78 -22.20 33.69
N ASN C 192 -12.27 -23.10 34.53
CA ASN C 192 -10.85 -23.41 34.56
C ASN C 192 -10.48 -24.58 33.67
N PHE C 193 -11.35 -24.92 32.70
CA PHE C 193 -11.10 -25.93 31.67
C PHE C 193 -10.85 -27.32 32.26
N GLU C 194 -11.76 -27.72 33.14
CA GLU C 194 -11.76 -29.03 33.76
C GLU C 194 -13.14 -29.65 33.54
N LEU C 195 -13.47 -30.71 34.27
CA LEU C 195 -14.76 -31.36 34.09
C LEU C 195 -15.59 -31.27 35.35
N GLU C 196 -16.87 -30.95 35.18
CA GLU C 196 -17.83 -30.92 36.27
C GLU C 196 -18.47 -32.30 36.42
N ASP C 197 -19.52 -32.40 37.22
CA ASP C 197 -20.35 -33.60 37.30
C ASP C 197 -21.78 -33.22 37.04
N ILE C 198 -22.42 -33.90 36.08
CA ILE C 198 -23.80 -33.62 35.75
C ILE C 198 -24.72 -34.27 36.79
N HIS C 211 -26.28 -40.30 34.33
CA HIS C 211 -25.08 -40.69 35.07
C HIS C 211 -23.86 -39.90 34.62
N ASN C 212 -23.63 -38.77 35.30
CA ASN C 212 -22.48 -37.86 35.11
C ASN C 212 -22.40 -37.25 33.72
N SER C 213 -23.46 -37.37 32.93
CA SER C 213 -23.45 -37.07 31.50
C SER C 213 -24.88 -37.04 31.01
N LEU C 214 -25.05 -37.02 29.68
CA LEU C 214 -26.35 -37.25 29.04
C LEU C 214 -26.15 -38.40 28.06
N THR C 215 -26.30 -39.63 28.56
CA THR C 215 -26.04 -40.81 27.75
C THR C 215 -27.12 -41.01 26.71
N LEU C 216 -26.70 -41.26 25.48
CA LEU C 216 -27.61 -41.57 24.40
C LEU C 216 -27.46 -43.05 24.03
N LYS C 217 -28.54 -43.61 23.50
CA LYS C 217 -28.80 -45.04 23.58
C LYS C 217 -29.53 -45.50 22.32
N ASN C 218 -30.36 -46.55 22.46
CA ASN C 218 -31.36 -47.02 21.51
C ASN C 218 -32.09 -45.78 20.99
N PRO C 219 -31.86 -45.42 19.72
CA PRO C 219 -31.67 -44.01 19.33
C PRO C 219 -32.68 -42.96 19.77
N HIS C 220 -32.18 -42.02 20.56
CA HIS C 220 -32.72 -40.66 20.62
C HIS C 220 -32.10 -39.78 19.54
N ILE C 221 -31.16 -40.30 18.77
CA ILE C 221 -30.37 -39.51 17.84
C ILE C 221 -30.97 -39.61 16.45
N GLU C 222 -31.28 -38.47 15.84
CA GLU C 222 -31.79 -38.47 14.47
C GLU C 222 -30.67 -38.63 13.46
N LYS C 223 -29.68 -37.75 13.50
CA LYS C 223 -28.67 -37.69 12.46
C LYS C 223 -27.36 -37.18 13.03
N LEU C 224 -26.28 -37.88 12.73
CA LEU C 224 -24.94 -37.40 13.05
C LEU C 224 -24.05 -37.56 11.83
N GLU C 225 -23.40 -36.47 11.45
CA GLU C 225 -22.41 -36.47 10.38
C GLU C 225 -21.04 -36.41 11.04
N VAL C 226 -20.15 -37.31 10.64
CA VAL C 226 -18.76 -37.27 11.09
C VAL C 226 -17.87 -37.52 9.89
N CYS C 227 -17.05 -36.53 9.54
CA CYS C 227 -15.94 -36.74 8.63
C CYS C 227 -14.66 -36.46 9.38
N GLU C 228 -13.59 -37.17 9.03
CA GLU C 228 -12.34 -37.00 9.74
C GLU C 228 -11.15 -37.17 8.79
N ASN C 229 -10.20 -36.26 8.91
CA ASN C 229 -8.94 -36.38 8.20
C ASN C 229 -7.94 -37.07 9.13
N ILE C 230 -6.65 -37.04 8.78
CA ILE C 230 -5.62 -37.49 9.71
C ILE C 230 -5.56 -36.55 10.91
N TYR C 231 -5.63 -35.25 10.66
CA TYR C 231 -5.39 -34.28 11.73
C TYR C 231 -6.63 -34.06 12.61
N GLY C 232 -7.83 -34.06 12.04
CA GLY C 232 -8.97 -33.60 12.82
C GLY C 232 -10.30 -34.17 12.38
N ILE C 233 -11.35 -33.76 13.08
CA ILE C 233 -12.71 -34.23 12.87
C ILE C 233 -13.61 -33.01 12.70
N ASN C 234 -14.45 -33.03 11.68
CA ASN C 234 -15.55 -32.07 11.56
C ASN C 234 -16.87 -32.84 11.66
N GLY C 235 -17.98 -32.10 11.53
CA GLY C 235 -19.27 -32.76 11.46
C GLY C 235 -20.34 -32.22 12.40
N TRP C 236 -21.59 -32.66 12.21
CA TRP C 236 -22.73 -32.15 12.96
C TRP C 236 -23.42 -33.28 13.70
N LEU C 237 -24.52 -32.94 14.38
CA LEU C 237 -25.25 -33.86 15.25
C LEU C 237 -26.69 -33.38 15.40
N THR C 238 -27.62 -34.32 15.57
CA THR C 238 -29.02 -33.97 15.81
C THR C 238 -29.67 -35.07 16.63
N PHE C 239 -30.15 -34.73 17.83
CA PHE C 239 -30.77 -35.71 18.71
C PHE C 239 -32.03 -35.11 19.33
N ASP C 240 -32.68 -35.87 20.20
CA ASP C 240 -33.97 -35.49 20.77
C ASP C 240 -33.98 -35.75 22.26
N LEU C 241 -34.75 -34.93 22.98
CA LEU C 241 -34.94 -35.07 24.42
C LEU C 241 -36.36 -34.66 24.76
N ALA C 242 -36.74 -34.95 26.01
CA ALA C 242 -38.05 -34.57 26.54
C ALA C 242 -37.97 -34.58 28.06
N TYR C 243 -38.42 -33.51 28.73
CA TYR C 243 -39.16 -32.39 28.14
C TYR C 243 -38.82 -31.08 28.84
N ILE C 244 -39.65 -30.06 28.64
CA ILE C 244 -39.47 -28.72 29.19
C ILE C 244 -40.48 -28.51 30.31
N ASN C 245 -40.08 -27.86 31.41
CA ASN C 245 -38.72 -27.36 31.70
C ASN C 245 -38.18 -27.93 33.00
N ASN C 246 -36.87 -28.21 33.03
CA ASN C 246 -36.22 -28.77 34.21
C ASN C 246 -34.79 -28.28 34.30
N HIS C 247 -34.26 -28.29 35.53
CA HIS C 247 -32.94 -27.73 35.80
C HIS C 247 -31.82 -28.59 35.25
N LYS C 248 -32.09 -29.86 34.94
CA LYS C 248 -31.03 -30.79 34.57
C LYS C 248 -30.44 -30.49 33.20
N ASP C 249 -31.17 -29.76 32.35
CA ASP C 249 -30.74 -29.51 30.97
C ASP C 249 -30.59 -28.02 30.68
N PHE C 250 -30.53 -27.18 31.71
CA PHE C 250 -30.34 -25.75 31.51
C PHE C 250 -28.93 -25.41 31.08
N ASN C 251 -27.95 -25.79 31.90
CA ASN C 251 -26.58 -25.30 31.73
C ASN C 251 -25.93 -25.84 30.47
N PHE C 252 -26.24 -27.07 30.07
CA PHE C 252 -25.67 -27.68 28.88
C PHE C 252 -26.03 -26.96 27.59
N LEU C 253 -27.31 -26.97 27.25
CA LEU C 253 -27.75 -26.71 25.89
C LEU C 253 -28.66 -25.50 25.76
N LEU C 254 -28.58 -24.56 26.71
CA LEU C 254 -29.35 -23.33 26.63
C LEU C 254 -28.45 -22.11 26.83
N SER C 255 -27.16 -22.25 26.52
CA SER C 255 -26.25 -21.14 26.69
C SER C 255 -25.14 -21.28 25.67
N PRO C 256 -24.75 -20.21 24.99
CA PRO C 256 -23.52 -20.25 24.18
C PRO C 256 -22.30 -20.13 25.08
N ASN C 257 -21.14 -20.31 24.46
CA ASN C 257 -19.82 -20.13 25.07
C ASN C 257 -19.59 -21.03 26.29
N GLN C 258 -20.14 -22.24 26.26
CA GLN C 258 -19.78 -23.25 27.26
C GLN C 258 -19.31 -24.50 26.54
N PRO C 259 -18.06 -24.92 26.71
CA PRO C 259 -17.57 -26.09 25.99
C PRO C 259 -18.19 -27.38 26.50
N ILE C 260 -18.15 -28.40 25.64
CA ILE C 260 -18.86 -29.66 25.84
C ILE C 260 -17.98 -30.78 25.31
N LEU C 261 -17.69 -31.78 26.14
CA LEU C 261 -17.09 -33.00 25.63
C LEU C 261 -18.14 -33.89 24.99
N LEU C 262 -17.74 -34.60 23.94
CA LEU C 262 -18.59 -35.56 23.26
C LEU C 262 -17.80 -36.85 23.10
N ASP C 263 -18.21 -37.90 23.79
CA ASP C 263 -17.54 -39.19 23.73
C ASP C 263 -18.43 -40.16 22.96
N ILE C 264 -18.04 -40.48 21.74
CA ILE C 264 -18.80 -41.36 20.87
C ILE C 264 -18.21 -42.75 20.94
N GLN C 265 -19.04 -43.75 21.23
CA GLN C 265 -18.60 -45.14 21.28
C GLN C 265 -19.55 -45.97 20.42
N ILE C 266 -19.02 -46.56 19.36
CA ILE C 266 -19.80 -47.28 18.36
C ILE C 266 -19.43 -48.75 18.44
N ASN C 267 -20.37 -49.58 18.85
CA ASN C 267 -20.15 -51.01 18.94
C ASN C 267 -20.95 -51.73 17.88
N ASP C 268 -20.30 -52.63 17.15
CA ASP C 268 -20.95 -53.49 16.18
C ASP C 268 -20.70 -54.95 16.55
N SER C 269 -21.54 -55.83 16.01
CA SER C 269 -21.36 -57.27 16.18
C SER C 269 -21.86 -57.97 14.93
N PHE C 270 -21.03 -58.84 14.38
CA PHE C 270 -21.37 -59.52 13.12
C PHE C 270 -22.02 -60.86 13.37
N HIS C 281 -18.59 -64.65 14.44
CA HIS C 281 -19.14 -63.37 14.85
C HIS C 281 -18.18 -62.67 15.81
N HIS C 282 -17.80 -61.44 15.47
CA HIS C 282 -16.83 -60.70 16.26
C HIS C 282 -17.16 -59.22 16.20
N LYS C 283 -16.68 -58.48 17.19
CA LYS C 283 -17.04 -57.09 17.40
C LYS C 283 -15.92 -56.17 16.95
N ARG C 284 -16.30 -54.99 16.46
CA ARG C 284 -15.35 -53.95 16.09
C ARG C 284 -15.84 -52.61 16.59
N THR C 285 -14.98 -51.91 17.33
CA THR C 285 -15.32 -50.69 18.05
C THR C 285 -14.58 -49.52 17.42
N THR C 286 -15.31 -48.44 17.16
CA THR C 286 -14.72 -47.16 16.81
C THR C 286 -15.08 -46.14 17.87
N ARG C 287 -14.20 -45.18 18.11
CA ARG C 287 -14.40 -44.26 19.22
C ARG C 287 -13.85 -42.89 18.89
N PHE C 288 -14.68 -41.87 19.11
CA PHE C 288 -14.36 -40.48 18.82
C PHE C 288 -14.51 -39.63 20.08
N ILE C 289 -13.67 -38.61 20.20
CA ILE C 289 -13.75 -37.62 21.28
C ILE C 289 -13.66 -36.25 20.63
N ALA C 290 -14.59 -35.37 20.96
CA ALA C 290 -14.65 -34.08 20.27
C ALA C 290 -15.28 -33.03 21.17
N ILE C 291 -14.84 -31.78 20.98
CA ILE C 291 -15.38 -30.63 21.70
C ILE C 291 -16.06 -29.70 20.70
N GLY C 292 -17.31 -29.36 20.97
CA GLY C 292 -17.98 -28.38 20.14
C GLY C 292 -18.67 -27.29 20.94
N PHE C 293 -18.20 -26.05 20.81
CA PHE C 293 -18.92 -24.92 21.37
C PHE C 293 -18.76 -23.75 20.43
N ASN C 294 -19.82 -22.94 20.33
CA ASN C 294 -19.87 -21.91 19.31
C ASN C 294 -20.59 -20.70 19.88
N SER C 295 -19.97 -19.53 19.75
CA SER C 295 -20.66 -18.29 20.06
C SER C 295 -21.74 -18.01 19.01
N ASN C 296 -22.81 -17.37 19.46
CA ASN C 296 -23.83 -16.75 18.62
C ASN C 296 -24.60 -17.78 17.80
N SER C 297 -24.76 -19.00 18.30
CA SER C 297 -25.51 -20.03 17.59
C SER C 297 -26.04 -21.06 18.57
N ILE C 298 -27.35 -21.13 18.71
CA ILE C 298 -28.05 -22.23 19.35
C ILE C 298 -29.25 -22.56 18.47
N ASP C 299 -29.44 -23.85 18.16
CA ASP C 299 -30.55 -24.29 17.31
C ASP C 299 -31.36 -25.35 18.05
N ILE C 300 -32.59 -25.01 18.41
CA ILE C 300 -33.51 -25.89 19.13
C ILE C 300 -34.90 -25.71 18.53
N HIS C 301 -35.55 -26.81 18.14
CA HIS C 301 -36.83 -26.75 17.48
C HIS C 301 -37.91 -27.40 18.34
N GLU C 302 -39.17 -27.10 18.01
CA GLU C 302 -40.35 -27.64 18.71
C GLU C 302 -41.49 -27.78 17.70
N ASN C 303 -42.70 -27.95 18.23
CA ASN C 303 -43.91 -27.81 17.44
C ASN C 303 -44.84 -26.78 18.07
N GLY C 318 -43.78 -31.35 22.45
CA GLY C 318 -43.07 -31.43 23.71
C GLY C 318 -41.75 -32.17 23.60
N VAL C 319 -41.25 -32.31 22.38
CA VAL C 319 -40.00 -33.00 22.10
C VAL C 319 -39.05 -31.99 21.45
N LYS C 320 -37.89 -31.81 22.05
CA LYS C 320 -36.98 -30.72 21.71
C LYS C 320 -35.74 -31.24 21.00
N LYS C 321 -35.55 -30.82 19.76
CA LYS C 321 -34.35 -31.16 19.02
C LYS C 321 -33.15 -30.35 19.51
N PHE C 322 -31.96 -30.76 19.08
CA PHE C 322 -30.71 -30.06 19.37
C PHE C 322 -29.78 -30.26 18.18
N LYS C 323 -28.89 -29.29 17.96
CA LYS C 323 -27.92 -29.35 16.86
C LYS C 323 -26.58 -28.83 17.37
N ILE C 324 -25.55 -29.68 17.31
CA ILE C 324 -24.23 -29.39 17.84
C ILE C 324 -23.21 -29.70 16.75
N GLN C 325 -22.15 -28.89 16.67
CA GLN C 325 -21.06 -29.18 15.74
C GLN C 325 -19.98 -30.03 16.40
N PHE C 326 -19.05 -30.50 15.57
CA PHE C 326 -17.91 -31.30 16.00
C PHE C 326 -16.60 -30.64 15.59
N HIS C 327 -15.65 -30.61 16.53
CA HIS C 327 -14.26 -30.35 16.20
C HIS C 327 -13.40 -31.16 17.16
N ASP C 328 -12.21 -31.53 16.69
CA ASP C 328 -11.20 -32.08 17.58
C ASP C 328 -10.77 -31.02 18.59
N PRO C 329 -10.42 -31.42 19.82
CA PRO C 329 -10.31 -30.45 20.92
C PRO C 329 -9.19 -29.43 20.77
N LEU C 330 -8.17 -29.72 19.98
CA LEU C 330 -7.13 -28.71 19.79
C LEU C 330 -7.63 -27.56 18.93
N LYS C 331 -8.55 -27.85 18.01
CA LYS C 331 -9.10 -26.79 17.17
C LYS C 331 -10.05 -25.90 17.95
N ALA C 332 -11.18 -26.47 18.40
CA ALA C 332 -12.30 -25.69 18.93
C ALA C 332 -11.96 -24.91 20.20
N LEU C 333 -10.94 -25.33 20.93
CA LEU C 333 -10.47 -24.51 22.04
C LEU C 333 -9.61 -23.35 21.54
N TRP C 334 -8.62 -23.64 20.71
CA TRP C 334 -7.76 -22.59 20.18
C TRP C 334 -8.38 -21.76 19.08
N THR C 335 -9.59 -22.07 18.60
CA THR C 335 -10.21 -21.19 17.61
C THR C 335 -10.60 -19.86 18.21
N LYS C 336 -11.12 -19.87 19.42
CA LYS C 336 -11.55 -18.66 20.09
C LYS C 336 -10.45 -18.15 21.03
N HIS C 337 -9.28 -17.89 20.43
CA HIS C 337 -8.09 -17.47 21.16
C HIS C 337 -7.19 -16.73 20.18
N LYS C 338 -6.96 -15.44 20.40
CA LYS C 338 -6.26 -14.59 19.44
C LYS C 338 -5.25 -13.69 20.14
N PRO C 339 -4.07 -14.20 20.49
CA PRO C 339 -3.02 -13.35 21.04
C PRO C 339 -2.08 -12.84 19.93
N SER C 340 -1.30 -11.84 20.28
CA SER C 340 -0.26 -11.33 19.38
C SER C 340 0.81 -10.65 20.23
N TYR C 341 1.98 -11.26 20.31
CA TYR C 341 3.08 -10.70 21.08
C TYR C 341 4.39 -11.06 20.39
N ILE C 342 5.51 -10.74 21.04
CA ILE C 342 6.84 -11.00 20.51
C ILE C 342 7.60 -11.81 21.54
N ALA C 343 8.16 -12.94 21.12
CA ALA C 343 8.99 -13.75 21.99
C ALA C 343 10.41 -13.75 21.46
N LEU C 344 11.39 -13.79 22.38
CA LEU C 344 12.79 -13.68 22.04
C LEU C 344 13.54 -14.89 22.56
N ASN C 345 14.37 -15.47 21.70
CA ASN C 345 15.23 -16.63 22.00
C ASN C 345 14.45 -17.85 22.45
N LYS C 346 13.21 -17.99 22.01
CA LYS C 346 12.39 -19.16 22.28
C LYS C 346 12.28 -20.01 21.03
N SER C 347 12.31 -21.33 21.23
CA SER C 347 12.12 -22.28 20.15
C SER C 347 10.64 -22.62 20.05
N LEU C 348 10.26 -23.34 19.00
CA LEU C 348 8.85 -23.54 18.69
C LEU C 348 8.16 -24.44 19.69
N ASP C 349 8.80 -25.55 20.08
CA ASP C 349 8.24 -26.39 21.14
C ASP C 349 8.20 -25.67 22.48
N ASP C 350 9.02 -24.64 22.65
CA ASP C 350 8.90 -23.80 23.83
C ASP C 350 7.80 -22.75 23.65
N ILE C 351 7.45 -22.42 22.40
CA ILE C 351 6.39 -21.44 22.17
C ILE C 351 5.02 -22.08 22.37
N PHE C 352 4.78 -23.23 21.74
CA PHE C 352 3.44 -23.83 21.76
C PHE C 352 3.07 -24.32 23.16
N LYS C 353 4.05 -24.77 23.94
CA LYS C 353 3.77 -25.22 25.30
C LYS C 353 3.49 -24.06 26.24
N ASP C 354 3.81 -22.83 25.86
CA ASP C 354 3.38 -21.68 26.64
C ASP C 354 1.89 -21.44 26.49
N ASN C 355 1.39 -21.54 25.26
CA ASN C 355 -0.01 -21.28 24.99
C ASN C 355 -0.91 -22.50 25.18
N PHE C 356 -0.36 -23.62 25.64
CA PHE C 356 -1.11 -24.88 25.71
C PHE C 356 -1.61 -25.04 27.14
N PHE C 357 -2.74 -24.40 27.43
CA PHE C 357 -3.30 -24.36 28.78
C PHE C 357 -4.30 -25.49 28.94
N PHE C 358 -3.92 -26.72 28.58
CA PHE C 358 -4.88 -27.84 28.59
C PHE C 358 -4.12 -29.11 28.95
N ASP C 359 -4.15 -29.49 30.22
CA ASP C 359 -3.57 -30.75 30.63
C ASP C 359 -4.52 -31.62 31.42
N SER C 360 -5.67 -31.11 31.82
CA SER C 360 -6.71 -31.93 32.41
C SER C 360 -7.65 -32.53 31.38
N LEU C 361 -7.36 -32.35 30.10
CA LEU C 361 -8.14 -32.95 29.03
C LEU C 361 -7.34 -33.90 28.16
N PHE C 362 -6.20 -33.44 27.64
CA PHE C 362 -5.43 -34.23 26.69
C PHE C 362 -3.98 -33.73 26.76
N SER C 363 -3.17 -34.17 25.80
CA SER C 363 -1.80 -33.69 25.68
C SER C 363 -1.38 -33.82 24.22
N LEU C 364 -0.23 -33.22 23.91
CA LEU C 364 0.34 -33.32 22.57
C LEU C 364 1.80 -33.75 22.68
N ASP C 365 2.17 -34.71 21.84
CA ASP C 365 3.53 -35.25 21.83
C ASP C 365 4.41 -34.39 20.94
N THR C 366 5.34 -33.64 21.54
CA THR C 366 6.44 -33.02 20.83
C THR C 366 7.73 -33.45 21.54
N ASN C 367 8.19 -34.64 21.21
CA ASN C 367 9.46 -35.17 21.70
C ASN C 367 10.20 -35.90 20.60
N LYS C 368 9.68 -35.93 19.38
CA LYS C 368 10.24 -36.71 18.29
C LYS C 368 10.63 -35.85 17.09
N SER C 369 10.34 -34.55 17.11
CA SER C 369 10.50 -33.74 15.90
C SER C 369 11.95 -33.30 15.70
N ASN C 370 12.49 -32.52 16.65
CA ASN C 370 13.83 -31.90 16.59
C ASN C 370 14.03 -31.04 15.34
N ASN C 371 12.94 -30.48 14.81
CA ASN C 371 12.99 -29.27 14.00
C ASN C 371 12.30 -28.11 14.70
N LEU C 372 11.39 -28.40 15.61
CA LEU C 372 10.66 -27.39 16.35
C LEU C 372 11.35 -27.00 17.64
N LYS C 373 12.63 -27.34 17.79
CA LYS C 373 13.42 -26.98 18.97
C LYS C 373 14.59 -26.08 18.61
N ILE C 374 14.71 -25.66 17.36
CA ILE C 374 15.76 -24.73 16.97
C ILE C 374 15.43 -23.36 17.52
N ARG C 375 16.40 -22.75 18.22
CA ARG C 375 16.19 -21.45 18.83
C ARG C 375 16.11 -20.36 17.76
N ILE C 376 14.96 -19.73 17.65
CA ILE C 376 14.75 -18.56 16.80
C ILE C 376 15.08 -17.34 17.65
N PRO C 377 15.90 -16.40 17.15
CA PRO C 377 16.26 -15.25 18.00
C PRO C 377 15.13 -14.24 18.16
N GLN C 378 14.31 -14.01 17.13
CA GLN C 378 13.26 -13.00 17.18
C GLN C 378 11.98 -13.61 16.61
N ALA C 379 11.11 -14.11 17.48
CA ALA C 379 9.86 -14.71 17.06
C ALA C 379 8.75 -13.67 17.13
N PHE C 380 8.15 -13.36 15.99
CA PHE C 380 7.04 -12.40 15.90
C PHE C 380 5.75 -13.19 15.69
N ILE C 381 5.03 -13.44 16.78
CA ILE C 381 3.75 -14.13 16.69
C ILE C 381 2.67 -13.11 16.34
N SER C 382 1.94 -13.35 15.26
CA SER C 382 0.99 -12.37 14.73
C SER C 382 -0.30 -13.07 14.30
N THR C 383 -1.25 -13.18 15.22
CA THR C 383 -2.61 -13.57 14.87
C THR C 383 -3.46 -12.29 14.96
N VAL C 384 -3.30 -11.43 13.96
CA VAL C 384 -3.92 -10.11 14.03
C VAL C 384 -5.37 -10.17 13.62
N ASN C 385 -5.64 -10.54 12.38
CA ASN C 385 -6.99 -10.65 11.85
C ASN C 385 -7.36 -12.10 11.58
N ARG C 386 -6.85 -13.03 12.38
CA ARG C 386 -7.06 -14.44 12.11
C ARG C 386 -7.01 -15.22 13.41
N ASN C 387 -7.17 -16.53 13.27
CA ASN C 387 -7.13 -17.47 14.37
C ASN C 387 -5.68 -17.71 14.82
N PHE C 388 -5.53 -18.26 16.04
CA PHE C 388 -4.23 -18.78 16.46
C PHE C 388 -4.00 -20.18 15.93
N TYR C 389 -5.07 -20.96 15.75
CA TYR C 389 -4.92 -22.30 15.20
C TYR C 389 -4.47 -22.27 13.76
N ASP C 390 -4.74 -21.17 13.04
CA ASP C 390 -4.14 -21.00 11.73
C ASP C 390 -2.64 -20.71 11.83
N PHE C 391 -2.22 -20.00 12.88
CA PHE C 391 -0.78 -19.80 13.10
C PHE C 391 -0.11 -21.10 13.50
N PHE C 392 -0.84 -21.97 14.21
CA PHE C 392 -0.30 -23.26 14.60
C PHE C 392 0.02 -24.13 13.39
N ILE C 393 -0.73 -23.95 12.30
CA ILE C 393 -0.55 -24.81 11.14
C ILE C 393 0.33 -24.14 10.08
N GLN C 394 0.32 -22.80 9.99
CA GLN C 394 1.10 -22.12 8.97
C GLN C 394 2.59 -22.27 9.21
N GLN C 395 3.02 -22.19 10.46
CA GLN C 395 4.41 -22.47 10.75
C GLN C 395 4.65 -23.98 10.91
N LEU C 396 3.58 -24.77 10.89
CA LEU C 396 3.77 -26.22 10.85
C LEU C 396 3.97 -26.70 9.42
N GLU C 397 3.38 -26.00 8.46
CA GLU C 397 3.57 -26.34 7.06
C GLU C 397 4.97 -25.99 6.58
N GLN C 398 5.51 -24.86 7.05
CA GLN C 398 6.83 -24.43 6.65
C GLN C 398 7.95 -25.10 7.44
N ASN C 399 7.63 -26.14 8.20
CA ASN C 399 8.63 -27.04 8.73
C ASN C 399 8.37 -28.49 8.31
N LYS C 400 7.28 -28.72 7.56
CA LYS C 400 6.93 -29.99 6.91
C LYS C 400 6.81 -31.13 7.94
N CYS C 401 5.80 -30.99 8.79
CA CYS C 401 5.54 -31.94 9.85
C CYS C 401 4.22 -32.65 9.60
N TYR C 402 3.89 -33.58 10.49
CA TYR C 402 2.62 -34.29 10.49
C TYR C 402 1.84 -33.93 11.74
N LEU C 403 0.52 -34.08 11.65
CA LEU C 403 -0.33 -34.17 12.83
C LEU C 403 -1.03 -35.53 12.82
N LYS C 404 -1.43 -35.96 14.01
CA LYS C 404 -2.36 -37.07 14.15
C LYS C 404 -3.30 -36.82 15.32
N TYR C 405 -4.58 -36.78 15.03
CA TYR C 405 -5.57 -37.02 16.06
C TYR C 405 -5.53 -38.50 16.41
N PHE C 406 -5.59 -38.82 17.70
CA PHE C 406 -5.58 -40.21 18.12
C PHE C 406 -6.28 -40.36 19.45
N CYS C 407 -7.07 -41.42 19.58
CA CYS C 407 -7.68 -41.81 20.84
C CYS C 407 -7.27 -43.22 21.17
N ASP C 408 -7.10 -43.50 22.45
CA ASP C 408 -7.06 -44.88 22.92
C ASP C 408 -8.49 -45.38 23.04
N LYS C 409 -8.75 -46.56 22.49
CA LYS C 409 -10.09 -47.12 22.62
C LYS C 409 -10.37 -47.62 24.02
N LYS C 410 -9.32 -47.94 24.79
CA LYS C 410 -9.46 -48.51 26.14
C LYS C 410 -8.46 -47.82 27.05
N SER C 411 -8.83 -46.70 27.67
CA SER C 411 -10.03 -45.92 27.37
C SER C 411 -9.59 -44.55 26.85
N GLY C 412 -10.55 -43.66 26.61
CA GLY C 412 -10.32 -42.44 25.84
C GLY C 412 -9.35 -41.42 26.40
N LYS C 413 -8.19 -41.30 25.76
CA LYS C 413 -7.19 -40.30 26.10
C LYS C 413 -6.64 -39.73 24.79
N VAL C 414 -7.00 -38.48 24.48
CA VAL C 414 -6.61 -37.87 23.22
C VAL C 414 -5.14 -37.48 23.28
N SER C 415 -4.41 -37.73 22.19
CA SER C 415 -3.00 -37.39 22.12
C SER C 415 -2.62 -37.01 20.70
N TYR C 416 -2.06 -35.83 20.54
CA TYR C 416 -1.58 -35.34 19.25
C TYR C 416 -0.10 -35.63 19.08
N HIS C 417 0.28 -35.98 17.85
CA HIS C 417 1.65 -36.36 17.54
C HIS C 417 2.18 -35.50 16.41
N VAL C 418 3.39 -34.98 16.59
CA VAL C 418 4.07 -34.19 15.56
C VAL C 418 5.44 -34.81 15.34
N VAL C 419 5.59 -35.53 14.23
CA VAL C 419 6.86 -36.16 13.87
C VAL C 419 7.18 -35.74 12.44
N ASP C 420 8.45 -35.43 12.17
CA ASP C 420 8.84 -34.95 10.85
C ASP C 420 8.72 -36.04 9.78
N GLN C 421 8.88 -37.30 10.16
CA GLN C 421 8.74 -38.40 9.21
C GLN C 421 7.76 -39.43 9.76
N VAL C 422 7.71 -40.60 9.14
CA VAL C 422 6.93 -41.72 9.64
C VAL C 422 7.86 -42.89 9.85
N ASP C 423 7.77 -43.50 11.03
CA ASP C 423 8.68 -44.55 11.46
C ASP C 423 7.84 -45.60 12.17
N ASN C 424 8.52 -46.50 12.88
CA ASN C 424 7.84 -47.40 13.80
C ASN C 424 7.66 -46.79 15.19
N ASP C 425 8.19 -45.59 15.43
CA ASP C 425 8.01 -44.96 16.73
C ASP C 425 6.60 -44.41 16.88
N LEU C 426 6.02 -43.89 15.80
CA LEU C 426 4.59 -43.63 15.79
C LEU C 426 3.79 -44.93 15.82
N GLN C 427 4.09 -45.83 14.89
CA GLN C 427 3.20 -46.95 14.58
C GLN C 427 3.22 -48.05 15.64
N ARG C 428 4.09 -47.97 16.64
CA ARG C 428 3.85 -48.70 17.88
C ARG C 428 2.56 -48.23 18.52
N ASN C 429 2.36 -46.92 18.58
CA ASN C 429 1.21 -46.34 19.25
C ASN C 429 -0.01 -46.23 18.37
N ILE C 430 0.03 -46.75 17.14
CA ILE C 430 -1.12 -46.65 16.23
C ILE C 430 -1.54 -48.08 15.92
N VAL C 431 -1.30 -48.99 16.86
CA VAL C 431 -1.86 -50.33 16.74
C VAL C 431 -3.36 -50.26 16.95
N ASN C 432 -4.11 -50.80 15.98
CA ASN C 432 -5.55 -50.92 16.12
C ASN C 432 -5.86 -51.96 17.18
N SER C 433 -6.41 -51.51 18.32
CA SER C 433 -6.62 -52.40 19.47
C SER C 433 -7.85 -53.27 19.21
N ASP C 434 -7.67 -54.24 18.33
CA ASP C 434 -8.68 -55.23 17.95
C ASP C 434 -7.95 -56.55 17.71
N GLU C 435 -8.70 -57.55 17.26
CA GLU C 435 -8.09 -58.81 16.82
C GLU C 435 -8.70 -59.21 15.49
N ASP C 436 -7.95 -60.08 14.79
CA ASP C 436 -8.28 -60.63 13.47
C ASP C 436 -8.48 -59.49 12.45
N LEU C 437 -7.39 -58.77 12.23
CA LEU C 437 -7.36 -57.60 11.35
C LEU C 437 -6.57 -57.97 10.09
N LYS C 438 -7.29 -58.27 9.02
CA LYS C 438 -6.68 -58.79 7.82
C LYS C 438 -6.52 -57.68 6.78
N ASP C 439 -5.89 -58.02 5.65
CA ASP C 439 -5.60 -57.06 4.58
C ASP C 439 -6.08 -57.59 3.25
N LYS C 440 -5.66 -56.93 2.17
CA LYS C 440 -5.61 -57.47 0.81
C LYS C 440 -6.97 -57.68 0.17
N LEU C 441 -8.02 -57.07 0.73
CA LEU C 441 -9.40 -57.13 0.23
C LEU C 441 -9.90 -58.57 0.14
N SER C 442 -10.03 -59.21 1.30
CA SER C 442 -10.57 -60.56 1.36
C SER C 442 -12.05 -60.53 0.98
N PRO C 443 -12.55 -61.56 0.26
CA PRO C 443 -13.86 -61.43 -0.39
C PRO C 443 -15.08 -61.50 0.53
N TYR C 444 -15.04 -60.77 1.63
CA TYR C 444 -16.22 -60.26 2.29
C TYR C 444 -16.37 -58.76 2.06
N ASP C 445 -15.30 -58.12 1.59
CA ASP C 445 -15.35 -56.70 1.26
C ASP C 445 -16.18 -56.46 0.00
N ILE C 446 -15.97 -57.29 -1.03
CA ILE C 446 -16.66 -57.18 -2.31
C ILE C 446 -18.16 -57.37 -2.13
N SER C 447 -18.57 -58.13 -1.11
CA SER C 447 -19.98 -58.20 -0.75
C SER C 447 -20.52 -56.86 -0.23
N CYS C 448 -19.68 -56.05 0.40
CA CYS C 448 -20.11 -54.77 0.97
C CYS C 448 -19.41 -53.62 0.25
N PHE C 449 -19.99 -53.21 -0.88
CA PHE C 449 -19.65 -51.95 -1.53
C PHE C 449 -20.91 -51.35 -2.12
N LYS C 450 -20.83 -50.07 -2.45
CA LYS C 450 -21.94 -49.42 -3.15
C LYS C 450 -21.46 -48.78 -4.44
N LYS C 451 -20.29 -48.12 -4.40
CA LYS C 451 -19.71 -47.49 -5.58
C LYS C 451 -18.20 -47.55 -5.51
N GLN C 452 -17.56 -47.08 -6.58
CA GLN C 452 -16.14 -46.73 -6.61
C GLN C 452 -16.01 -45.46 -7.41
N ILE C 453 -15.38 -44.44 -6.82
CA ILE C 453 -15.26 -43.14 -7.45
C ILE C 453 -13.78 -42.78 -7.52
N LEU C 454 -13.32 -42.35 -8.70
CA LEU C 454 -11.97 -41.83 -8.81
C LEU C 454 -11.91 -40.34 -8.57
N ILE C 455 -10.73 -39.90 -8.14
CA ILE C 455 -10.25 -38.54 -8.26
C ILE C 455 -8.98 -38.80 -9.08
N SER C 456 -8.17 -37.78 -9.35
CA SER C 456 -7.12 -37.84 -10.36
C SER C 456 -6.04 -38.88 -10.04
N ASN C 457 -5.27 -39.20 -11.08
CA ASN C 457 -4.39 -40.36 -11.12
C ASN C 457 -2.98 -39.86 -11.40
N LYS C 458 -2.00 -40.77 -11.29
CA LYS C 458 -0.61 -40.44 -11.56
C LYS C 458 -0.45 -40.10 -13.03
N SER C 459 -0.23 -38.82 -13.33
CA SER C 459 -0.22 -38.34 -14.69
C SER C 459 1.11 -38.64 -15.36
N ASN C 460 1.26 -38.16 -16.60
CA ASN C 460 2.49 -38.37 -17.34
C ASN C 460 2.96 -37.11 -18.05
N PHE C 461 2.45 -35.94 -17.68
CA PHE C 461 2.89 -34.69 -18.25
C PHE C 461 2.89 -33.60 -17.19
N TYR C 462 3.87 -32.70 -17.28
CA TYR C 462 3.94 -31.55 -16.38
C TYR C 462 4.16 -30.29 -17.21
N VAL C 463 4.01 -29.15 -16.54
CA VAL C 463 4.23 -27.85 -17.14
C VAL C 463 5.57 -27.34 -16.67
N LYS C 464 6.40 -26.86 -17.60
CA LYS C 464 7.70 -26.29 -17.25
C LYS C 464 7.51 -25.02 -16.43
N GLU C 465 7.97 -25.06 -15.19
CA GLU C 465 7.81 -23.95 -14.27
C GLU C 465 9.20 -23.38 -13.99
N LYS C 466 9.44 -22.16 -14.47
CA LYS C 466 10.73 -21.52 -14.30
C LYS C 466 10.71 -20.59 -13.10
N ASN C 467 11.89 -20.10 -12.74
CA ASN C 467 12.06 -19.34 -11.50
C ASN C 467 13.02 -18.20 -11.78
N ILE C 468 12.52 -16.96 -11.66
CA ILE C 468 13.28 -15.77 -12.01
C ILE C 468 13.45 -14.92 -10.76
N CYS C 469 14.69 -14.56 -10.47
CA CYS C 469 14.99 -13.51 -9.49
C CYS C 469 15.42 -12.28 -10.27
N PRO C 470 14.53 -11.34 -10.58
CA PRO C 470 14.94 -10.18 -11.38
C PRO C 470 15.76 -9.19 -10.56
N ASP C 471 17.07 -9.23 -10.75
CA ASP C 471 17.98 -8.41 -9.97
C ASP C 471 19.21 -8.06 -10.79
N VAL C 472 19.51 -6.77 -10.86
CA VAL C 472 20.86 -6.37 -11.17
C VAL C 472 21.74 -6.74 -9.97
N THR C 473 23.00 -7.09 -10.25
CA THR C 473 24.04 -7.45 -9.26
C THR C 473 23.66 -8.71 -8.47
N LEU C 474 23.32 -9.76 -9.21
CA LEU C 474 23.41 -11.15 -8.76
C LEU C 474 24.03 -11.87 -9.96
N ASN C 475 25.35 -11.98 -9.97
CA ASN C 475 26.07 -12.30 -11.20
C ASN C 475 26.24 -13.81 -11.39
N THR C 476 25.12 -14.52 -11.29
CA THR C 476 24.99 -15.94 -11.60
C THR C 476 23.85 -16.06 -12.59
N GLN C 477 23.40 -17.28 -12.86
CA GLN C 477 22.19 -17.43 -13.66
C GLN C 477 20.98 -16.90 -12.89
N ARG C 478 20.05 -16.31 -13.63
CA ARG C 478 18.84 -15.75 -13.03
C ARG C 478 17.68 -16.73 -13.18
N LYS C 479 17.44 -17.22 -14.39
CA LYS C 479 16.46 -18.26 -14.62
C LYS C 479 17.01 -19.62 -14.22
N GLU C 480 16.29 -20.33 -13.37
CA GLU C 480 16.56 -21.73 -13.09
C GLU C 480 15.23 -22.49 -13.11
N ASP C 481 15.30 -23.73 -13.58
CA ASP C 481 14.10 -24.54 -13.70
C ASP C 481 13.86 -25.29 -12.40
N ARG C 482 12.59 -25.49 -12.07
CA ARG C 482 12.26 -26.20 -10.84
C ARG C 482 12.54 -27.70 -10.99
N LYS C 483 12.51 -28.39 -9.86
CA LYS C 483 12.91 -29.78 -9.77
C LYS C 483 11.74 -30.64 -9.33
N ILE C 484 11.59 -31.80 -9.97
CA ILE C 484 10.45 -32.69 -9.75
C ILE C 484 10.95 -33.98 -9.12
N SER C 485 10.29 -34.39 -8.04
CA SER C 485 10.66 -35.62 -7.36
C SER C 485 10.28 -36.87 -8.13
N ASP C 486 9.38 -36.76 -9.11
CA ASP C 486 8.83 -37.93 -9.81
C ASP C 486 9.29 -37.89 -11.26
N THR C 487 10.15 -38.83 -11.64
CA THR C 487 10.62 -38.95 -13.02
C THR C 487 9.62 -39.76 -13.84
N LEU C 488 10.05 -40.15 -15.05
CA LEU C 488 9.19 -40.75 -16.10
C LEU C 488 8.00 -39.88 -16.45
N VAL C 489 8.16 -38.55 -16.34
CA VAL C 489 7.12 -37.59 -16.66
C VAL C 489 7.71 -36.60 -17.64
N LYS C 490 7.02 -36.36 -18.75
CA LYS C 490 7.61 -35.52 -19.78
C LYS C 490 7.02 -34.11 -19.76
N PRO C 491 7.80 -33.08 -20.08
CA PRO C 491 7.25 -31.73 -20.11
C PRO C 491 6.42 -31.49 -21.35
N PHE C 492 5.61 -30.42 -21.28
CA PHE C 492 5.00 -29.91 -22.49
C PHE C 492 6.02 -29.08 -23.26
N SER C 493 5.62 -28.63 -24.44
CA SER C 493 6.49 -27.85 -25.31
C SER C 493 5.96 -26.43 -25.38
N SER C 494 6.82 -25.47 -25.03
CA SER C 494 6.61 -24.02 -25.18
C SER C 494 5.40 -23.53 -24.40
N ILE C 495 5.28 -23.97 -23.15
CA ILE C 495 4.35 -23.42 -22.17
C ILE C 495 5.10 -23.24 -20.85
N LEU C 496 5.01 -22.04 -20.29
CA LEU C 496 5.80 -21.68 -19.12
C LEU C 496 4.89 -21.39 -17.94
N LYS C 497 5.51 -21.31 -16.76
CA LYS C 497 4.92 -20.70 -15.57
C LYS C 497 6.04 -19.94 -14.88
N ASP C 498 6.01 -18.61 -14.96
CA ASP C 498 7.09 -17.78 -14.45
C ASP C 498 6.75 -17.36 -13.03
N ASN C 499 7.45 -17.95 -12.06
CA ASN C 499 7.23 -17.67 -10.64
C ASN C 499 8.30 -16.69 -10.20
N LEU C 500 7.96 -15.41 -10.18
CA LEU C 500 8.90 -14.36 -9.84
C LEU C 500 9.14 -14.33 -8.34
N GLN C 501 10.11 -13.52 -7.93
CA GLN C 501 10.30 -13.15 -6.54
C GLN C 501 10.34 -11.63 -6.47
N SER C 502 9.67 -11.07 -5.46
CA SER C 502 9.72 -9.63 -5.28
C SER C 502 11.10 -9.21 -4.79
N VAL C 503 11.40 -7.93 -4.99
CA VAL C 503 12.73 -7.42 -4.70
C VAL C 503 12.62 -6.44 -3.54
N GLU C 504 13.20 -6.81 -2.41
CA GLU C 504 13.26 -5.93 -1.26
C GLU C 504 14.48 -5.02 -1.37
N TYR C 505 14.60 -4.12 -0.38
CA TYR C 505 15.84 -3.36 -0.28
C TYR C 505 16.99 -4.24 0.19
N ILE C 506 16.69 -5.31 0.93
CA ILE C 506 17.70 -6.22 1.43
C ILE C 506 18.36 -6.93 0.24
N GLN C 507 19.62 -7.32 0.42
CA GLN C 507 20.27 -8.33 -0.41
C GLN C 507 19.33 -9.53 -0.55
N SER C 508 18.89 -9.79 -1.77
CA SER C 508 17.75 -10.66 -2.00
C SER C 508 18.10 -12.12 -1.68
N ASN C 509 17.21 -12.78 -0.96
CA ASN C 509 17.51 -14.07 -0.37
C ASN C 509 17.39 -15.20 -1.39
N ASN C 510 17.48 -16.43 -0.91
CA ASN C 510 17.53 -17.59 -1.80
C ASN C 510 17.07 -18.82 -1.02
N ASP C 511 16.32 -19.71 -1.67
CA ASP C 511 15.83 -19.55 -3.04
C ASP C 511 14.38 -19.99 -3.13
N ASP C 512 13.82 -20.36 -1.97
CA ASP C 512 12.51 -21.01 -1.84
C ASP C 512 12.44 -22.25 -2.73
N LYS C 513 13.32 -23.21 -2.41
CA LYS C 513 13.51 -24.41 -3.22
C LYS C 513 12.33 -25.35 -3.00
N GLN C 514 11.23 -25.05 -3.68
CA GLN C 514 10.06 -25.92 -3.67
C GLN C 514 10.18 -26.99 -4.75
N GLU C 515 9.09 -27.70 -5.01
CA GLU C 515 9.02 -28.64 -6.11
C GLU C 515 7.74 -28.39 -6.88
N ILE C 516 7.72 -28.83 -8.13
CA ILE C 516 6.49 -28.81 -8.91
C ILE C 516 5.57 -29.87 -8.33
N ILE C 517 4.50 -29.44 -7.68
CA ILE C 517 3.61 -30.36 -6.98
C ILE C 517 2.78 -31.09 -8.03
N THR C 518 3.11 -32.36 -8.25
CA THR C 518 2.44 -33.18 -9.25
C THR C 518 1.16 -33.76 -8.65
N THR C 519 0.54 -34.69 -9.37
CA THR C 519 -0.70 -35.30 -8.93
C THR C 519 -0.43 -36.68 -8.35
N GLY C 520 -1.29 -37.10 -7.43
CA GLY C 520 -1.14 -38.38 -6.77
C GLY C 520 -2.12 -39.41 -7.26
N PHE C 521 -2.94 -39.93 -6.35
CA PHE C 521 -3.87 -41.00 -6.66
C PHE C 521 -4.90 -41.06 -5.55
N GLU C 522 -6.18 -40.85 -5.88
CA GLU C 522 -7.22 -40.81 -4.86
C GLU C 522 -8.46 -41.55 -5.35
N ILE C 523 -8.80 -42.64 -4.67
CA ILE C 523 -10.06 -43.36 -4.88
C ILE C 523 -11.01 -43.01 -3.75
N LEU C 524 -12.19 -42.53 -4.11
CA LEU C 524 -13.31 -42.50 -3.18
C LEU C 524 -14.05 -43.83 -3.27
N LEU C 525 -14.27 -44.47 -2.14
CA LEU C 525 -15.15 -45.61 -2.05
C LEU C 525 -16.44 -45.20 -1.39
N THR C 526 -17.40 -46.12 -1.36
CA THR C 526 -18.58 -46.02 -0.51
C THR C 526 -18.81 -47.38 0.10
N SER C 527 -19.66 -47.44 1.12
CA SER C 527 -19.99 -48.71 1.76
C SER C 527 -21.35 -48.60 2.42
N ARG C 528 -21.77 -49.70 3.03
CA ARG C 528 -22.95 -49.74 3.88
C ARG C 528 -22.63 -50.30 5.26
N ASN C 529 -21.36 -50.60 5.52
CA ASN C 529 -20.92 -51.15 6.79
C ASN C 529 -19.59 -50.51 7.16
N THR C 530 -19.20 -50.68 8.41
CA THR C 530 -17.78 -50.71 8.71
C THR C 530 -17.26 -52.06 8.25
N LEU C 531 -16.19 -52.05 7.45
CA LEU C 531 -15.85 -53.20 6.63
C LEU C 531 -15.34 -54.37 7.46
N PRO C 532 -15.90 -55.56 7.29
CA PRO C 532 -15.29 -56.76 7.88
C PRO C 532 -13.97 -57.07 7.19
N PHE C 533 -12.97 -57.39 8.01
CA PHE C 533 -11.66 -57.92 7.57
C PHE C 533 -10.88 -56.92 6.72
N LEU C 534 -10.81 -55.68 7.20
CA LEU C 534 -9.78 -54.73 6.80
C LEU C 534 -9.43 -53.89 8.02
N ASP C 535 -8.51 -52.95 7.81
CA ASP C 535 -8.23 -51.91 8.80
C ASP C 535 -8.84 -50.62 8.28
N THR C 536 -10.13 -50.43 8.53
CA THR C 536 -10.77 -49.16 8.22
C THR C 536 -10.67 -48.20 9.39
N GLU C 537 -9.47 -48.03 9.92
CA GLU C 537 -9.17 -47.19 11.06
C GLU C 537 -7.86 -46.50 10.73
N ILE C 538 -7.82 -45.18 10.86
CA ILE C 538 -6.80 -44.40 10.17
C ILE C 538 -5.47 -44.54 10.90
N THR C 539 -4.70 -45.53 10.48
CA THR C 539 -3.29 -45.60 10.81
C THR C 539 -2.49 -45.09 9.62
N LEU C 540 -1.22 -44.78 9.85
CA LEU C 540 -0.34 -44.53 8.72
C LEU C 540 0.46 -45.79 8.41
N SER C 541 -0.26 -46.84 8.05
CA SER C 541 0.31 -48.16 7.75
C SER C 541 -0.15 -48.58 6.36
N LYS C 542 0.13 -49.82 6.00
CA LYS C 542 0.00 -50.27 4.62
C LYS C 542 -1.17 -51.22 4.43
N LEU C 543 -1.69 -51.22 3.20
CA LEU C 543 -2.72 -52.15 2.77
C LEU C 543 -2.33 -52.68 1.39
N ASP C 544 -2.12 -53.98 1.29
CA ASP C 544 -1.48 -54.57 0.12
C ASP C 544 -2.45 -54.66 -1.05
N ASN C 545 -1.99 -55.24 -2.16
CA ASN C 545 -2.81 -55.41 -3.36
C ASN C 545 -2.52 -56.75 -4.00
N ASP C 546 -3.51 -57.64 -3.99
CA ASP C 546 -3.47 -58.86 -4.77
C ASP C 546 -4.65 -58.97 -5.73
N GLN C 547 -5.64 -58.09 -5.62
CA GLN C 547 -6.84 -58.14 -6.45
C GLN C 547 -7.01 -56.82 -7.17
N ASN C 548 -7.54 -56.90 -8.39
CA ASN C 548 -7.75 -55.73 -9.25
C ASN C 548 -9.22 -55.39 -9.38
N TYR C 549 -9.97 -55.49 -8.29
CA TYR C 549 -11.38 -55.16 -8.27
C TYR C 549 -11.63 -53.69 -7.94
N LEU C 550 -10.63 -52.84 -8.15
CA LEU C 550 -10.76 -51.39 -8.18
C LEU C 550 -10.51 -50.92 -9.61
N LEU C 551 -10.66 -49.62 -9.83
CA LEU C 551 -10.16 -49.06 -11.08
C LEU C 551 -8.64 -49.02 -11.04
N GLY C 552 -8.10 -48.17 -10.16
CA GLY C 552 -6.72 -48.21 -9.70
C GLY C 552 -5.68 -48.19 -10.79
N ALA C 553 -4.62 -48.96 -10.56
CA ALA C 553 -3.68 -49.37 -11.59
C ALA C 553 -2.99 -50.63 -11.10
N THR C 554 -2.65 -51.51 -12.05
CA THR C 554 -1.95 -52.73 -11.71
C THR C 554 -0.49 -52.52 -11.36
N ASP C 555 0.03 -51.30 -11.57
CA ASP C 555 1.41 -50.97 -11.21
C ASP C 555 1.52 -50.33 -9.84
N ILE C 556 0.62 -50.67 -8.92
CA ILE C 556 0.52 -49.99 -7.63
C ILE C 556 0.87 -50.96 -6.51
N LYS C 557 1.75 -50.50 -5.62
CA LYS C 557 2.14 -51.18 -4.39
C LYS C 557 1.10 -50.97 -3.30
N SER C 558 1.50 -51.13 -2.04
CA SER C 558 0.60 -51.02 -0.89
C SER C 558 -0.09 -49.65 -0.81
N LEU C 559 -1.18 -49.60 -0.03
CA LEU C 559 -2.08 -48.47 0.01
C LEU C 559 -2.35 -48.06 1.45
N TYR C 560 -2.89 -46.86 1.65
CA TYR C 560 -3.31 -46.44 2.98
C TYR C 560 -4.61 -45.65 2.88
N ILE C 561 -5.20 -45.38 4.04
CA ILE C 561 -6.50 -44.74 4.16
C ILE C 561 -6.30 -43.40 4.85
N SER C 562 -6.79 -42.32 4.23
CA SER C 562 -6.56 -40.99 4.75
C SER C 562 -7.82 -40.27 5.23
N GLN C 563 -9.02 -40.79 4.97
CA GLN C 563 -10.25 -40.19 5.49
C GLN C 563 -11.26 -41.27 5.84
N ARG C 564 -12.27 -40.86 6.59
CA ARG C 564 -13.53 -41.58 6.72
C ARG C 564 -14.65 -40.55 6.79
N LYS C 565 -15.84 -40.98 6.39
CA LYS C 565 -17.05 -40.17 6.54
C LYS C 565 -18.17 -41.07 7.04
N LEU C 566 -18.99 -40.55 7.94
CA LEU C 566 -20.02 -41.35 8.59
C LEU C 566 -21.33 -40.59 8.57
N LEU C 567 -22.29 -41.07 7.79
CA LEU C 567 -23.68 -40.60 7.88
C LEU C 567 -24.50 -41.67 8.59
N PHE C 568 -24.96 -41.35 9.80
CA PHE C 568 -25.83 -42.24 10.56
C PHE C 568 -27.19 -41.57 10.68
N LYS C 569 -28.20 -42.15 10.04
CA LYS C 569 -29.55 -41.65 10.12
C LYS C 569 -30.44 -42.64 10.88
N ARG C 570 -31.33 -42.10 11.70
CA ARG C 570 -32.28 -42.93 12.42
C ARG C 570 -33.33 -43.48 11.45
N SER C 571 -33.61 -44.76 11.60
CA SER C 571 -34.54 -45.43 10.69
C SER C 571 -35.96 -44.95 10.93
N LYS C 572 -36.73 -44.86 9.84
CA LYS C 572 -38.06 -44.26 9.90
C LYS C 572 -39.06 -45.12 10.66
N TYR C 573 -38.82 -46.43 10.73
CA TYR C 573 -39.66 -47.28 11.56
C TYR C 573 -39.41 -47.00 13.04
N CYS C 574 -38.15 -46.70 13.40
CA CYS C 574 -37.83 -46.40 14.78
C CYS C 574 -38.21 -44.97 15.15
N SER C 575 -38.53 -44.14 14.15
CA SER C 575 -38.95 -42.77 14.41
C SER C 575 -40.31 -42.73 15.08
N LYS C 576 -41.30 -43.42 14.51
CA LYS C 576 -42.66 -43.33 15.01
C LYS C 576 -42.82 -44.05 16.34
N GLN C 577 -41.96 -45.03 16.61
CA GLN C 577 -42.05 -45.77 17.88
C GLN C 577 -41.70 -44.89 19.05
N LEU C 578 -40.60 -44.14 18.96
CA LEU C 578 -40.29 -43.14 19.98
C LEU C 578 -41.28 -41.98 19.94
N TYR C 579 -41.84 -41.68 18.77
CA TYR C 579 -42.79 -40.58 18.64
C TYR C 579 -44.15 -40.91 19.28
N GLU C 580 -44.42 -42.19 19.54
CA GLU C 580 -45.64 -42.59 20.22
C GLU C 580 -45.42 -42.89 21.69
N ASN C 581 -44.38 -43.64 22.02
CA ASN C 581 -44.06 -43.92 23.42
C ASN C 581 -42.97 -42.99 23.93
N HIS C 609 -30.55 -47.85 13.21
CA HIS C 609 -30.06 -46.73 12.42
C HIS C 609 -29.47 -47.20 11.10
N ASP C 610 -29.08 -46.26 10.24
CA ASP C 610 -28.59 -46.58 8.91
C ASP C 610 -27.10 -46.30 8.82
N ASN C 611 -26.52 -46.53 7.64
CA ASN C 611 -25.09 -46.41 7.41
C ASN C 611 -24.84 -45.98 5.97
N SER C 612 -23.83 -45.13 5.80
CA SER C 612 -23.24 -44.87 4.48
C SER C 612 -21.86 -44.29 4.74
N ILE C 613 -20.81 -45.02 4.37
CA ILE C 613 -19.45 -44.72 4.80
C ILE C 613 -18.55 -44.65 3.57
N THR C 614 -17.89 -43.53 3.38
CA THR C 614 -16.94 -43.38 2.29
C THR C 614 -15.51 -43.57 2.80
N TYR C 615 -14.54 -43.52 1.90
CA TYR C 615 -13.14 -43.68 2.23
C TYR C 615 -12.29 -42.92 1.22
N LYS C 616 -11.09 -42.55 1.64
CA LYS C 616 -10.04 -42.09 0.74
C LYS C 616 -8.90 -43.08 0.78
N ILE C 617 -8.41 -43.48 -0.40
CA ILE C 617 -7.30 -44.43 -0.51
C ILE C 617 -6.27 -43.85 -1.46
N LYS C 618 -5.02 -43.79 -1.02
CA LYS C 618 -3.95 -43.17 -1.80
C LYS C 618 -2.76 -44.12 -1.88
N ASP C 619 -1.83 -43.80 -2.78
CA ASP C 619 -0.62 -44.59 -2.92
C ASP C 619 0.30 -44.37 -1.74
N TYR C 620 0.95 -45.45 -1.29
CA TYR C 620 1.84 -45.34 -0.13
C TYR C 620 3.14 -44.65 -0.50
N SER C 621 3.53 -44.67 -1.77
CA SER C 621 4.72 -43.95 -2.20
C SER C 621 4.49 -42.44 -2.29
N ASN C 622 3.24 -41.98 -2.27
CA ASN C 622 2.91 -40.56 -2.20
C ASN C 622 2.50 -40.15 -0.80
N LEU C 623 3.13 -40.75 0.21
CA LEU C 623 2.79 -40.44 1.60
C LEU C 623 3.32 -39.04 1.95
N THR C 624 2.42 -38.06 1.96
CA THR C 624 2.71 -36.66 2.21
C THR C 624 1.70 -36.14 3.21
N PRO C 625 2.08 -35.15 4.04
CA PRO C 625 1.13 -34.62 5.02
C PRO C 625 0.01 -33.82 4.39
N GLU C 626 -1.17 -33.89 4.99
CA GLU C 626 -2.32 -33.11 4.59
C GLU C 626 -2.62 -32.06 5.65
N TYR C 627 -3.01 -30.87 5.19
CA TYR C 627 -3.18 -29.69 6.03
C TYR C 627 -4.54 -29.06 5.73
N PRO C 628 -5.22 -28.53 6.75
CA PRO C 628 -6.48 -27.83 6.51
C PRO C 628 -6.23 -26.43 5.95
N LYS C 629 -7.32 -25.80 5.51
CA LYS C 629 -7.24 -24.44 5.01
C LYS C 629 -7.00 -23.48 6.16
N TYR C 630 -6.24 -22.42 5.88
CA TYR C 630 -5.87 -21.45 6.89
C TYR C 630 -5.82 -20.07 6.26
N LYS C 631 -5.40 -19.09 7.04
CA LYS C 631 -5.39 -17.69 6.63
C LYS C 631 -3.98 -17.15 6.74
N SER C 632 -3.43 -16.69 5.63
CA SER C 632 -2.19 -15.93 5.68
C SER C 632 -2.48 -14.58 6.29
N PHE C 633 -1.68 -14.18 7.28
CA PHE C 633 -2.04 -13.04 8.11
C PHE C 633 -1.75 -11.72 7.40
N SER C 634 -2.15 -10.64 8.07
CA SER C 634 -1.83 -9.29 7.64
C SER C 634 -0.91 -8.66 8.68
N ASN C 635 -0.17 -7.65 8.25
CA ASN C 635 0.89 -7.09 9.07
C ASN C 635 0.31 -6.20 10.17
N PHE C 636 1.17 -5.82 11.11
CA PHE C 636 0.81 -4.84 12.12
C PHE C 636 2.03 -3.97 12.40
N TYR C 637 1.77 -2.74 12.85
CA TYR C 637 2.79 -1.71 12.90
C TYR C 637 3.17 -1.46 14.36
N ILE C 638 4.46 -1.22 14.59
CA ILE C 638 4.98 -0.96 15.92
C ILE C 638 5.83 0.30 15.87
N ASN C 639 5.58 1.23 16.78
CA ASN C 639 6.44 2.39 16.91
C ASN C 639 7.70 1.98 17.67
N GLY C 640 8.85 2.50 17.25
CA GLY C 640 10.09 2.03 17.82
C GLY C 640 11.15 3.09 18.09
N ARG C 641 11.79 3.00 19.26
CA ARG C 641 12.83 3.92 19.69
C ARG C 641 14.19 3.24 19.60
N ILE C 642 15.17 3.94 19.04
CA ILE C 642 16.52 3.42 18.88
C ILE C 642 17.37 3.83 20.07
N THR C 643 18.08 2.87 20.65
CA THR C 643 19.13 3.14 21.63
C THR C 643 20.40 2.40 21.19
N ILE C 644 21.45 2.57 21.98
CA ILE C 644 22.76 1.97 21.70
C ILE C 644 23.16 1.09 22.87
N GLY C 645 23.31 1.70 24.04
CA GLY C 645 23.69 1.00 25.26
C GLY C 645 22.79 1.43 26.39
N GLU C 646 23.38 1.52 27.58
CA GLU C 646 22.64 1.92 28.78
C GLU C 646 23.19 3.19 29.39
N ASN C 647 24.50 3.27 29.60
CA ASN C 647 25.14 4.49 30.09
C ASN C 647 25.54 5.33 28.88
N VAL C 648 24.87 6.46 28.71
CA VAL C 648 25.09 7.34 27.58
C VAL C 648 25.72 8.63 28.11
N ASN C 649 26.97 8.86 27.74
CA ASN C 649 27.64 10.11 28.09
C ASN C 649 27.08 11.26 27.26
N ASN C 650 27.33 12.48 27.73
CA ASN C 650 26.78 13.66 27.07
C ASN C 650 27.63 14.15 25.92
N ASP C 651 28.80 13.56 25.69
CA ASP C 651 29.50 13.72 24.43
C ASP C 651 29.20 12.60 23.47
N SER C 652 28.71 11.47 23.97
CA SER C 652 28.18 10.38 23.15
C SER C 652 26.67 10.36 23.17
N LYS C 653 26.04 11.55 23.23
CA LYS C 653 24.59 11.64 23.42
C LYS C 653 23.82 11.09 22.23
N LYS C 654 24.09 11.61 21.03
CA LYS C 654 23.47 11.09 19.83
C LYS C 654 24.58 10.58 18.91
N ALA C 655 25.02 9.36 19.18
CA ALA C 655 25.97 8.63 18.38
C ALA C 655 25.23 7.54 17.62
N TYR C 656 25.98 6.65 16.97
CA TYR C 656 25.37 5.52 16.29
C TYR C 656 26.34 4.34 16.34
N LYS C 657 25.77 3.13 16.34
CA LYS C 657 26.58 1.93 16.45
C LYS C 657 25.87 0.80 15.71
N PHE C 658 26.65 -0.09 15.11
CA PHE C 658 26.12 -1.13 14.24
C PHE C 658 26.43 -2.50 14.83
N PHE C 659 25.52 -3.45 14.65
CA PHE C 659 25.52 -4.70 15.42
C PHE C 659 25.56 -5.93 14.52
N LYS C 660 26.51 -6.82 14.78
CA LYS C 660 26.76 -8.01 13.96
C LYS C 660 25.66 -9.04 13.89
N ASN C 661 25.46 -9.75 15.01
CA ASN C 661 25.00 -11.12 14.97
C ASN C 661 23.94 -11.38 16.04
N HIS C 662 22.93 -10.50 16.07
CA HIS C 662 21.81 -10.55 17.03
C HIS C 662 22.28 -10.46 18.48
N LYS C 663 23.40 -9.77 18.71
CA LYS C 663 23.99 -9.57 20.02
C LYS C 663 24.65 -8.19 20.01
N PRO C 664 24.78 -7.53 21.17
CA PRO C 664 25.45 -6.22 21.18
C PRO C 664 26.96 -6.32 20.97
N GLU C 665 27.35 -6.49 19.71
CA GLU C 665 28.75 -6.52 19.28
C GLU C 665 28.92 -5.52 18.16
N GLU C 666 30.00 -4.75 18.18
CA GLU C 666 30.17 -3.73 17.15
C GLU C 666 30.50 -4.36 15.80
N SER C 667 30.16 -3.63 14.74
CA SER C 667 30.41 -4.06 13.38
C SER C 667 30.66 -2.81 12.54
N SER C 668 30.59 -2.97 11.22
CA SER C 668 30.79 -1.85 10.31
C SER C 668 30.03 -2.13 9.03
N ILE C 669 30.05 -1.13 8.14
CA ILE C 669 29.53 -1.34 6.79
C ILE C 669 30.58 -1.99 5.91
N ALA C 670 31.80 -2.14 6.41
CA ALA C 670 32.77 -3.05 5.82
C ALA C 670 32.48 -4.46 6.29
N GLU C 671 33.43 -5.36 6.02
CA GLU C 671 33.50 -6.76 6.48
C GLU C 671 32.47 -7.67 5.80
N PHE C 672 31.51 -7.11 5.05
CA PHE C 672 30.49 -7.94 4.41
C PHE C 672 30.57 -7.83 2.90
N GLN C 673 30.26 -6.66 2.31
CA GLN C 673 30.74 -6.07 1.06
C GLN C 673 31.16 -7.05 -0.03
N GLU C 674 30.20 -7.85 -0.52
CA GLU C 674 30.47 -8.94 -1.46
C GLU C 674 31.10 -8.39 -2.74
N ASN C 675 32.22 -8.99 -3.14
CA ASN C 675 33.30 -8.25 -3.80
C ASN C 675 32.99 -7.83 -5.24
N GLY C 676 32.28 -6.71 -5.34
CA GLY C 676 32.39 -5.79 -6.44
C GLY C 676 32.50 -4.44 -5.76
N GLU C 677 32.85 -4.50 -4.47
CA GLU C 677 32.71 -3.37 -3.56
C GLU C 677 33.93 -3.12 -2.69
N LYS C 678 34.99 -3.91 -2.80
CA LYS C 678 36.22 -3.67 -2.02
C LYS C 678 37.45 -3.47 -2.93
N GLY C 679 37.65 -2.27 -3.48
CA GLY C 679 36.63 -1.25 -3.67
C GLY C 679 36.51 -0.03 -2.80
N THR C 680 35.61 0.84 -3.24
CA THR C 680 35.39 2.16 -2.67
C THR C 680 34.29 2.09 -1.60
N SER C 681 33.79 3.25 -1.20
CA SER C 681 32.76 3.37 -0.17
C SER C 681 31.36 3.37 -0.77
N ALA C 682 31.03 2.31 -1.51
CA ALA C 682 29.71 2.18 -2.10
C ALA C 682 29.02 0.94 -1.54
N ILE C 683 27.70 0.97 -1.50
CA ILE C 683 26.89 -0.17 -1.14
C ILE C 683 25.98 -0.48 -2.31
N LEU C 684 25.93 -1.74 -2.70
CA LEU C 684 24.97 -2.21 -3.68
C LEU C 684 24.11 -3.27 -3.00
N ASN C 685 22.80 -3.18 -3.22
CA ASN C 685 21.75 -4.06 -2.67
C ASN C 685 21.58 -3.99 -1.15
N SER C 686 22.26 -3.06 -0.47
CA SER C 686 22.02 -2.63 0.93
C SER C 686 22.01 -3.81 1.91
N LYS C 687 23.20 -4.38 2.08
CA LYS C 687 23.41 -5.71 2.64
C LYS C 687 22.79 -5.89 4.02
N ALA C 688 22.43 -7.13 4.32
CA ALA C 688 21.84 -7.51 5.60
C ALA C 688 22.96 -7.75 6.61
N ASP C 689 22.61 -8.39 7.73
CA ASP C 689 23.48 -8.73 8.85
C ASP C 689 24.11 -7.52 9.54
N ILE C 690 23.59 -6.32 9.30
CA ILE C 690 23.99 -5.11 10.01
C ILE C 690 22.72 -4.55 10.64
N LEU C 691 22.71 -4.46 11.97
CA LEU C 691 21.47 -4.30 12.71
C LEU C 691 21.52 -3.06 13.58
N TYR C 692 20.39 -2.35 13.67
CA TYR C 692 20.22 -1.36 14.71
C TYR C 692 19.69 -2.01 15.98
N ALA C 693 19.83 -1.31 17.10
CA ALA C 693 19.15 -1.69 18.32
C ALA C 693 17.92 -0.80 18.50
N ILE C 694 16.77 -1.42 18.67
CA ILE C 694 15.52 -0.70 18.79
C ILE C 694 14.81 -1.13 20.05
N GLU C 695 14.56 -0.19 20.94
CA GLU C 695 13.64 -0.45 22.05
C GLU C 695 12.21 -0.33 21.58
N ILE C 696 11.34 -1.12 22.19
CA ILE C 696 9.91 -1.05 21.90
C ILE C 696 9.19 -0.86 23.23
N ALA C 697 7.87 -0.87 23.19
CA ALA C 697 7.10 -0.83 24.42
C ALA C 697 7.33 -2.12 25.22
N LYS C 698 7.26 -2.00 26.54
CA LYS C 698 7.44 -3.16 27.40
C LYS C 698 6.24 -4.07 27.46
N GLU C 699 5.16 -3.74 26.76
CA GLU C 699 3.93 -4.50 26.83
C GLU C 699 3.65 -5.31 25.58
N MET C 700 4.69 -5.60 24.79
CA MET C 700 4.51 -6.53 23.68
C MET C 700 5.42 -7.73 23.87
N LEU C 701 5.43 -8.25 25.09
CA LEU C 701 6.14 -9.48 25.41
C LEU C 701 5.10 -10.40 26.03
N SER C 702 5.54 -11.51 26.61
CA SER C 702 4.62 -12.35 27.35
C SER C 702 4.33 -11.76 28.72
N ASP C 703 3.58 -12.47 29.55
CA ASP C 703 3.24 -11.98 30.86
C ASP C 703 4.19 -12.49 31.94
N LYS C 704 5.25 -13.20 31.55
CA LYS C 704 6.17 -13.79 32.51
C LYS C 704 7.64 -13.56 32.20
N SER C 705 7.98 -13.10 31.00
CA SER C 705 9.38 -13.03 30.57
C SER C 705 10.01 -11.75 31.10
N SER C 706 11.07 -11.90 31.88
CA SER C 706 11.85 -10.76 32.39
C SER C 706 13.01 -10.42 31.49
N ASP C 707 12.74 -10.26 30.20
CA ASP C 707 13.76 -9.85 29.24
C ASP C 707 13.87 -8.33 29.25
N LYS C 708 14.65 -7.80 28.31
CA LYS C 708 14.64 -6.38 28.03
C LYS C 708 14.21 -6.21 26.58
N PRO C 709 13.18 -5.41 26.30
CA PRO C 709 12.64 -5.37 24.94
C PRO C 709 13.56 -4.63 23.98
N ILE C 710 14.29 -5.41 23.18
CA ILE C 710 15.21 -4.87 22.19
C ILE C 710 15.08 -5.72 20.93
N ILE C 711 14.62 -5.12 19.84
CA ILE C 711 14.52 -5.78 18.56
C ILE C 711 15.63 -5.29 17.66
N TYR C 712 16.41 -6.22 17.11
CA TYR C 712 17.43 -5.91 16.13
C TYR C 712 16.84 -6.04 14.73
N LEU C 713 17.04 -5.02 13.89
CA LEU C 713 16.47 -4.96 12.56
C LEU C 713 17.50 -4.44 11.56
N PRO C 714 17.47 -4.93 10.32
CA PRO C 714 18.47 -4.52 9.33
C PRO C 714 18.24 -3.10 8.82
N LEU C 715 19.26 -2.61 8.12
CA LEU C 715 19.29 -1.23 7.65
C LEU C 715 18.59 -1.05 6.31
N LYS C 716 17.61 -0.16 6.27
CA LYS C 716 17.46 0.69 5.09
C LYS C 716 18.45 1.82 5.23
N VAL C 717 19.49 1.82 4.38
CA VAL C 717 20.51 2.85 4.51
C VAL C 717 20.01 4.17 3.96
N ASN C 718 19.06 4.12 3.03
CA ASN C 718 18.52 5.30 2.38
C ASN C 718 17.24 5.75 3.08
N ILE C 719 17.39 6.26 4.30
CA ILE C 719 16.28 6.88 5.03
C ILE C 719 16.55 8.37 5.24
N ASN C 720 17.58 8.72 6.01
CA ASN C 720 17.95 10.11 6.22
C ASN C 720 18.93 10.58 5.17
N SER C 721 18.70 10.26 3.89
CA SER C 721 19.78 10.44 2.94
C SER C 721 19.22 10.49 1.52
N ALA C 722 20.11 10.32 0.57
CA ALA C 722 19.86 10.29 -0.87
C ALA C 722 20.91 9.34 -1.45
N ASN C 723 21.20 9.47 -2.73
CA ASN C 723 22.36 8.76 -3.26
C ASN C 723 23.67 9.51 -3.04
N ASN C 724 23.69 10.50 -2.15
CA ASN C 724 24.91 11.15 -1.71
C ASN C 724 25.14 11.01 -0.22
N GLN C 725 24.15 11.34 0.60
CA GLN C 725 24.36 11.61 2.01
C GLN C 725 24.56 10.32 2.79
N PHE C 726 25.14 10.47 3.99
CA PHE C 726 25.24 9.38 4.96
C PHE C 726 24.89 9.98 6.31
N ILE C 727 23.62 9.89 6.68
CA ILE C 727 23.15 10.28 8.00
C ILE C 727 22.51 9.06 8.64
N PRO C 728 23.24 8.35 9.50
CA PRO C 728 22.72 7.12 10.08
C PRO C 728 21.71 7.43 11.18
N LEU C 729 20.97 6.38 11.56
CA LEU C 729 19.94 6.50 12.58
C LEU C 729 20.59 6.50 13.96
N ARG C 730 20.70 7.68 14.55
CA ARG C 730 21.22 7.85 15.89
C ARG C 730 20.22 7.34 16.92
N ASN C 731 20.63 7.36 18.19
CA ASN C 731 19.66 6.99 19.21
C ASN C 731 18.73 8.17 19.50
N ASP C 732 17.66 7.88 20.25
CA ASP C 732 16.51 8.76 20.44
C ASP C 732 15.94 9.27 19.12
N ASP C 733 15.79 8.35 18.18
CA ASP C 733 14.91 8.54 17.04
C ASP C 733 13.76 7.56 17.15
N ILE C 734 12.56 8.02 16.78
CA ILE C 734 11.35 7.25 16.96
C ILE C 734 10.76 6.96 15.58
N ILE C 735 10.44 5.68 15.34
CA ILE C 735 10.37 5.10 14.01
C ILE C 735 9.24 4.08 13.93
N LEU C 736 8.49 4.10 12.82
CA LEU C 736 7.53 3.05 12.52
C LEU C 736 8.22 1.80 11.99
N ILE C 737 7.68 0.64 12.39
CA ILE C 737 8.27 -0.65 12.05
C ILE C 737 7.15 -1.59 11.58
N GLU C 738 7.27 -2.08 10.35
CA GLU C 738 6.42 -3.19 9.95
C GLU C 738 7.02 -4.52 10.38
N ILE C 739 6.16 -5.52 10.44
CA ILE C 739 6.58 -6.92 10.57
C ILE C 739 5.92 -7.66 9.42
N GLN C 740 6.67 -7.80 8.32
CA GLN C 740 6.04 -8.24 7.08
C GLN C 740 5.75 -9.73 7.07
N SER C 741 6.52 -10.52 7.80
CA SER C 741 6.21 -11.93 8.03
C SER C 741 6.88 -12.35 9.32
N PHE C 742 6.87 -13.65 9.58
CA PHE C 742 7.60 -14.20 10.71
C PHE C 742 9.09 -14.05 10.45
N THR C 743 9.80 -13.45 11.42
CA THR C 743 11.23 -13.10 11.34
C THR C 743 11.56 -12.20 10.15
N LYS C 744 10.66 -11.28 9.81
CA LYS C 744 10.96 -10.24 8.83
C LYS C 744 10.34 -8.93 9.31
N GLY C 745 11.20 -7.96 9.60
CA GLY C 745 10.74 -6.63 9.96
C GLY C 745 11.52 -5.58 9.19
N GLU C 746 10.88 -4.44 8.98
CA GLU C 746 11.47 -3.38 8.18
C GLU C 746 11.24 -2.03 8.87
N ILE C 747 11.79 -0.99 8.27
CA ILE C 747 11.72 0.38 8.78
C ILE C 747 11.20 1.26 7.65
N ILE C 748 10.18 2.08 7.93
CA ILE C 748 9.57 2.91 6.90
C ILE C 748 9.71 4.41 7.20
N GLU C 749 9.09 4.87 8.28
CA GLU C 749 8.91 6.31 8.47
C GLU C 749 9.67 6.82 9.66
N LEU C 750 9.71 8.14 9.76
CA LEU C 750 10.48 8.88 10.75
C LEU C 750 9.54 9.76 11.56
N ILE C 751 9.42 9.50 12.86
CA ILE C 751 8.60 10.38 13.66
C ILE C 751 9.45 10.95 14.79
N SER C 752 10.17 12.03 14.49
CA SER C 752 11.05 12.74 15.41
C SER C 752 11.66 13.91 14.66
N ASN C 753 12.33 14.78 15.41
CA ASN C 753 13.35 15.69 14.91
C ASN C 753 14.28 16.06 16.04
N SER C 754 15.28 16.87 15.71
CA SER C 754 16.15 17.42 16.73
C SER C 754 16.46 18.88 16.53
N ALA C 755 16.17 19.45 15.36
CA ALA C 755 16.38 20.87 15.09
C ALA C 755 15.10 21.43 14.51
N ILE C 756 14.38 22.23 15.29
CA ILE C 756 13.15 22.86 14.84
C ILE C 756 13.17 24.32 15.27
N SER C 757 12.09 25.03 15.00
CA SER C 757 11.85 26.34 15.56
C SER C 757 10.89 26.24 16.74
N THR C 758 10.89 27.28 17.56
CA THR C 758 9.95 27.39 18.67
C THR C 758 9.19 28.71 18.64
N LYS C 759 9.24 29.44 17.52
CA LYS C 759 8.66 30.76 17.42
C LYS C 759 7.59 30.78 16.34
N LYS C 760 6.85 31.89 16.28
CA LYS C 760 5.56 31.93 15.60
C LYS C 760 5.66 32.18 14.10
N ALA C 761 6.83 31.95 13.48
CA ALA C 761 7.06 32.09 12.04
C ALA C 761 6.74 33.49 11.51
N GLN C 762 6.82 34.49 12.39
CA GLN C 762 6.79 35.89 12.02
C GLN C 762 8.02 36.60 12.54
N GLN C 763 8.80 35.94 13.40
CA GLN C 763 9.98 36.49 14.03
C GLN C 763 11.26 35.83 13.55
N GLN C 764 11.24 34.51 13.33
CA GLN C 764 12.35 33.80 12.73
C GLN C 764 11.81 32.81 11.71
N LEU C 765 12.62 32.55 10.69
CA LEU C 765 12.30 31.55 9.66
C LEU C 765 13.51 30.63 9.57
N LEU C 766 13.55 29.61 10.42
CA LEU C 766 14.73 28.77 10.50
C LEU C 766 14.73 27.73 9.40
N GLN C 767 15.91 27.50 8.82
CA GLN C 767 16.19 26.35 7.95
C GLN C 767 17.59 25.89 8.31
N ARG C 768 17.71 24.81 9.08
CA ARG C 768 18.99 24.49 9.68
C ARG C 768 19.20 22.98 9.78
N GLN C 769 20.39 22.61 10.23
CA GLN C 769 20.79 21.23 10.49
C GLN C 769 21.63 21.18 11.75
N LEU C 770 21.40 20.18 12.59
CA LEU C 770 22.40 19.84 13.57
C LEU C 770 23.27 18.70 13.05
N LEU C 771 24.47 18.58 13.59
CA LEU C 771 25.42 17.61 13.08
C LEU C 771 26.16 16.94 14.23
N GLY C 772 26.39 15.63 14.09
CA GLY C 772 27.27 14.89 14.97
C GLY C 772 26.74 14.66 16.37
N SER C 773 27.48 13.91 17.17
CA SER C 773 27.15 13.76 18.58
C SER C 773 27.33 15.10 19.29
N LYS C 774 26.49 15.30 20.32
CA LYS C 774 26.32 16.49 21.17
C LYS C 774 25.61 17.62 20.43
N GLU C 775 25.45 17.46 19.10
CA GLU C 775 24.80 18.44 18.21
C GLU C 775 25.41 19.83 18.35
N ASN C 776 26.73 19.88 18.29
CA ASN C 776 27.48 21.12 18.46
C ASN C 776 27.84 21.72 17.10
N CYS C 777 26.82 21.92 16.26
CA CYS C 777 26.95 22.62 15.00
C CYS C 777 25.66 23.36 14.70
N GLU C 778 25.65 24.00 13.53
CA GLU C 778 24.49 24.53 12.82
C GLU C 778 24.90 24.78 11.39
N MET C 779 23.95 24.63 10.48
CA MET C 779 24.05 25.25 9.16
C MET C 779 22.72 25.94 8.95
N ALA C 780 22.59 27.14 9.50
CA ALA C 780 21.30 27.78 9.61
C ALA C 780 21.18 28.95 8.65
N TYR C 781 19.97 29.21 8.22
CA TYR C 781 19.64 30.42 7.48
C TYR C 781 18.51 31.10 8.25
N THR C 782 18.87 31.91 9.24
CA THR C 782 17.90 32.54 10.13
C THR C 782 17.50 33.87 9.51
N GLN C 783 16.23 34.00 9.17
CA GLN C 783 15.72 35.20 8.52
C GLN C 783 14.73 35.87 9.45
N THR C 784 15.20 36.89 10.17
CA THR C 784 14.34 37.69 11.02
C THR C 784 13.81 38.86 10.21
N SER C 785 13.22 39.84 10.88
CA SER C 785 12.74 41.05 10.22
C SER C 785 13.84 42.09 10.00
N ASP C 786 15.08 41.78 10.40
CA ASP C 786 16.15 42.76 10.33
C ASP C 786 17.39 42.24 9.62
N SER C 787 17.50 40.94 9.36
CA SER C 787 18.72 40.38 8.80
C SER C 787 18.40 39.03 8.16
N GLU C 788 19.38 38.50 7.42
CA GLU C 788 19.32 37.15 6.86
C GLU C 788 20.70 36.54 7.09
N THR C 789 20.86 35.84 8.21
CA THR C 789 22.18 35.43 8.66
C THR C 789 22.43 33.97 8.33
N PHE C 790 23.30 33.70 7.38
CA PHE C 790 23.82 32.36 7.18
C PHE C 790 24.81 32.08 8.30
N SER C 791 25.01 30.80 8.62
CA SER C 791 25.89 30.46 9.74
C SER C 791 26.47 29.07 9.55
N LEU C 792 27.74 28.90 9.92
CA LEU C 792 28.34 27.59 10.09
C LEU C 792 29.03 27.60 11.44
N THR C 793 28.27 27.37 12.51
CA THR C 793 28.78 27.56 13.85
C THR C 793 29.22 26.25 14.48
N GLN C 794 29.98 26.36 15.55
CA GLN C 794 30.26 25.25 16.47
C GLN C 794 30.23 25.79 17.89
N VAL C 795 29.67 25.00 18.81
CA VAL C 795 29.61 25.38 20.21
C VAL C 795 30.29 24.26 20.99
N ASN C 796 31.58 24.45 21.28
CA ASN C 796 32.33 23.51 22.09
C ASN C 796 32.41 24.05 23.51
N GLU C 797 33.21 23.39 24.34
CA GLU C 797 33.65 24.07 25.56
C GLU C 797 34.93 24.85 25.26
N ASP C 798 34.93 26.12 25.67
CA ASP C 798 36.06 27.06 25.57
C ASP C 798 36.44 27.41 24.14
N CYS C 799 35.63 27.05 23.15
CA CYS C 799 35.90 27.40 21.75
C CYS C 799 34.57 27.62 21.05
N GLU C 800 34.47 28.71 20.29
CA GLU C 800 33.25 29.03 19.54
C GLU C 800 33.65 29.54 18.16
N ASN C 801 33.74 28.64 17.20
CA ASN C 801 34.02 28.99 15.81
C ASN C 801 32.73 29.40 15.13
N SER C 802 32.84 30.06 13.98
CA SER C 802 31.67 30.40 13.19
C SER C 802 32.07 30.73 11.76
N PHE C 803 31.07 31.06 10.96
CA PHE C 803 31.21 31.61 9.62
C PHE C 803 29.88 32.27 9.28
N LEU C 804 29.86 33.61 9.26
CA LEU C 804 28.61 34.33 9.21
C LEU C 804 28.54 35.21 7.98
N ILE C 805 27.34 35.25 7.38
CA ILE C 805 27.07 36.07 6.20
C ILE C 805 25.77 36.82 6.44
N ASN C 806 25.84 38.14 6.57
CA ASN C 806 24.68 38.97 6.78
C ASN C 806 24.25 39.60 5.45
N ASP C 807 23.27 40.50 5.50
CA ASP C 807 22.95 41.37 4.39
C ASP C 807 23.49 42.78 4.56
N LYS C 808 23.47 43.29 5.79
CA LYS C 808 23.98 44.62 6.05
C LYS C 808 25.49 44.62 6.23
N LYS C 809 26.02 43.61 6.93
CA LYS C 809 27.41 43.63 7.34
C LYS C 809 28.32 42.92 6.34
N GLY C 810 28.10 41.63 6.13
CA GLY C 810 28.90 40.91 5.16
C GLY C 810 29.58 39.71 5.77
N ILE C 811 30.59 39.22 5.05
CA ILE C 811 31.21 37.92 5.33
C ILE C 811 32.05 38.01 6.60
N PHE C 812 31.77 37.14 7.56
CA PHE C 812 32.49 37.14 8.83
C PHE C 812 33.26 35.84 9.01
N LEU C 813 34.36 35.94 9.76
CA LEU C 813 35.00 34.80 10.41
C LEU C 813 35.23 35.18 11.87
N ARG C 814 34.92 34.27 12.78
CA ARG C 814 35.02 34.60 14.20
C ARG C 814 35.54 33.43 15.01
N TYR C 815 36.42 33.74 15.96
CA TYR C 815 36.80 32.84 17.04
C TYR C 815 36.41 33.50 18.35
N LYS C 816 35.83 32.72 19.26
CA LYS C 816 35.42 33.24 20.56
C LYS C 816 35.72 32.21 21.63
N SER C 817 35.97 32.70 22.85
CA SER C 817 36.24 31.83 23.98
C SER C 817 35.88 32.52 25.30
N LYS D 28 54.51 23.26 -6.53
CA LYS D 28 54.75 22.50 -5.32
C LYS D 28 54.42 23.32 -4.09
N ALA D 29 53.45 24.22 -4.24
CA ALA D 29 53.21 25.23 -3.24
C ALA D 29 52.40 24.67 -2.07
N ASP D 30 52.27 25.50 -1.03
CA ASP D 30 51.48 25.24 0.17
C ASP D 30 51.01 26.59 0.69
N HIS D 31 49.78 26.64 1.22
CA HIS D 31 49.15 27.90 1.55
C HIS D 31 48.29 27.66 2.77
N ILE D 32 48.55 28.37 3.87
CA ILE D 32 47.80 28.18 5.10
C ILE D 32 47.17 29.52 5.47
N PHE D 33 46.07 29.48 6.22
CA PHE D 33 45.36 30.68 6.66
C PHE D 33 44.61 30.31 7.94
N ASN D 34 45.15 30.69 9.10
CA ASN D 34 44.66 30.17 10.37
C ASN D 34 43.90 31.22 11.16
N LEU D 35 43.14 30.76 12.15
CA LEU D 35 42.66 31.57 13.26
C LEU D 35 42.67 30.69 14.51
N GLU D 36 43.81 30.64 15.19
CA GLU D 36 43.85 30.01 16.50
C GLU D 36 43.50 31.04 17.56
N GLU D 37 43.76 30.72 18.83
CA GLU D 37 43.69 31.74 19.87
C GLU D 37 44.72 32.83 19.65
N GLN D 38 45.86 32.46 19.05
CA GLN D 38 46.95 33.41 18.89
C GLN D 38 46.66 34.43 17.78
N GLY D 39 46.07 34.01 16.67
CA GLY D 39 45.72 34.94 15.63
C GLY D 39 46.06 34.39 14.27
N LEU D 40 46.01 35.27 13.27
CA LEU D 40 46.35 34.91 11.89
C LEU D 40 47.79 34.46 11.79
N LEU D 41 48.00 33.29 11.17
CA LEU D 41 49.32 32.68 11.08
C LEU D 41 49.56 32.33 9.62
N ILE D 42 49.33 33.30 8.75
CA ILE D 42 49.40 33.13 7.29
C ILE D 42 50.84 32.85 6.90
N ASP D 43 51.05 31.81 6.10
CA ASP D 43 52.33 31.64 5.43
C ASP D 43 52.08 31.04 4.05
N ILE D 44 52.63 31.70 3.05
CA ILE D 44 52.44 31.33 1.65
C ILE D 44 53.80 30.91 1.11
N LYS D 45 53.95 29.61 0.85
CA LYS D 45 55.24 29.03 0.58
C LYS D 45 55.26 28.35 -0.77
N ASP D 46 56.34 28.58 -1.51
CA ASP D 46 56.73 27.76 -2.64
C ASP D 46 57.63 26.65 -2.10
N ASP D 47 58.38 25.97 -2.97
CA ASP D 47 59.23 24.86 -2.53
C ASP D 47 60.37 25.35 -1.62
N SER D 48 60.91 26.54 -1.90
CA SER D 48 62.01 27.05 -1.10
C SER D 48 61.70 28.45 -0.56
N LYS D 49 60.92 29.23 -1.30
CA LYS D 49 60.63 30.60 -0.94
C LYS D 49 59.54 30.67 0.11
N GLY D 50 59.03 31.85 0.40
CA GLY D 50 57.93 31.96 1.34
C GLY D 50 57.73 33.39 1.81
N CYS D 51 56.54 33.63 2.34
CA CYS D 51 56.15 34.91 2.93
C CYS D 51 55.20 34.61 4.08
N THR D 52 55.59 34.99 5.28
CA THR D 52 54.78 34.73 6.46
C THR D 52 54.31 36.04 7.06
N THR D 53 53.05 36.08 7.50
CA THR D 53 52.50 37.24 8.17
C THR D 53 51.70 36.80 9.38
N LYS D 54 52.13 37.24 10.56
CA LYS D 54 51.39 37.00 11.79
C LYS D 54 50.71 38.29 12.23
N LEU D 55 49.53 38.16 12.81
CA LEU D 55 48.91 39.22 13.59
C LEU D 55 48.52 38.57 14.90
N GLU D 56 49.46 38.52 15.84
CA GLU D 56 49.25 37.73 17.04
C GLU D 56 48.31 38.44 18.01
N SER D 57 47.89 37.71 19.04
CA SER D 57 47.09 38.28 20.12
C SER D 57 47.96 38.82 21.25
N SER D 58 49.24 38.48 21.27
CA SER D 58 50.17 39.03 22.26
C SER D 58 50.71 40.39 21.86
N GLY D 59 50.26 40.95 20.74
CA GLY D 59 50.58 42.30 20.38
C GLY D 59 51.71 42.48 19.39
N LYS D 60 51.91 41.54 18.47
CA LYS D 60 53.00 41.63 17.52
C LYS D 60 52.47 41.53 16.10
N ILE D 61 53.24 42.08 15.17
CA ILE D 61 53.00 41.93 13.74
C ILE D 61 54.32 41.55 13.12
N THR D 62 54.38 40.37 12.50
CA THR D 62 55.62 39.86 11.94
C THR D 62 55.43 39.60 10.46
N HIS D 63 55.96 40.49 9.63
CA HIS D 63 56.00 40.29 8.19
C HIS D 63 57.34 39.67 7.83
N ASN D 64 57.33 38.81 6.81
CA ASN D 64 58.55 38.18 6.33
C ASN D 64 58.42 37.93 4.84
N ALA D 65 59.57 37.84 4.18
CA ALA D 65 59.62 37.58 2.74
C ALA D 65 61.01 37.06 2.43
N THR D 66 61.21 36.65 1.18
CA THR D 66 62.52 36.20 0.74
C THR D 66 63.13 37.08 -0.33
N GLU D 67 62.40 38.06 -0.85
CA GLU D 67 63.05 39.12 -1.62
C GLU D 67 62.79 40.50 -1.05
N SER D 68 61.55 40.93 -0.89
CA SER D 68 61.33 42.35 -0.63
C SER D 68 59.97 42.58 0.01
N ILE D 69 59.81 43.80 0.53
CA ILE D 69 58.53 44.34 0.93
C ILE D 69 58.44 45.72 0.31
N GLU D 70 57.75 45.82 -0.82
CA GLU D 70 57.61 47.09 -1.53
C GLU D 70 56.22 47.64 -1.23
N SER D 71 56.15 48.92 -0.85
CA SER D 71 54.86 49.44 -0.37
C SER D 71 54.74 50.91 -0.80
N SER D 72 54.08 51.14 -1.92
CA SER D 72 53.91 52.48 -2.45
C SER D 72 52.68 53.13 -1.81
N ALA D 73 52.39 54.36 -2.20
CA ALA D 73 51.25 55.14 -1.72
C ALA D 73 50.99 56.24 -2.75
N ASP D 74 50.18 57.23 -2.38
CA ASP D 74 50.04 58.43 -3.20
C ASP D 74 50.11 59.76 -2.45
N LYS D 75 49.91 59.80 -1.14
CA LYS D 75 50.19 61.02 -0.39
C LYS D 75 51.20 60.83 0.72
N GLN D 76 50.96 59.89 1.65
CA GLN D 76 51.71 59.84 2.90
C GLN D 76 52.09 58.42 3.25
N ILE D 77 53.08 58.31 4.15
CA ILE D 77 53.37 57.12 4.95
C ILE D 77 53.80 57.64 6.32
N ILE D 78 53.02 57.35 7.36
CA ILE D 78 53.30 57.88 8.69
C ILE D 78 53.41 56.73 9.67
N GLU D 79 54.53 56.66 10.39
CA GLU D 79 54.81 55.58 11.32
C GLU D 79 55.12 56.16 12.69
N ASN D 80 54.12 56.17 13.57
CA ASN D 80 54.24 56.79 14.88
C ASN D 80 54.49 55.74 15.94
N VAL D 81 55.42 56.01 16.86
CA VAL D 81 55.41 55.34 18.14
C VAL D 81 55.55 56.42 19.20
N LYS D 82 54.41 56.94 19.67
CA LYS D 82 54.30 57.92 20.77
C LYS D 82 55.19 59.14 20.55
N ASP D 83 54.81 59.92 19.52
CA ASP D 83 55.45 61.20 19.14
C ASP D 83 56.88 61.00 18.65
N SER D 84 57.05 60.07 17.70
CA SER D 84 58.33 59.89 17.00
C SER D 84 58.01 59.44 15.58
N LYS D 85 57.92 60.40 14.67
CA LYS D 85 57.48 60.13 13.31
C LYS D 85 58.63 59.65 12.44
N ILE D 86 58.26 58.97 11.35
CA ILE D 86 58.99 58.97 10.08
C ILE D 86 57.93 59.16 9.01
N SER D 87 57.83 60.37 8.47
CA SER D 87 56.76 60.67 7.54
C SER D 87 57.34 60.98 6.18
N ILE D 88 56.59 60.63 5.14
CA ILE D 88 56.99 60.81 3.75
C ILE D 88 55.88 61.55 3.04
N THR D 89 56.22 62.62 2.33
CA THR D 89 55.26 63.29 1.46
C THR D 89 55.79 63.23 0.04
N GLU D 90 55.15 63.99 -0.87
CA GLU D 90 55.68 64.13 -2.23
C GLU D 90 57.07 64.75 -2.23
N LYS D 91 57.34 65.66 -1.28
CA LYS D 91 58.58 66.41 -1.22
C LYS D 91 59.38 66.15 0.03
N GLU D 92 58.75 66.16 1.20
CA GLU D 92 59.49 66.08 2.45
C GLU D 92 59.69 64.64 2.89
N ILE D 93 60.72 64.45 3.71
CA ILE D 93 60.91 63.24 4.51
C ILE D 93 61.29 63.70 5.91
N LEU D 94 60.36 63.63 6.84
CA LEU D 94 60.64 63.98 8.22
C LEU D 94 61.23 62.78 8.92
N LEU D 95 62.16 63.04 9.84
CA LEU D 95 62.68 62.03 10.75
C LEU D 95 62.68 62.68 12.12
N ALA D 96 61.56 62.61 12.82
CA ALA D 96 61.34 63.51 13.93
C ALA D 96 61.03 62.75 15.22
N THR D 97 61.35 63.40 16.33
CA THR D 97 60.86 63.11 17.67
C THR D 97 60.49 64.43 18.31
N LYS D 98 60.29 64.43 19.62
CA LYS D 98 60.37 65.68 20.35
C LYS D 98 61.83 66.12 20.38
N LYS D 99 62.04 67.44 20.28
CA LYS D 99 63.33 68.12 20.39
C LYS D 99 64.34 67.72 19.30
N SER D 100 63.90 67.10 18.20
CA SER D 100 64.81 66.72 17.13
C SER D 100 64.02 66.55 15.85
N SER D 101 64.65 66.84 14.71
CA SER D 101 64.03 66.68 13.41
C SER D 101 65.10 66.72 12.33
N ILE D 102 64.95 65.88 11.32
CA ILE D 102 65.69 65.98 10.08
C ILE D 102 64.67 66.18 8.96
N MET D 103 64.80 67.28 8.24
CA MET D 103 63.95 67.53 7.07
C MET D 103 64.76 67.24 5.81
N LEU D 104 64.31 66.26 5.04
CA LEU D 104 64.83 66.07 3.69
C LEU D 104 63.93 66.78 2.69
N SER D 105 63.75 68.08 2.94
CA SER D 105 62.97 68.93 2.08
C SER D 105 63.65 69.10 0.72
N GLU D 106 62.89 69.54 -0.26
CA GLU D 106 63.39 69.62 -1.63
C GLU D 106 64.37 70.78 -1.73
N ASP D 107 65.62 70.45 -2.07
CA ASP D 107 66.79 71.32 -2.20
C ASP D 107 67.25 71.94 -0.89
N LYS D 108 66.71 71.51 0.26
CA LYS D 108 67.09 72.05 1.56
C LYS D 108 67.06 70.92 2.58
N ILE D 109 68.20 70.66 3.22
CA ILE D 109 68.24 69.76 4.37
C ILE D 109 68.39 70.59 5.62
N VAL D 110 67.50 70.37 6.58
CA VAL D 110 67.56 71.02 7.88
C VAL D 110 67.69 69.94 8.95
N ILE D 111 68.70 70.07 9.80
CA ILE D 111 68.94 69.14 10.90
C ILE D 111 68.86 69.93 12.19
N LYS D 112 67.99 69.52 13.11
CA LYS D 112 67.68 70.32 14.28
C LYS D 112 67.91 69.57 15.57
N ILE D 113 68.66 70.19 16.48
CA ILE D 113 68.49 70.10 17.91
C ILE D 113 68.41 71.55 18.38
N GLY D 114 67.56 71.83 19.37
CA GLY D 114 67.51 73.18 19.91
C GLY D 114 68.53 73.40 21.01
N ASN D 115 69.55 74.25 20.78
CA ASN D 115 69.72 75.01 19.55
C ASN D 115 71.06 74.69 18.87
N SER D 116 71.04 73.80 17.87
CA SER D 116 72.26 73.48 17.11
C SER D 116 71.83 73.05 15.70
N LEU D 117 71.94 73.98 14.76
CA LEU D 117 71.45 73.75 13.41
C LEU D 117 72.59 73.46 12.44
N ILE D 118 72.29 72.63 11.44
CA ILE D 118 73.10 72.50 10.23
C ILE D 118 72.15 72.52 9.06
N ILE D 119 72.21 73.58 8.26
CA ILE D 119 71.30 73.76 7.14
C ILE D 119 72.09 73.58 5.85
N LEU D 120 71.69 72.59 5.05
CA LEU D 120 72.39 72.24 3.82
C LEU D 120 71.54 72.71 2.65
N ASP D 121 71.79 73.94 2.21
CA ASP D 121 71.09 74.54 1.09
C ASP D 121 71.80 74.19 -0.21
N ASP D 122 71.42 74.89 -1.27
CA ASP D 122 71.98 74.63 -2.59
C ASP D 122 73.46 75.01 -2.67
N SER D 123 73.82 76.18 -2.15
CA SER D 123 75.19 76.67 -2.16
C SER D 123 75.53 77.21 -0.78
N ASN D 124 75.21 76.44 0.26
CA ASN D 124 75.37 76.90 1.63
C ASN D 124 75.50 75.70 2.54
N ILE D 125 76.45 75.76 3.46
CA ILE D 125 76.46 74.91 4.63
C ILE D 125 76.57 75.83 5.84
N SER D 126 75.43 76.21 6.40
CA SER D 126 75.46 76.98 7.63
C SER D 126 75.49 76.02 8.80
N LEU D 127 76.42 76.23 9.72
CA LEU D 127 76.71 75.28 10.80
C LEU D 127 76.62 76.09 12.08
N GLU D 128 75.43 76.16 12.66
CA GLU D 128 75.09 77.15 13.65
C GLU D 128 74.71 76.50 14.97
N SER D 129 75.24 77.06 16.05
CA SER D 129 74.92 76.66 17.41
C SER D 129 75.27 77.82 18.35
N ALA D 130 75.33 77.54 19.64
CA ALA D 130 75.90 78.50 20.57
C ALA D 130 77.38 78.27 20.80
N THR D 131 77.85 77.02 20.68
CA THR D 131 79.24 76.68 20.91
C THR D 131 79.63 75.59 19.92
N ILE D 132 80.84 75.66 19.38
CA ILE D 132 81.35 74.68 18.43
C ILE D 132 82.69 74.19 18.95
N ASN D 133 82.86 72.87 19.01
CA ASN D 133 84.15 72.24 19.26
C ASN D 133 84.58 71.51 18.00
N ILE D 134 85.87 71.61 17.66
CA ILE D 134 86.41 70.93 16.49
C ILE D 134 87.73 70.28 16.90
N LYS D 135 87.77 68.96 16.87
CA LYS D 135 89.00 68.22 17.09
C LYS D 135 89.44 67.55 15.79
N SER D 136 90.67 67.05 15.81
CA SER D 136 91.19 66.22 14.72
C SER D 136 92.34 65.40 15.29
N SER D 137 93.11 64.76 14.41
CA SER D 137 94.35 64.12 14.85
C SER D 137 95.49 64.43 13.90
N ALA D 138 95.17 64.75 12.64
CA ALA D 138 96.20 64.95 11.63
C ALA D 138 96.22 66.36 11.06
N ASN D 139 95.12 66.83 10.47
CA ASN D 139 95.15 68.06 9.71
C ASN D 139 93.76 68.71 9.74
N ILE D 140 93.73 69.99 9.38
CA ILE D 140 92.52 70.65 8.92
C ILE D 140 92.90 71.35 7.61
N ASN D 141 92.72 70.66 6.48
CA ASN D 141 93.31 71.11 5.22
C ASN D 141 92.32 72.01 4.48
N ILE D 142 92.18 73.22 4.99
CA ILE D 142 91.23 74.18 4.44
C ILE D 142 91.76 74.76 3.14
N GLN D 143 90.93 74.76 2.10
CA GLN D 143 91.15 75.58 0.92
C GLN D 143 89.92 76.45 0.68
N ALA D 144 90.10 77.44 -0.19
CA ALA D 144 89.03 78.39 -0.51
C ALA D 144 89.38 79.05 -1.84
N SER D 145 88.52 78.88 -2.84
CA SER D 145 88.77 79.40 -4.18
C SER D 145 88.64 80.92 -4.27
N GLN D 146 88.16 81.58 -3.22
CA GLN D 146 88.25 83.03 -3.08
C GLN D 146 88.57 83.32 -1.62
N ASN D 147 88.35 84.56 -1.22
CA ASN D 147 88.80 85.04 0.08
C ASN D 147 88.01 84.47 1.25
N ILE D 148 88.69 84.25 2.35
CA ILE D 148 88.08 83.90 3.63
C ILE D 148 87.89 85.18 4.41
N ASP D 149 86.85 85.25 5.25
CA ASP D 149 86.65 86.38 6.17
C ASP D 149 86.36 85.82 7.56
N ILE D 150 87.42 85.59 8.33
CA ILE D 150 87.28 85.12 9.70
C ILE D 150 87.05 86.32 10.59
N LYS D 151 85.80 86.64 10.88
CA LYS D 151 85.51 87.66 11.86
C LYS D 151 85.60 87.05 13.25
N SER D 152 85.65 87.90 14.26
CA SER D 152 85.88 87.45 15.63
C SER D 152 85.52 88.59 16.59
N LEU D 153 85.89 88.39 17.85
CA LEU D 153 85.82 89.35 18.95
C LEU D 153 86.99 89.06 19.87
N ASN D 154 86.84 89.41 21.16
CA ASN D 154 87.86 89.77 22.15
C ASN D 154 89.21 89.08 22.02
N ASN D 155 89.25 87.77 21.81
CA ASN D 155 90.51 87.05 21.72
C ASN D 155 90.54 86.11 20.53
N SER D 156 91.75 85.81 20.07
CA SER D 156 92.00 84.78 19.06
C SER D 156 93.47 84.40 19.15
N ILE D 157 93.74 83.11 19.35
CA ILE D 157 95.09 82.65 19.65
C ILE D 157 95.58 81.69 18.58
N LYS D 158 96.83 81.22 18.74
CA LYS D 158 97.43 80.22 17.87
C LYS D 158 98.55 79.54 18.65
N ALA D 159 99.28 78.64 17.98
CA ALA D 159 100.43 77.93 18.55
C ALA D 159 101.23 77.33 17.42
N ASP D 160 102.53 77.21 17.64
CA ASP D 160 103.44 76.63 16.64
C ASP D 160 104.68 76.05 17.29
N LYS E 28 29.63 51.38 -5.07
CA LYS E 28 30.02 50.79 -6.35
C LYS E 28 31.28 49.95 -6.18
N ALA E 29 31.44 49.38 -5.00
CA ALA E 29 32.71 48.77 -4.62
C ALA E 29 32.84 47.37 -5.23
N ASP E 30 34.03 46.81 -5.05
CA ASP E 30 34.40 45.46 -5.46
C ASP E 30 35.48 44.98 -4.51
N HIS E 31 35.45 43.70 -4.15
CA HIS E 31 36.29 43.18 -3.08
C HIS E 31 36.65 41.75 -3.46
N ILE E 32 37.95 41.47 -3.58
CA ILE E 32 38.40 40.13 -3.98
C ILE E 32 39.31 39.61 -2.87
N PHE E 33 39.41 38.29 -2.75
CA PHE E 33 40.27 37.65 -1.75
C PHE E 33 40.62 36.27 -2.31
N ASN E 34 41.83 36.11 -2.84
CA ASN E 34 42.19 34.93 -3.61
C ASN E 34 43.14 34.03 -2.86
N LEU E 35 43.25 32.79 -3.34
CA LEU E 35 44.37 31.89 -3.05
C LEU E 35 44.63 31.08 -4.31
N GLU E 36 45.43 31.61 -5.21
CA GLU E 36 45.92 30.83 -6.34
C GLU E 36 47.19 30.09 -5.93
N GLU E 37 47.91 29.56 -6.90
CA GLU E 37 49.26 29.06 -6.62
C GLU E 37 50.18 30.19 -6.20
N GLN E 38 49.93 31.40 -6.70
CA GLN E 38 50.81 32.52 -6.43
C GLN E 38 50.64 33.05 -5.01
N GLY E 39 49.42 33.13 -4.50
CA GLY E 39 49.21 33.56 -3.14
C GLY E 39 48.05 34.52 -3.04
N LEU E 40 47.94 35.17 -1.88
CA LEU E 40 46.89 36.15 -1.62
C LEU E 40 47.01 37.33 -2.59
N LEU E 41 45.91 37.67 -3.25
CA LEU E 41 45.89 38.70 -4.27
C LEU E 41 44.77 39.67 -3.94
N ILE E 42 44.74 40.11 -2.68
CA ILE E 42 43.68 40.96 -2.14
C ILE E 42 43.72 42.30 -2.82
N ASP E 43 42.57 42.77 -3.30
CA ASP E 43 42.43 44.17 -3.70
C ASP E 43 41.03 44.64 -3.35
N ILE E 44 40.98 45.75 -2.64
CA ILE E 44 39.74 46.32 -2.14
C ILE E 44 39.56 47.67 -2.81
N LYS E 45 38.58 47.73 -3.71
CA LYS E 45 38.46 48.86 -4.63
C LYS E 45 37.11 49.54 -4.46
N ASP E 46 37.12 50.86 -4.44
CA ASP E 46 35.96 51.68 -4.68
C ASP E 46 35.90 51.96 -6.19
N ASP E 47 35.13 52.95 -6.61
CA ASP E 47 34.99 53.24 -8.04
C ASP E 47 36.30 53.73 -8.65
N SER E 48 37.08 54.51 -7.90
CA SER E 48 38.33 55.03 -8.41
C SER E 48 39.51 54.69 -7.51
N LYS E 49 39.25 54.59 -6.21
CA LYS E 49 40.30 54.34 -5.23
C LYS E 49 40.67 52.87 -5.17
N GLY E 50 41.48 52.47 -4.21
CA GLY E 50 41.81 51.07 -4.07
C GLY E 50 43.00 50.86 -3.16
N CYS E 51 43.10 49.62 -2.67
CA CYS E 51 44.20 49.17 -1.84
C CYS E 51 44.47 47.71 -2.18
N THR E 52 45.66 47.41 -2.67
CA THR E 52 45.99 46.04 -3.06
C THR E 52 47.11 45.52 -2.17
N THR E 53 46.99 44.26 -1.75
CA THR E 53 48.02 43.60 -0.97
C THR E 53 48.28 42.22 -1.52
N LYS E 54 49.50 41.96 -1.96
CA LYS E 54 49.92 40.63 -2.40
C LYS E 54 50.83 40.03 -1.34
N LEU E 55 50.74 38.72 -1.17
CA LEU E 55 51.74 37.93 -0.46
C LEU E 55 52.06 36.78 -1.41
N GLU E 56 52.98 37.03 -2.35
CA GLU E 56 53.20 36.07 -3.42
C GLU E 56 53.99 34.86 -2.92
N SER E 57 54.07 33.84 -3.77
CA SER E 57 54.89 32.68 -3.51
C SER E 57 56.30 32.81 -4.05
N SER E 58 56.53 33.81 -4.91
CA SER E 58 57.87 34.10 -5.42
C SER E 58 58.68 34.96 -4.46
N GLY E 59 58.15 35.30 -3.31
CA GLY E 59 58.89 35.97 -2.28
C GLY E 59 58.73 37.47 -2.19
N LYS E 60 57.58 38.00 -2.53
CA LYS E 60 57.36 39.44 -2.51
C LYS E 60 56.16 39.79 -1.65
N ILE E 61 56.16 41.02 -1.15
CA ILE E 61 55.02 41.59 -0.44
C ILE E 61 54.79 42.97 -1.04
N THR E 62 53.63 43.17 -1.64
CA THR E 62 53.34 44.43 -2.33
C THR E 62 52.11 45.06 -1.71
N HIS E 63 52.31 46.09 -0.90
CA HIS E 63 51.24 46.89 -0.36
C HIS E 63 51.04 48.10 -1.26
N ASN E 64 49.78 48.54 -1.40
CA ASN E 64 49.46 49.70 -2.20
C ASN E 64 48.26 50.40 -1.60
N ALA E 65 48.14 51.69 -1.88
CA ALA E 65 47.03 52.50 -1.40
C ALA E 65 46.94 53.73 -2.28
N THR E 66 45.89 54.53 -2.06
CA THR E 66 45.75 55.77 -2.79
C THR E 66 45.82 57.00 -1.91
N GLU E 67 45.86 56.85 -0.58
CA GLU E 67 46.26 57.96 0.27
C GLU E 67 47.47 57.63 1.13
N SER E 68 47.43 56.59 1.96
CA SER E 68 48.47 56.48 2.98
C SER E 68 48.60 55.04 3.46
N ILE E 69 49.69 54.80 4.18
CA ILE E 69 49.88 53.61 4.99
C ILE E 69 50.34 54.09 6.37
N GLU E 70 49.41 54.18 7.31
CA GLU E 70 49.71 54.64 8.65
C GLU E 70 49.82 53.42 9.55
N SER E 71 50.89 53.34 10.35
CA SER E 71 51.11 52.10 11.10
C SER E 71 51.75 52.46 12.45
N SER E 72 50.91 52.57 13.47
CA SER E 72 51.38 52.92 14.80
C SER E 72 51.82 51.66 15.54
N ALA E 73 52.27 51.83 16.77
CA ALA E 73 52.72 50.75 17.65
C ALA E 73 52.66 51.27 19.08
N ASP E 74 53.29 50.54 20.02
CA ASP E 74 53.47 51.07 21.37
C ASP E 74 54.87 50.90 21.94
N LYS E 75 55.72 50.00 21.44
CA LYS E 75 57.12 50.00 21.85
C LYS E 75 58.08 50.18 20.69
N GLN E 76 58.01 49.32 19.65
CA GLN E 76 59.07 49.24 18.66
C GLN E 76 58.51 49.14 17.25
N ILE E 77 59.37 49.42 16.29
CA ILE E 77 59.23 49.04 14.88
C ILE E 77 60.63 48.71 14.40
N ILE E 78 60.87 47.45 14.03
CA ILE E 78 62.21 47.00 13.66
C ILE E 78 62.16 46.38 12.28
N GLU E 79 62.97 46.89 11.36
CA GLU E 79 62.98 46.43 9.97
C GLU E 79 64.39 46.01 9.58
N ASN E 80 64.65 44.70 9.63
CA ASN E 80 65.97 44.15 9.41
C ASN E 80 66.09 43.63 7.98
N VAL E 81 67.20 43.91 7.31
CA VAL E 81 67.61 43.08 6.19
C VAL E 81 69.09 42.76 6.41
N LYS E 82 69.35 41.65 7.10
CA LYS E 82 70.69 41.09 7.34
C LYS E 82 71.66 42.12 7.94
N ASP E 83 71.35 42.50 9.18
CA ASP E 83 72.15 43.42 10.02
C ASP E 83 72.17 44.84 9.44
N SER E 84 70.99 45.37 9.13
CA SER E 84 70.84 46.77 8.74
C SER E 84 69.48 47.24 9.26
N LYS E 85 69.47 47.82 10.45
CA LYS E 85 68.23 48.17 11.11
C LYS E 85 67.71 49.53 10.65
N ILE E 86 66.40 49.73 10.85
CA ILE E 86 65.81 51.03 11.13
C ILE E 86 64.84 50.80 12.28
N SER E 87 65.24 51.20 13.48
CA SER E 87 64.45 50.89 14.66
C SER E 87 63.94 52.17 15.29
N ILE E 88 62.76 52.08 15.88
CA ILE E 88 62.08 53.21 16.49
C ILE E 88 61.71 52.81 17.92
N THR E 89 62.06 53.65 18.89
CA THR E 89 61.58 53.44 20.25
C THR E 89 60.76 54.66 20.66
N GLU E 90 60.44 54.77 21.95
CA GLU E 90 59.80 55.96 22.48
C GLU E 90 60.68 57.19 22.29
N LYS E 91 62.00 57.01 22.36
CA LYS E 91 62.95 58.11 22.32
C LYS E 91 63.91 58.03 21.14
N GLU E 92 64.48 56.86 20.88
CA GLU E 92 65.52 56.76 19.87
C GLU E 92 64.94 56.46 18.49
N ILE E 93 65.71 56.82 17.47
CA ILE E 93 65.52 56.34 16.10
C ILE E 93 66.88 55.95 15.59
N LEU E 94 67.15 54.66 15.51
CA LEU E 94 68.41 54.16 14.98
C LEU E 94 68.30 54.08 13.46
N LEU E 95 69.39 54.36 12.78
CA LEU E 95 69.51 54.13 11.35
C LEU E 95 70.88 53.47 11.16
N ALA E 96 70.92 52.15 11.28
CA ALA E 96 72.18 51.47 11.51
C ALA E 96 72.43 50.40 10.47
N THR E 97 73.71 50.13 10.25
CA THR E 97 74.26 48.94 9.62
C THR E 97 75.43 48.48 10.47
N LYS E 98 76.24 47.58 9.92
CA LYS E 98 77.58 47.43 10.44
C LYS E 98 78.40 48.67 10.08
N LYS E 99 79.26 49.09 11.00
CA LYS E 99 80.22 50.19 10.84
C LYS E 99 79.58 51.55 10.61
N SER E 100 78.28 51.71 10.89
CA SER E 100 77.62 53.00 10.71
C SER E 100 76.37 53.04 11.57
N SER E 101 76.02 54.24 12.05
CA SER E 101 74.83 54.44 12.85
C SER E 101 74.50 55.92 12.90
N ILE E 102 73.21 56.24 12.85
CA ILE E 102 72.69 57.54 13.19
C ILE E 102 71.73 57.37 14.36
N MET E 103 72.01 58.04 15.47
CA MET E 103 71.11 58.04 16.60
C MET E 103 70.34 59.34 16.62
N LEU E 104 69.02 59.27 16.48
CA LEU E 104 68.16 60.43 16.76
C LEU E 104 67.66 60.35 18.20
N SER E 105 68.61 60.25 19.12
CA SER E 105 68.33 60.22 20.54
C SER E 105 67.76 61.56 20.99
N GLU E 106 67.13 61.56 22.16
CA GLU E 106 66.44 62.74 22.65
C GLU E 106 67.46 63.77 23.10
N ASP E 107 67.44 64.93 22.43
CA ASP E 107 68.33 66.09 22.59
C ASP E 107 69.77 65.82 22.20
N LYS E 108 70.07 64.68 21.58
CA LYS E 108 71.43 64.34 21.17
C LYS E 108 71.36 63.58 19.84
N ILE E 109 72.01 64.11 18.81
CA ILE E 109 72.22 63.38 17.56
C ILE E 109 73.66 62.92 17.50
N VAL E 110 73.85 61.62 17.29
CA VAL E 110 75.17 61.04 17.11
C VAL E 110 75.22 60.40 15.73
N ILE E 111 76.22 60.76 14.94
CA ILE E 111 76.43 60.20 13.61
C ILE E 111 77.79 59.54 13.60
N LYS E 112 77.84 58.25 13.24
CA LYS E 112 79.05 57.47 13.42
C LYS E 112 79.51 56.82 12.13
N ILE E 113 80.77 57.02 11.80
CA ILE E 113 81.62 56.07 11.11
C ILE E 113 82.86 55.95 11.99
N GLY E 114 83.43 54.75 12.12
CA GLY E 114 84.66 54.61 12.86
C GLY E 114 85.89 54.86 12.02
N ASN E 115 86.63 55.94 12.28
CA ASN E 115 86.36 56.89 13.37
C ASN E 115 86.15 58.30 12.83
N SER E 116 84.90 58.72 12.68
CA SER E 116 84.58 60.08 12.24
C SER E 116 83.22 60.46 12.81
N LEU E 117 83.23 61.22 13.90
CA LEU E 117 82.00 61.54 14.63
C LEU E 117 81.55 62.96 14.34
N ILE E 118 80.24 63.15 14.36
CA ILE E 118 79.61 64.47 14.47
C ILE E 118 78.51 64.35 15.50
N ILE E 119 78.68 65.01 16.65
CA ILE E 119 77.74 64.92 17.76
C ILE E 119 77.03 66.24 17.87
N LEU E 120 75.70 66.22 17.72
CA LEU E 120 74.89 67.43 17.74
C LEU E 120 74.13 67.47 19.05
N ASP E 121 74.72 68.09 20.05
CA ASP E 121 74.12 68.23 21.37
C ASP E 121 73.26 69.48 21.40
N ASP E 122 72.87 69.88 22.63
CA ASP E 122 72.01 71.04 22.81
C ASP E 122 72.71 72.33 22.44
N SER E 123 73.94 72.50 22.89
CA SER E 123 74.73 73.70 22.61
C SER E 123 76.13 73.30 22.18
N ASN E 124 76.22 72.34 21.26
CA ASN E 124 77.49 71.79 20.86
C ASN E 124 77.36 71.19 19.47
N ILE E 125 78.35 71.46 18.63
CA ILE E 125 78.57 70.69 17.40
C ILE E 125 80.02 70.25 17.46
N SER E 126 80.26 69.05 17.99
CA SER E 126 81.61 68.51 17.95
C SER E 126 81.77 67.73 16.66
N LEU E 127 82.85 68.02 15.92
CA LEU E 127 83.04 67.51 14.57
C LEU E 127 84.41 66.84 14.58
N GLU E 128 84.43 65.56 14.91
CA GLU E 128 85.64 64.87 15.33
C GLU E 128 85.97 63.73 14.37
N SER E 129 87.25 63.64 14.01
CA SER E 129 87.79 62.56 13.20
C SER E 129 89.29 62.51 13.44
N ALA E 130 90.00 61.78 12.57
CA ALA E 130 91.46 61.87 12.57
C ALA E 130 91.96 62.93 11.60
N THR E 131 91.22 63.18 10.51
CA THR E 131 91.62 64.15 9.50
C THR E 131 90.36 64.85 9.00
N ILE E 132 90.47 66.15 8.75
CA ILE E 132 89.36 66.96 8.25
C ILE E 132 89.84 67.70 7.01
N ASN E 133 89.06 67.59 5.92
CA ASN E 133 89.26 68.42 4.74
C ASN E 133 88.09 69.37 4.60
N ILE E 134 88.36 70.62 4.25
CA ILE E 134 87.31 71.62 4.06
C ILE E 134 87.61 72.38 2.77
N LYS E 135 86.74 72.23 1.79
CA LYS E 135 86.81 73.00 0.56
C LYS E 135 85.65 73.98 0.49
N SER E 136 85.74 74.91 -0.46
CA SER E 136 84.66 75.82 -0.78
C SER E 136 84.88 76.31 -2.21
N SER E 137 84.13 77.34 -2.61
CA SER E 137 84.43 78.01 -3.87
C SER E 137 84.39 79.52 -3.71
N ALA E 138 83.64 80.01 -2.72
CA ALA E 138 83.45 81.45 -2.56
C ALA E 138 83.99 81.99 -1.24
N ASN E 139 83.53 81.49 -0.09
CA ASN E 139 83.84 82.11 1.18
C ASN E 139 83.82 81.06 2.27
N ILE E 140 84.41 81.42 3.41
CA ILE E 140 84.12 80.79 4.70
C ILE E 140 83.83 81.93 5.67
N ASN E 141 82.56 82.32 5.79
CA ASN E 141 82.20 83.57 6.46
C ASN E 141 81.96 83.31 7.95
N ILE E 142 83.05 83.08 8.66
CA ILE E 142 83.00 82.75 10.08
C ILE E 142 82.68 84.01 10.89
N GLN E 143 81.70 83.90 11.79
CA GLN E 143 81.52 84.86 12.87
C GLN E 143 81.52 84.12 14.20
N ALA E 144 81.64 84.90 15.27
CA ALA E 144 81.68 84.34 16.63
C ALA E 144 81.34 85.47 17.60
N SER E 145 80.26 85.30 18.35
CA SER E 145 79.80 86.33 19.28
C SER E 145 80.68 86.50 20.51
N GLN E 146 81.66 85.62 20.71
CA GLN E 146 82.75 85.83 21.67
C GLN E 146 84.02 85.32 21.03
N ASN E 147 85.05 85.10 21.85
CA ASN E 147 86.38 84.81 21.36
C ASN E 147 86.51 83.42 20.74
N ILE E 148 87.35 83.34 19.72
CA ILE E 148 87.76 82.06 19.13
C ILE E 148 89.07 81.66 19.79
N ASP E 149 89.33 80.36 19.90
CA ASP E 149 90.62 79.85 20.40
C ASP E 149 91.08 78.77 19.43
N ILE E 150 91.81 79.17 18.40
CA ILE E 150 92.37 78.21 17.44
C ILE E 150 93.69 77.71 18.01
N LYS E 151 93.66 76.57 18.69
CA LYS E 151 94.89 75.93 19.10
C LYS E 151 95.46 75.14 17.93
N SER E 152 96.72 74.74 18.03
CA SER E 152 97.41 74.10 16.94
C SER E 152 98.68 73.45 17.48
N LEU E 153 99.54 73.01 16.54
CA LEU E 153 100.87 72.48 16.75
C LEU E 153 101.70 72.88 15.54
N ASN E 154 102.74 72.10 15.25
CA ASN E 154 104.00 72.42 14.55
C ASN E 154 103.92 73.50 13.47
N ASN E 155 102.93 73.45 12.59
CA ASN E 155 102.83 74.43 11.52
C ASN E 155 101.41 74.98 11.39
N SER E 156 101.32 76.17 10.82
CA SER E 156 100.05 76.79 10.44
C SER E 156 100.36 77.88 9.44
N ILE E 157 99.74 77.81 8.25
CA ILE E 157 100.09 78.68 7.14
C ILE E 157 98.92 79.53 6.72
N LYS E 158 99.13 80.39 5.71
CA LYS E 158 98.10 81.22 5.11
C LYS E 158 98.56 81.59 3.70
N ALA E 159 97.77 82.43 3.04
CA ALA E 159 98.08 82.94 1.70
C ALA E 159 97.19 84.15 1.43
N ASP E 160 97.70 85.07 0.62
CA ASP E 160 96.95 86.28 0.26
C ASP E 160 97.45 86.85 -1.07
N LYS F 28 40.42 34.56 26.86
CA LYS F 28 39.30 35.51 26.85
C LYS F 28 39.30 36.31 25.56
N ALA F 29 39.77 35.69 24.49
CA ALA F 29 40.06 36.42 23.27
C ALA F 29 38.79 36.68 22.47
N ASP F 30 38.94 37.46 21.40
CA ASP F 30 37.91 37.79 20.43
C ASP F 30 38.61 38.05 19.11
N HIS F 31 38.00 37.63 18.01
CA HIS F 31 38.67 37.64 16.71
C HIS F 31 37.60 37.94 15.67
N ILE F 32 37.77 39.01 14.90
CA ILE F 32 36.79 39.41 13.90
C ILE F 32 37.51 39.45 12.54
N PHE F 33 36.76 39.27 11.46
CA PHE F 33 37.30 39.30 10.11
C PHE F 33 36.14 39.70 9.19
N ASN F 34 36.11 40.96 8.76
CA ASN F 34 34.93 41.51 8.09
C ASN F 34 35.16 41.73 6.61
N LEU F 35 34.08 41.90 5.88
CA LEU F 35 34.06 42.52 4.55
C LEU F 35 32.77 43.31 4.43
N GLU F 36 32.79 44.56 4.89
CA GLU F 36 31.69 45.47 4.63
C GLU F 36 31.92 46.16 3.29
N GLU F 37 31.17 47.23 3.01
CA GLU F 37 31.49 48.08 1.89
C GLU F 37 32.83 48.76 2.09
N GLN F 38 33.20 49.02 3.34
CA GLN F 38 34.43 49.76 3.63
C GLN F 38 35.66 48.89 3.41
N GLY F 39 35.64 47.63 3.80
CA GLY F 39 36.77 46.75 3.56
C GLY F 39 37.06 45.90 4.77
N LEU F 40 38.24 45.26 4.74
CA LEU F 40 38.68 44.41 5.84
C LEU F 40 38.85 45.23 7.12
N LEU F 41 38.25 44.75 8.20
CA LEU F 41 38.24 45.46 9.48
C LEU F 41 38.70 44.50 10.55
N ILE F 42 39.83 43.84 10.28
CA ILE F 42 40.39 42.79 11.14
C ILE F 42 40.82 43.41 12.46
N ASP F 43 40.41 42.82 13.57
CA ASP F 43 41.00 43.13 14.85
C ASP F 43 41.07 41.87 15.70
N ILE F 44 42.27 41.59 16.20
CA ILE F 44 42.55 40.38 16.96
C ILE F 44 42.91 40.81 18.36
N LYS F 45 42.01 40.54 19.32
CA LYS F 45 42.09 41.12 20.64
C LYS F 45 42.18 40.03 21.70
N ASP F 46 43.07 40.23 22.66
CA ASP F 46 43.06 39.54 23.94
C ASP F 46 42.20 40.38 24.89
N ASP F 47 42.30 40.14 26.19
CA ASP F 47 41.47 40.86 27.15
C ASP F 47 41.84 42.34 27.21
N SER F 48 43.12 42.67 27.05
CA SER F 48 43.55 44.06 27.10
C SER F 48 44.33 44.46 25.86
N LYS F 49 45.05 43.50 25.27
CA LYS F 49 45.92 43.77 24.13
C LYS F 49 45.12 43.83 22.84
N GLY F 50 45.79 43.87 21.70
CA GLY F 50 45.06 43.87 20.44
C GLY F 50 45.95 44.28 19.29
N CYS F 51 45.51 43.91 18.08
CA CYS F 51 46.14 44.28 16.84
C CYS F 51 45.05 44.46 15.79
N THR F 52 44.94 45.66 15.24
CA THR F 52 43.89 45.96 14.27
C THR F 52 44.54 46.28 12.93
N THR F 53 43.95 45.76 11.86
CA THR F 53 44.40 46.07 10.50
C THR F 53 43.21 46.37 9.62
N LYS F 54 43.17 47.58 9.08
CA LYS F 54 42.15 47.98 8.11
C LYS F 54 42.78 48.02 6.73
N LEU F 55 41.99 47.66 5.72
CA LEU F 55 42.30 47.96 4.33
C LEU F 55 41.02 48.58 3.78
N GLU F 56 40.86 49.90 3.99
CA GLU F 56 39.60 50.53 3.69
C GLU F 56 39.41 50.72 2.19
N SER F 57 38.19 51.10 1.80
CA SER F 57 37.89 51.45 0.42
C SER F 57 38.10 52.93 0.14
N SER F 58 38.26 53.75 1.17
CA SER F 58 38.57 55.16 1.01
C SER F 58 40.06 55.42 0.81
N GLY F 59 40.87 54.38 0.75
CA GLY F 59 42.26 54.52 0.39
C GLY F 59 43.24 54.57 1.54
N LYS F 60 42.96 53.88 2.65
CA LYS F 60 43.85 53.91 3.80
C LYS F 60 44.23 52.50 4.19
N ILE F 61 45.38 52.40 4.86
CA ILE F 61 45.84 51.16 5.49
C ILE F 61 46.26 51.52 6.90
N THR F 62 45.60 50.94 7.89
CA THR F 62 45.85 51.28 9.28
C THR F 62 46.26 50.02 10.03
N HIS F 63 47.56 49.89 10.30
CA HIS F 63 48.07 48.82 11.14
C HIS F 63 48.19 49.35 12.56
N ASN F 64 47.95 48.48 13.55
CA ASN F 64 48.07 48.84 14.95
C ASN F 64 48.51 47.62 15.74
N ALA F 65 49.13 47.88 16.88
CA ALA F 65 49.60 46.82 17.76
C ALA F 65 49.78 47.43 19.14
N THR F 66 50.09 46.58 20.12
CA THR F 66 50.37 47.06 21.46
C THR F 66 51.80 46.80 21.92
N GLU F 67 52.59 46.06 21.13
CA GLU F 67 54.04 46.08 21.36
C GLU F 67 54.82 46.53 20.14
N SER F 68 54.68 45.87 18.99
CA SER F 68 55.64 46.12 17.93
C SER F 68 55.08 45.74 16.57
N ILE F 69 55.78 46.19 15.54
CA ILE F 69 55.60 45.72 14.17
C ILE F 69 56.99 45.39 13.65
N GLU F 70 57.37 44.12 13.69
CA GLU F 70 58.67 43.68 13.24
C GLU F 70 58.52 43.07 11.85
N SER F 71 59.37 43.48 10.92
CA SER F 71 59.15 43.06 9.53
C SER F 71 60.50 42.87 8.85
N SER F 72 60.98 41.63 8.83
CA SER F 72 62.27 41.33 8.22
C SER F 72 62.08 41.07 6.74
N ALA F 73 63.19 40.78 6.05
CA ALA F 73 63.20 40.49 4.62
C ALA F 73 64.49 39.72 4.33
N ASP F 74 64.86 39.59 3.05
CA ASP F 74 66.18 39.06 2.71
C ASP F 74 66.93 39.86 1.65
N LYS F 75 66.30 40.69 0.83
CA LYS F 75 67.07 41.60 -0.02
C LYS F 75 66.72 43.06 0.22
N GLN F 76 65.45 43.45 0.11
CA GLN F 76 65.09 44.86 0.03
C GLN F 76 63.88 45.18 0.90
N ILE F 77 63.72 46.47 1.18
CA ILE F 77 62.48 47.08 1.63
C ILE F 77 62.42 48.45 0.97
N ILE F 78 61.42 48.67 0.10
CA ILE F 78 61.34 49.90 -0.67
C ILE F 78 59.98 50.54 -0.44
N GLU F 79 59.98 51.80 -0.01
CA GLU F 79 58.75 52.51 0.32
C GLU F 79 58.70 53.81 -0.47
N ASN F 80 57.96 53.81 -1.57
CA ASN F 80 57.91 54.93 -2.49
C ASN F 80 56.64 55.74 -2.26
N VAL F 81 56.76 57.06 -2.24
CA VAL F 81 55.61 57.91 -2.50
C VAL F 81 56.05 58.94 -3.54
N LYS F 82 55.88 58.60 -4.82
CA LYS F 82 56.13 59.47 -5.97
C LYS F 82 57.54 60.08 -5.95
N ASP F 83 58.52 59.18 -6.13
CA ASP F 83 59.96 59.50 -6.23
C ASP F 83 60.51 60.06 -4.91
N SER F 84 60.25 59.34 -3.82
CA SER F 84 60.86 59.64 -2.52
C SER F 84 61.04 58.32 -1.78
N LYS F 85 62.22 57.73 -1.93
CA LYS F 85 62.46 56.40 -1.39
C LYS F 85 62.86 56.44 0.07
N ILE F 86 62.68 55.30 0.73
CA ILE F 86 63.52 54.84 1.84
C ILE F 86 63.81 53.38 1.56
N SER F 87 65.02 53.09 1.09
CA SER F 87 65.33 51.73 0.66
C SER F 87 66.42 51.16 1.55
N ILE F 88 66.35 49.85 1.75
CA ILE F 88 67.27 49.12 2.61
C ILE F 88 67.83 47.96 1.81
N THR F 89 69.16 47.82 1.79
CA THR F 89 69.78 46.64 1.21
C THR F 89 70.56 45.93 2.29
N GLU F 90 71.40 44.95 1.89
CA GLU F 90 72.31 44.32 2.83
C GLU F 90 73.30 45.32 3.42
N LYS F 91 73.69 46.32 2.63
CA LYS F 91 74.70 47.29 3.02
C LYS F 91 74.18 48.71 3.08
N GLU F 92 73.44 49.16 2.08
CA GLU F 92 73.04 50.55 2.00
C GLU F 92 71.73 50.81 2.72
N ILE F 93 71.55 52.06 3.11
CA ILE F 93 70.25 52.61 3.50
C ILE F 93 70.12 53.96 2.82
N LEU F 94 69.31 54.02 1.78
CA LEU F 94 69.06 55.27 1.09
C LEU F 94 67.94 56.01 1.80
N LEU F 95 68.04 57.34 1.83
CA LEU F 95 66.98 58.21 2.30
C LEU F 95 66.89 59.31 1.26
N ALA F 96 66.11 59.08 0.20
CA ALA F 96 66.26 59.87 -1.00
C ALA F 96 64.94 60.51 -1.42
N THR F 97 65.06 61.64 -2.11
CA THR F 97 64.04 62.26 -2.94
C THR F 97 64.72 62.67 -4.24
N LYS F 98 64.04 63.50 -5.01
CA LYS F 98 64.75 64.28 -6.01
C LYS F 98 65.59 65.33 -5.30
N LYS F 99 66.79 65.58 -5.84
CA LYS F 99 67.73 66.61 -5.40
C LYS F 99 68.26 66.42 -3.98
N SER F 100 68.10 65.23 -3.39
CA SER F 100 68.59 64.99 -2.04
C SER F 100 68.78 63.49 -1.83
N SER F 101 69.75 63.13 -1.01
CA SER F 101 70.02 61.73 -0.69
C SER F 101 70.91 61.65 0.53
N ILE F 102 70.63 60.68 1.40
CA ILE F 102 71.55 60.26 2.45
C ILE F 102 71.88 58.80 2.20
N MET F 103 73.16 58.49 2.03
CA MET F 103 73.61 57.12 1.90
C MET F 103 74.22 56.69 3.23
N LEU F 104 73.64 55.67 3.85
CA LEU F 104 74.28 55.00 4.97
C LEU F 104 75.02 53.76 4.47
N SER F 105 75.90 54.02 3.49
CA SER F 105 76.74 52.98 2.92
C SER F 105 77.72 52.46 3.96
N GLU F 106 78.29 51.28 3.69
CA GLU F 106 79.15 50.63 4.66
C GLU F 106 80.49 51.37 4.73
N ASP F 107 80.79 51.89 5.92
CA ASP F 107 81.96 52.70 6.28
C ASP F 107 82.02 54.05 5.58
N LYS F 108 80.96 54.48 4.91
CA LYS F 108 80.92 55.77 4.22
C LYS F 108 79.51 56.34 4.32
N ILE F 109 79.40 57.52 4.91
CA ILE F 109 78.14 58.28 4.88
C ILE F 109 78.29 59.42 3.89
N VAL F 110 77.37 59.51 2.94
CA VAL F 110 77.33 60.60 1.98
C VAL F 110 75.99 61.31 2.15
N ILE F 111 76.04 62.63 2.33
CA ILE F 111 74.86 63.46 2.46
C ILE F 111 74.88 64.48 1.34
N LYS F 112 73.82 64.53 0.54
CA LYS F 112 73.84 65.29 -0.70
C LYS F 112 72.69 66.29 -0.77
N ILE F 113 73.05 67.54 -1.06
CA ILE F 113 72.25 68.48 -1.84
C ILE F 113 73.19 68.97 -2.92
N GLY F 114 72.68 69.18 -4.13
CA GLY F 114 73.52 69.74 -5.18
C GLY F 114 73.55 71.26 -5.17
N ASN F 115 74.68 71.88 -4.84
CA ASN F 115 75.94 71.19 -4.54
C ASN F 115 76.44 71.53 -3.12
N SER F 116 76.18 70.65 -2.16
CA SER F 116 76.66 70.84 -0.78
C SER F 116 76.82 69.47 -0.13
N LEU F 117 78.06 68.97 -0.12
CA LEU F 117 78.32 67.63 0.35
C LEU F 117 78.92 67.63 1.75
N ILE F 118 78.61 66.57 2.50
CA ILE F 118 79.33 66.20 3.71
C ILE F 118 79.57 64.70 3.64
N ILE F 119 80.82 64.30 3.49
CA ILE F 119 81.19 62.90 3.33
C ILE F 119 81.89 62.45 4.60
N LEU F 120 81.32 61.46 5.27
CA LEU F 120 81.83 60.97 6.54
C LEU F 120 82.48 59.61 6.29
N ASP F 121 83.77 59.63 5.99
CA ASP F 121 84.53 58.41 5.75
C ASP F 121 85.09 57.88 7.05
N ASP F 122 86.03 56.94 6.94
CA ASP F 122 86.61 56.31 8.11
C ASP F 122 87.47 57.27 8.92
N SER F 123 88.30 58.07 8.26
CA SER F 123 89.17 59.03 8.91
C SER F 123 89.10 60.36 8.16
N ASN F 124 87.88 60.80 7.85
CA ASN F 124 87.68 61.98 7.04
C ASN F 124 86.31 62.56 7.33
N ILE F 125 86.27 63.87 7.48
CA ILE F 125 85.02 64.63 7.40
C ILE F 125 85.26 65.72 6.35
N SER F 126 84.93 65.43 5.11
CA SER F 126 85.00 66.48 4.09
C SER F 126 83.68 67.22 4.06
N LEU F 127 83.75 68.55 4.12
CA LEU F 127 82.57 69.40 4.31
C LEU F 127 82.61 70.40 3.17
N GLU F 128 81.99 70.04 2.05
CA GLU F 128 82.24 70.69 0.78
C GLU F 128 80.96 71.32 0.23
N SER F 129 81.11 72.55 -0.25
CA SER F 129 80.03 73.29 -0.92
C SER F 129 80.68 74.36 -1.79
N ALA F 130 79.87 75.32 -2.23
CA ALA F 130 80.42 76.51 -2.84
C ALA F 130 80.63 77.64 -1.83
N THR F 131 79.82 77.68 -0.77
CA THR F 131 79.90 78.72 0.25
C THR F 131 79.60 78.08 1.59
N ILE F 132 80.32 78.50 2.63
CA ILE F 132 80.13 78.01 3.98
C ILE F 132 79.94 79.19 4.91
N ASN F 133 78.89 79.16 5.72
CA ASN F 133 78.69 80.11 6.80
C ASN F 133 78.83 79.37 8.12
N ILE F 134 79.50 79.98 9.10
CA ILE F 134 79.66 79.38 10.42
C ILE F 134 79.40 80.45 11.45
N LYS F 135 78.34 80.28 12.24
CA LYS F 135 78.04 81.15 13.36
C LYS F 135 78.24 80.39 14.66
N SER F 136 78.25 81.14 15.77
CA SER F 136 78.25 80.56 17.11
C SER F 136 77.70 81.61 18.06
N SER F 137 77.85 81.40 19.35
CA SER F 137 77.54 82.44 20.32
C SER F 137 78.62 82.54 21.39
N ALA F 138 79.35 81.45 21.61
CA ALA F 138 80.33 81.41 22.69
C ALA F 138 81.76 81.19 22.21
N ASN F 139 82.04 80.10 21.50
CA ASN F 139 83.42 79.74 21.20
C ASN F 139 83.46 78.94 19.91
N ILE F 140 84.66 78.84 19.35
CA ILE F 140 85.01 77.79 18.39
C ILE F 140 86.31 77.18 18.90
N ASN F 141 86.20 76.13 19.73
CA ASN F 141 87.35 75.65 20.50
C ASN F 141 88.11 74.58 19.70
N ILE F 142 88.81 75.04 18.68
CA ILE F 142 89.52 74.14 17.78
C ILE F 142 90.79 73.61 18.46
N GLN F 143 90.99 72.30 18.42
CA GLN F 143 92.28 71.69 18.69
C GLN F 143 92.68 70.83 17.49
N ALA F 144 93.96 70.44 17.49
CA ALA F 144 94.52 69.64 16.41
C ALA F 144 95.80 68.98 16.94
N SER F 145 95.82 67.64 16.96
CA SER F 145 96.96 66.91 17.49
C SER F 145 98.20 66.96 16.60
N GLN F 146 98.09 67.51 15.40
CA GLN F 146 99.25 67.88 14.58
C GLN F 146 98.91 69.21 13.90
N ASN F 147 99.68 69.55 12.88
CA ASN F 147 99.63 70.86 12.26
C ASN F 147 98.34 71.12 11.49
N ILE F 148 97.88 72.36 11.52
CA ILE F 148 96.81 72.84 10.68
C ILE F 148 97.43 73.47 9.45
N ASP F 149 96.74 73.42 8.30
CA ASP F 149 97.18 74.12 7.09
C ASP F 149 95.98 74.88 6.52
N ILE F 150 95.80 76.11 6.98
CA ILE F 150 94.73 76.96 6.47
C ILE F 150 95.23 77.64 5.21
N LYS F 151 94.92 77.06 4.05
CA LYS F 151 95.21 77.74 2.81
C LYS F 151 94.09 78.74 2.52
N SER F 152 94.35 79.65 1.58
CA SER F 152 93.43 80.74 1.31
C SER F 152 93.80 81.37 -0.03
N LEU F 153 93.18 82.51 -0.30
CA LEU F 153 93.43 83.42 -1.42
C LEU F 153 93.17 84.82 -0.93
N ASN F 154 92.82 85.73 -1.86
CA ASN F 154 92.99 87.18 -1.86
C ASN F 154 92.95 87.89 -0.51
N ASN F 155 91.98 87.56 0.34
CA ASN F 155 91.86 88.24 1.63
C ASN F 155 91.64 87.23 2.76
N SER F 156 92.02 87.66 3.97
CA SER F 156 91.73 86.93 5.20
C SER F 156 91.87 87.91 6.35
N ILE F 157 90.82 88.06 7.15
CA ILE F 157 90.76 89.11 8.17
C ILE F 157 90.63 88.51 9.56
N LYS F 158 90.59 89.37 10.57
CA LYS F 158 90.38 88.99 11.96
C LYS F 158 89.84 90.21 12.70
N ALA F 159 89.67 90.08 14.02
CA ALA F 159 89.20 91.15 14.89
C ALA F 159 89.51 90.76 16.33
N ASP F 160 89.74 91.76 17.17
CA ASP F 160 90.05 91.54 18.58
C ASP F 160 89.69 92.77 19.42
#